data_6TRQ
#
_entry.id   6TRQ
#
_cell.length_a   87.761
_cell.length_b   104.103
_cell.length_c   189.223
_cell.angle_alpha   90.000
_cell.angle_beta   90.000
_cell.angle_gamma   90.000
#
_symmetry.space_group_name_H-M   'P 21 21 21'
#
loop_
_entity.id
_entity.type
_entity.pdbx_description
1 polymer 'm7GpppX diphosphatase'
2 polymer 'Capped RNA dinucleotide'
3 non-polymer 'SULFATE ION'
4 non-polymer PHOSPHONATE
5 non-polymer "7N-METHYL-8-HYDROGUANOSINE-5'-DIPHOSPHATE"
6 water water
#
loop_
_entity_poly.entity_id
_entity_poly.type
_entity_poly.pdbx_seq_one_letter_code
_entity_poly.pdbx_strand_id
1 'polypeptide(L)'
;GMFASLIKRFQFVSVLDSNPQTKVMSLLGTIDNKDAIITAEKTHFLFDETVRRPSQDGRSTPVLYNCENEYSCINGIQEL
KEITSNDIYYWGLSVIKQDMESNPTAKLNLIWPATPIHIKKYEQQNFHLVRETPEMYKRIVQPYIEEMCNNGRLKWVNNI
LYEGAESERVVYKDFSEENKDDGFLILPDMKWDGMNLDSLYLVAIVYRTDIKTIRDLRYSDRQWLINLNNKIRSIVPGCY
NYAVHPDELRILVHYQPSYYHFNIHIVNIKHPGLGNSIAAGKAILLEDIIEMLNYLGPEGYMNKTITYAIGENHDLWKRG
LEEELTKQLERDGIPKIPKIVNGFK
;
A,B,C,D
2 'polyribonucleotide' (0G)U E,F
#
loop_
_chem_comp.id
_chem_comp.type
_chem_comp.name
_chem_comp.formula
0G L-RNA linking L-GUANOSINE-5'-MONOPHOSPHATE 'C10 H14 N5 O8 P'
2PO non-polymer PHOSPHONATE 'H O3 P -2'
M7G non-polymer 7N-METHYL-8-HYDROGUANOSINE-5'-DIPHOSPHATE 'C11 H18 N5 O11 P2 1'
SO4 non-polymer 'SULFATE ION' 'O4 S -2'
U RNA linking URIDINE-5'-MONOPHOSPHATE 'C9 H13 N2 O9 P'
#
# COMPACT_ATOMS: atom_id res chain seq x y z
N MET A 2 43.83 11.89 2.67
CA MET A 2 43.41 11.30 3.94
C MET A 2 42.06 10.61 3.76
N PHE A 3 41.09 11.37 3.26
CA PHE A 3 39.75 10.86 2.97
C PHE A 3 39.85 9.60 2.12
N ALA A 4 40.49 9.71 0.96
CA ALA A 4 40.61 8.56 0.06
C ALA A 4 41.22 7.37 0.78
N SER A 5 42.30 7.59 1.53
CA SER A 5 42.95 6.48 2.20
C SER A 5 41.99 5.73 3.12
N LEU A 6 41.15 6.47 3.85
CA LEU A 6 40.21 5.83 4.77
C LEU A 6 39.08 5.10 4.05
N ILE A 7 38.55 5.68 2.97
CA ILE A 7 37.52 4.98 2.19
C ILE A 7 38.04 3.67 1.64
N LYS A 8 39.31 3.65 1.20
CA LYS A 8 39.88 2.43 0.61
C LYS A 8 40.02 1.30 1.63
N ARG A 9 40.25 1.62 2.91
CA ARG A 9 40.37 0.61 3.96
C ARG A 9 39.05 0.13 4.55
N PHE A 10 37.95 0.79 4.23
CA PHE A 10 36.64 0.45 4.79
C PHE A 10 36.23 -0.98 4.45
N GLN A 11 35.86 -1.76 5.48
CA GLN A 11 35.34 -3.12 5.35
C GLN A 11 33.86 -3.14 5.71
N PHE A 12 33.02 -3.53 4.74
CA PHE A 12 31.58 -3.62 4.95
C PHE A 12 31.19 -4.60 6.04
N VAL A 13 30.26 -4.19 6.91
CA VAL A 13 29.66 -5.05 7.92
C VAL A 13 28.17 -5.29 7.65
N SER A 14 27.39 -4.23 7.51
CA SER A 14 25.97 -4.38 7.25
C SER A 14 25.45 -3.06 6.72
N VAL A 15 24.27 -3.10 6.11
CA VAL A 15 23.62 -1.89 5.61
C VAL A 15 22.79 -1.31 6.74
N LEU A 16 23.05 -0.06 7.09
CA LEU A 16 22.31 0.58 8.17
C LEU A 16 20.95 1.08 7.70
N ASP A 17 20.87 1.64 6.50
CA ASP A 17 19.63 2.25 6.04
C ASP A 17 19.73 2.44 4.53
N SER A 18 18.58 2.41 3.86
CA SER A 18 18.51 2.65 2.42
C SER A 18 17.23 3.40 2.07
N ASN A 19 17.37 4.50 1.33
CA ASN A 19 16.21 5.30 0.94
C ASN A 19 16.24 5.50 -0.57
N PRO A 20 15.47 4.72 -1.31
CA PRO A 20 15.45 4.86 -2.77
C PRO A 20 14.74 6.11 -3.25
N GLN A 21 13.90 6.75 -2.43
CA GLN A 21 13.29 8.02 -2.83
C GLN A 21 14.36 9.12 -2.94
N THR A 22 15.22 9.23 -1.93
CA THR A 22 16.22 10.27 -1.85
C THR A 22 17.59 9.83 -2.34
N LYS A 23 17.77 8.55 -2.64
CA LYS A 23 19.07 8.02 -3.09
C LYS A 23 20.16 8.20 -2.03
N VAL A 24 19.84 7.85 -0.79
CA VAL A 24 20.78 7.91 0.31
C VAL A 24 20.92 6.52 0.91
N MET A 25 22.12 6.20 1.34
CA MET A 25 22.53 4.91 1.87
C MET A 25 23.50 5.12 3.02
N SER A 26 23.32 4.37 4.10
CA SER A 26 24.29 4.39 5.17
C SER A 26 24.82 2.98 5.38
N LEU A 27 26.14 2.86 5.56
CA LEU A 27 26.82 1.57 5.70
C LEU A 27 27.60 1.53 6.99
N LEU A 28 27.47 0.42 7.70
CA LEU A 28 28.32 0.13 8.84
C LEU A 28 29.49 -0.71 8.36
N GLY A 29 30.65 -0.46 8.92
CA GLY A 29 31.83 -1.21 8.56
C GLY A 29 32.89 -1.03 9.61
N THR A 30 34.12 -1.38 9.23
CA THR A 30 35.27 -1.12 10.06
C THR A 30 36.43 -0.55 9.25
N ILE A 31 37.25 0.22 9.93
CA ILE A 31 38.53 0.63 9.41
C ILE A 31 39.52 0.35 10.52
N ASP A 32 40.57 -0.41 10.19
CA ASP A 32 41.51 -0.88 11.20
C ASP A 32 40.77 -1.48 12.41
N ASN A 33 39.79 -2.35 12.15
CA ASN A 33 39.00 -2.98 13.21
C ASN A 33 38.31 -1.98 14.15
N LYS A 34 38.06 -0.76 13.69
CA LYS A 34 37.22 0.14 14.45
C LYS A 34 35.95 0.44 13.67
N ASP A 35 34.84 0.60 14.38
CA ASP A 35 33.57 0.81 13.69
C ASP A 35 33.65 2.07 12.83
N ALA A 36 32.99 2.01 11.66
CA ALA A 36 32.95 3.12 10.74
C ALA A 36 31.56 3.19 10.08
N ILE A 37 31.11 4.41 9.82
CA ILE A 37 29.85 4.63 9.11
C ILE A 37 30.13 5.44 7.85
N ILE A 38 29.68 4.94 6.71
CA ILE A 38 29.67 5.67 5.45
C ILE A 38 28.25 5.95 5.01
N THR A 39 27.97 7.20 4.66
CA THR A 39 26.69 7.61 4.11
C THR A 39 26.95 8.10 2.69
N ALA A 40 26.16 7.61 1.74
CA ALA A 40 26.33 7.93 0.33
C ALA A 40 25.08 8.55 -0.24
N GLU A 41 25.27 9.49 -1.16
CA GLU A 41 24.14 10.15 -1.78
C GLU A 41 24.45 10.42 -3.23
N LYS A 42 23.54 10.01 -4.11
CA LYS A 42 23.75 10.27 -5.52
C LYS A 42 23.74 11.78 -5.72
N THR A 43 24.55 12.28 -6.63
CA THR A 43 24.51 13.70 -6.89
C THR A 43 23.25 14.09 -7.64
N HIS A 44 22.90 15.37 -7.55
CA HIS A 44 21.80 15.92 -8.32
C HIS A 44 22.27 16.27 -9.74
N PHE A 45 21.31 16.47 -10.63
CA PHE A 45 21.69 16.97 -11.94
C PHE A 45 22.22 18.40 -11.81
N LEU A 46 22.93 18.83 -12.86
CA LEU A 46 23.67 20.10 -12.86
C LEU A 46 23.12 21.03 -13.92
N PHE A 47 23.30 22.32 -13.70
CA PHE A 47 22.91 23.34 -14.65
C PHE A 47 24.10 24.24 -14.94
N ASP A 48 23.99 25.06 -15.99
CA ASP A 48 25.11 25.93 -16.31
C ASP A 48 25.45 26.86 -15.15
N GLU A 49 26.76 26.98 -14.91
CA GLU A 49 27.32 27.93 -13.97
C GLU A 49 27.75 29.16 -14.77
N THR A 50 26.97 30.24 -14.66
CA THR A 50 27.32 31.49 -15.33
C THR A 50 26.65 32.74 -14.75
N ASP A 57 24.07 50.06 -14.35
CA ASP A 57 25.19 49.72 -13.48
C ASP A 57 25.80 48.37 -13.82
N GLY A 58 27.00 48.13 -13.28
CA GLY A 58 27.77 46.96 -13.64
C GLY A 58 27.57 45.77 -12.71
N ARG A 59 26.33 45.34 -12.53
CA ARG A 59 26.02 44.15 -11.76
C ARG A 59 25.86 42.96 -12.68
N SER A 60 26.20 41.78 -12.17
CA SER A 60 26.12 40.53 -12.93
C SER A 60 25.04 39.65 -12.34
N THR A 61 24.15 39.17 -13.19
CA THR A 61 23.04 38.35 -12.72
C THR A 61 23.24 36.87 -13.03
N PRO A 62 22.85 35.99 -12.12
CA PRO A 62 23.03 34.53 -12.34
C PRO A 62 22.02 33.96 -13.34
N VAL A 63 22.54 33.23 -14.32
CA VAL A 63 21.75 32.55 -15.34
C VAL A 63 21.01 31.37 -14.70
N LEU A 64 19.68 31.42 -14.65
CA LEU A 64 18.98 30.45 -13.81
C LEU A 64 18.50 29.28 -14.66
N TYR A 65 19.02 28.09 -14.38
CA TYR A 65 18.54 26.84 -14.98
C TYR A 65 18.75 26.78 -16.50
N ASN A 66 20.02 26.86 -16.91
CA ASN A 66 20.36 26.74 -18.33
C ASN A 66 21.20 25.50 -18.57
N CYS A 67 21.20 25.04 -19.82
CA CYS A 67 21.73 23.74 -20.23
C CYS A 67 22.67 23.83 -21.43
N GLU A 68 23.54 24.83 -21.48
CA GLU A 68 24.46 24.93 -22.61
C GLU A 68 25.75 24.14 -22.42
N ASN A 69 26.23 24.01 -21.19
CA ASN A 69 27.57 23.49 -20.94
C ASN A 69 27.62 21.96 -21.02
N GLU A 70 28.84 21.47 -21.25
CA GLU A 70 29.14 20.06 -21.49
C GLU A 70 28.40 19.08 -20.57
N TYR A 71 28.42 19.33 -19.26
CA TYR A 71 27.90 18.39 -18.26
C TYR A 71 26.53 18.78 -17.72
N SER A 72 25.94 19.86 -18.22
CA SER A 72 24.67 20.33 -17.70
C SER A 72 23.52 19.45 -18.19
N CYS A 73 22.52 19.27 -17.33
CA CYS A 73 21.24 18.64 -17.71
C CYS A 73 21.50 17.26 -18.30
N ILE A 74 21.17 16.99 -19.56
CA ILE A 74 21.37 15.67 -20.17
C ILE A 74 22.42 15.72 -21.28
N ASN A 75 23.31 16.71 -21.23
CA ASN A 75 24.32 16.78 -22.27
C ASN A 75 25.36 15.67 -22.15
N GLY A 76 25.52 15.09 -20.97
CA GLY A 76 26.52 14.06 -20.76
C GLY A 76 26.08 12.65 -21.07
N ILE A 77 24.90 12.46 -21.63
CA ILE A 77 24.43 11.12 -21.98
C ILE A 77 25.37 10.48 -22.99
N GLN A 78 25.92 9.32 -22.62
CA GLN A 78 26.75 8.54 -23.52
C GLN A 78 26.00 7.42 -24.19
N GLU A 79 24.94 6.92 -23.56
CA GLU A 79 24.29 5.69 -23.95
C GLU A 79 22.85 5.75 -23.49
N LEU A 80 21.93 5.38 -24.38
CA LEU A 80 20.51 5.31 -24.11
C LEU A 80 20.02 3.91 -24.43
N LYS A 81 19.00 3.48 -23.68
CA LYS A 81 18.35 2.20 -23.92
C LYS A 81 16.87 2.38 -23.59
N GLU A 82 16.01 2.10 -24.57
CA GLU A 82 14.58 2.13 -24.36
C GLU A 82 14.16 0.93 -23.52
N ILE A 83 13.30 1.16 -22.54
CA ILE A 83 12.67 0.07 -21.82
C ILE A 83 11.43 -0.37 -22.60
N THR A 84 10.49 0.55 -22.78
CA THR A 84 9.36 0.33 -23.66
C THR A 84 8.76 1.69 -23.96
N SER A 85 7.72 1.70 -24.77
CA SER A 85 7.07 2.95 -25.12
C SER A 85 5.65 2.67 -25.57
N ASN A 86 4.82 3.70 -25.49
CA ASN A 86 3.42 3.56 -25.87
C ASN A 86 2.79 4.95 -25.90
N ASP A 87 2.02 5.22 -26.94
CA ASP A 87 1.32 6.49 -27.13
C ASP A 87 2.34 7.64 -27.11
N ILE A 88 2.21 8.65 -26.26
CA ILE A 88 3.13 9.78 -26.27
C ILE A 88 4.22 9.52 -25.24
N TYR A 89 4.25 8.34 -24.65
CA TYR A 89 5.18 8.07 -23.57
C TYR A 89 6.31 7.17 -24.03
N TYR A 90 7.53 7.52 -23.65
CA TYR A 90 8.72 6.69 -23.82
C TYR A 90 9.46 6.59 -22.49
N TRP A 91 9.82 5.36 -22.11
CA TRP A 91 10.55 5.10 -20.87
C TRP A 91 11.85 4.38 -21.21
N GLY A 92 12.95 4.87 -20.68
CA GLY A 92 14.21 4.19 -20.92
C GLY A 92 15.22 4.50 -19.84
N LEU A 93 16.46 4.13 -20.11
CA LEU A 93 17.55 4.32 -19.18
C LEU A 93 18.70 5.02 -19.90
N SER A 94 19.60 5.63 -19.14
CA SER A 94 20.72 6.35 -19.71
C SER A 94 21.97 6.15 -18.86
N VAL A 95 23.12 6.15 -19.52
CA VAL A 95 24.42 6.27 -18.86
C VAL A 95 24.98 7.64 -19.21
N ILE A 96 25.51 8.31 -18.20
CA ILE A 96 25.97 9.68 -18.34
C ILE A 96 27.44 9.75 -17.94
N LYS A 97 28.20 10.57 -18.65
CA LYS A 97 29.63 10.68 -18.38
C LYS A 97 29.87 11.23 -16.99
N GLN A 98 30.65 10.50 -16.20
CA GLN A 98 31.00 10.96 -14.87
C GLN A 98 32.38 11.61 -14.95
N ASP A 99 32.68 12.45 -13.97
CA ASP A 99 33.95 13.19 -13.94
C ASP A 99 34.13 13.83 -12.58
N MET A 100 35.31 13.64 -11.98
CA MET A 100 35.47 14.06 -10.59
C MET A 100 35.24 15.56 -10.43
N GLU A 101 35.78 16.37 -11.33
CA GLU A 101 35.64 17.82 -11.19
C GLU A 101 34.27 18.34 -11.58
N SER A 102 33.73 17.87 -12.69
CA SER A 102 32.54 18.48 -13.26
C SER A 102 31.27 17.67 -13.11
N ASN A 103 31.35 16.38 -12.82
CA ASN A 103 30.11 15.64 -12.64
C ASN A 103 30.38 14.40 -11.80
N PRO A 104 30.72 14.55 -10.52
CA PRO A 104 30.88 13.38 -9.67
C PRO A 104 29.60 12.59 -9.54
N THR A 105 29.77 11.32 -9.17
CA THR A 105 28.68 10.35 -9.18
C THR A 105 27.92 10.36 -7.86
N ALA A 106 28.64 10.45 -6.75
CA ALA A 106 27.98 10.42 -5.45
C ALA A 106 28.85 11.08 -4.40
N LYS A 107 28.18 11.72 -3.46
CA LYS A 107 28.82 12.28 -2.28
C LYS A 107 28.97 11.18 -1.22
N LEU A 108 30.11 11.16 -0.52
CA LEU A 108 30.32 10.20 0.55
C LEU A 108 30.69 10.90 1.85
N ASN A 109 30.02 10.52 2.95
CA ASN A 109 30.42 10.94 4.29
C ASN A 109 30.96 9.74 5.03
N LEU A 110 31.94 9.97 5.90
CA LEU A 110 32.55 8.93 6.71
C LEU A 110 32.58 9.34 8.17
N ILE A 111 32.17 8.44 9.05
CA ILE A 111 32.32 8.62 10.49
C ILE A 111 33.24 7.51 10.98
N TRP A 112 34.38 7.89 11.53
CA TRP A 112 35.36 6.90 11.95
C TRP A 112 36.38 7.56 12.87
N PRO A 113 36.67 6.99 14.04
CA PRO A 113 35.93 5.85 14.57
C PRO A 113 34.54 6.28 14.99
N ALA A 114 33.53 5.52 14.55
CA ALA A 114 32.15 5.85 14.87
C ALA A 114 31.81 5.30 16.24
N THR A 115 31.05 6.09 17.00
CA THR A 115 30.61 5.69 18.33
C THR A 115 29.21 5.07 18.31
N PRO A 116 28.83 4.36 19.38
CA PRO A 116 27.48 3.79 19.42
C PRO A 116 26.39 4.82 19.17
N ILE A 117 26.54 6.04 19.70
CA ILE A 117 25.57 7.09 19.43
C ILE A 117 25.45 7.33 17.92
N HIS A 118 26.58 7.27 17.19
CA HIS A 118 26.52 7.49 15.75
C HIS A 118 25.80 6.34 15.06
N ILE A 119 26.10 5.11 15.48
CA ILE A 119 25.48 3.94 14.86
C ILE A 119 23.98 3.90 15.14
N LYS A 120 23.59 4.11 16.41
CA LYS A 120 22.18 4.17 16.76
C LYS A 120 21.45 5.25 15.96
N LYS A 121 22.12 6.39 15.69
CA LYS A 121 21.46 7.43 14.91
C LYS A 121 21.20 6.99 13.48
N TYR A 122 22.16 6.32 12.86
CA TYR A 122 22.00 5.99 11.46
C TYR A 122 21.30 4.68 11.20
N GLU A 123 21.22 3.78 12.19
CA GLU A 123 20.46 2.57 11.93
C GLU A 123 19.03 2.99 11.68
N GLN A 124 18.38 2.29 10.75
CA GLN A 124 16.95 2.43 10.57
C GLN A 124 16.18 2.05 11.84
N GLN A 125 15.19 2.88 12.19
CA GLN A 125 14.47 2.77 13.44
C GLN A 125 13.11 3.41 13.31
N ASN A 126 12.22 3.04 14.22
CA ASN A 126 10.92 3.69 14.31
C ASN A 126 11.06 5.05 14.97
N PHE A 127 10.16 5.96 14.59
CA PHE A 127 10.06 7.26 15.20
C PHE A 127 8.72 7.48 15.88
N HIS A 128 8.76 8.33 16.89
CA HIS A 128 7.61 8.59 17.74
C HIS A 128 7.49 10.08 17.93
N LEU A 129 6.28 10.59 17.73
CA LEU A 129 5.94 11.96 18.07
C LEU A 129 5.74 12.05 19.58
N VAL A 130 6.64 12.76 20.23
CA VAL A 130 6.68 12.92 21.67
C VAL A 130 6.25 14.34 22.04
N ARG A 131 5.67 14.47 23.23
CA ARG A 131 5.26 15.74 23.80
C ARG A 131 6.07 15.96 25.07
N GLU A 132 7.02 16.89 25.02
CA GLU A 132 7.98 17.13 26.10
C GLU A 132 7.58 18.35 26.91
N THR A 133 7.08 18.15 28.12
CA THR A 133 6.63 19.25 28.95
C THR A 133 7.84 19.88 29.61
N PRO A 134 7.68 21.08 30.18
CA PRO A 134 8.80 21.70 30.90
C PRO A 134 9.41 20.80 31.95
N GLU A 135 8.57 20.21 32.77
CA GLU A 135 9.06 19.35 33.82
C GLU A 135 9.78 18.10 33.26
N MET A 136 9.30 17.56 32.13
CA MET A 136 10.02 16.43 31.53
C MET A 136 11.42 16.83 31.14
N TYR A 137 11.57 18.00 30.52
CA TYR A 137 12.90 18.51 30.17
C TYR A 137 13.79 18.57 31.40
N LYS A 138 13.29 19.15 32.49
CA LYS A 138 14.10 19.33 33.69
C LYS A 138 14.53 17.96 34.22
N ARG A 139 13.62 16.97 34.19
CA ARG A 139 13.81 15.65 34.76
C ARG A 139 14.59 14.70 33.89
N ILE A 140 14.31 14.73 32.60
CA ILE A 140 14.84 13.71 31.69
C ILE A 140 15.97 14.23 30.81
N VAL A 141 15.77 15.38 30.19
CA VAL A 141 16.69 15.85 29.15
C VAL A 141 17.88 16.61 29.75
N GLN A 142 17.64 17.58 30.63
CA GLN A 142 18.74 18.41 31.14
C GLN A 142 19.87 17.58 31.73
N PRO A 143 19.63 16.56 32.56
CA PRO A 143 20.76 15.79 33.06
C PRO A 143 21.48 15.10 31.92
N TYR A 144 20.74 14.73 30.87
CA TYR A 144 21.36 14.09 29.71
C TYR A 144 22.27 15.08 28.98
N ILE A 145 21.84 16.34 28.87
CA ILE A 145 22.62 17.35 28.17
C ILE A 145 23.97 17.55 28.86
N GLU A 146 23.94 17.67 30.19
CA GLU A 146 25.20 17.91 30.88
C GLU A 146 26.17 16.75 30.65
N GLU A 147 25.68 15.50 30.74
CA GLU A 147 26.52 14.38 30.36
C GLU A 147 26.95 14.51 28.89
N MET A 148 25.99 14.73 27.99
CA MET A 148 26.29 14.77 26.56
C MET A 148 26.87 16.10 26.11
N CYS A 149 27.79 16.67 26.88
CA CYS A 149 28.51 17.88 26.51
C CYS A 149 30.00 17.62 26.52
N ASN A 150 30.36 16.33 26.50
CA ASN A 150 31.71 15.86 26.25
C ASN A 150 32.47 16.80 25.31
N ASN A 151 33.73 17.08 25.66
CA ASN A 151 34.62 17.68 24.68
C ASN A 151 34.86 16.76 23.49
N GLY A 152 34.41 15.51 23.58
CA GLY A 152 34.49 14.57 22.48
C GLY A 152 33.37 14.72 21.47
N ARG A 153 32.11 14.63 21.92
CA ARG A 153 31.01 14.67 20.94
C ARG A 153 30.84 16.06 20.34
N LEU A 154 31.54 17.06 20.88
CA LEU A 154 31.55 18.40 20.34
C LEU A 154 32.92 18.81 19.81
N LYS A 155 33.88 17.89 19.76
CA LYS A 155 35.22 18.24 19.33
C LYS A 155 35.21 18.93 17.97
N TRP A 156 34.26 18.59 17.10
CA TRP A 156 34.32 19.22 15.78
C TRP A 156 33.89 20.69 15.86
N VAL A 157 32.91 21.00 16.70
CA VAL A 157 32.52 22.40 16.88
C VAL A 157 33.69 23.24 17.34
N ASN A 158 34.40 22.78 18.38
CA ASN A 158 35.56 23.51 18.87
C ASN A 158 36.68 23.53 17.85
N ASN A 159 36.78 22.46 17.05
CA ASN A 159 37.75 22.44 15.98
C ASN A 159 37.51 23.56 14.99
N ILE A 160 36.23 23.78 14.64
CA ILE A 160 35.91 24.88 13.74
C ILE A 160 36.14 26.24 14.42
N LEU A 161 35.69 26.37 15.66
CA LEU A 161 35.73 27.66 16.34
C LEU A 161 37.14 28.12 16.68
N TYR A 162 37.98 27.22 17.19
CA TYR A 162 39.27 27.62 17.72
C TYR A 162 40.49 26.99 17.07
N GLU A 163 40.32 26.03 16.17
CA GLU A 163 41.47 25.34 15.61
C GLU A 163 41.53 25.43 14.09
N GLY A 164 40.73 26.30 13.48
CA GLY A 164 40.87 26.49 12.05
C GLY A 164 40.33 25.38 11.20
N ALA A 165 39.57 24.44 11.77
CA ALA A 165 39.04 23.36 10.95
C ALA A 165 38.08 23.92 9.92
N GLU A 166 38.23 23.47 8.67
CA GLU A 166 37.42 23.92 7.55
C GLU A 166 37.53 25.42 7.33
N SER A 167 38.59 26.02 7.83
CA SER A 167 38.72 27.48 7.72
C SER A 167 38.71 27.90 6.26
N GLU A 168 39.28 27.08 5.38
CA GLU A 168 39.32 27.38 3.96
C GLU A 168 37.90 27.52 3.40
N ARG A 169 36.92 26.91 4.07
CA ARG A 169 35.54 26.87 3.59
C ARG A 169 34.65 27.88 4.29
N VAL A 170 35.11 28.48 5.40
CA VAL A 170 34.29 29.44 6.15
C VAL A 170 33.86 30.57 5.24
N VAL A 171 32.59 30.95 5.32
CA VAL A 171 32.08 32.03 4.49
C VAL A 171 31.86 33.34 5.24
N TYR A 172 31.75 33.31 6.57
CA TYR A 172 31.59 34.51 7.37
C TYR A 172 32.04 34.23 8.80
N LYS A 173 32.75 35.19 9.38
CA LYS A 173 33.30 35.07 10.72
C LYS A 173 33.32 36.45 11.37
N ASP A 174 32.66 36.56 12.51
CA ASP A 174 32.39 37.81 13.23
C ASP A 174 32.89 37.57 14.64
N PHE A 175 34.15 37.91 14.92
CA PHE A 175 34.71 37.54 16.22
C PHE A 175 35.69 38.61 16.72
N SER A 176 35.33 39.22 17.84
CA SER A 176 36.23 40.04 18.67
C SER A 176 36.44 39.30 19.99
N GLU A 177 37.70 39.14 20.39
CA GLU A 177 38.01 38.58 21.70
C GLU A 177 37.68 39.54 22.84
N LYS A 180 33.25 39.17 22.09
CA LYS A 180 33.62 37.84 22.56
C LYS A 180 32.50 36.84 22.21
N ASP A 181 31.64 36.62 23.19
CA ASP A 181 30.59 35.62 23.22
C ASP A 181 29.46 35.94 22.25
N ASP A 182 29.55 37.07 21.55
CA ASP A 182 28.48 37.50 20.67
C ASP A 182 28.71 37.08 19.23
N GLY A 183 29.93 36.70 18.86
CA GLY A 183 30.22 36.49 17.47
C GLY A 183 29.83 35.08 17.02
N PHE A 184 29.94 34.86 15.71
CA PHE A 184 29.67 33.54 15.16
C PHE A 184 30.30 33.49 13.78
N LEU A 185 30.30 32.28 13.20
CA LEU A 185 30.71 32.06 11.82
C LEU A 185 29.71 31.14 11.12
N ILE A 186 29.78 31.18 9.79
CA ILE A 186 28.92 30.44 8.87
C ILE A 186 29.87 29.71 7.94
N LEU A 187 29.61 28.43 7.70
CA LEU A 187 30.41 27.67 6.75
C LEU A 187 29.52 26.62 6.11
N PRO A 188 29.98 26.02 5.01
CA PRO A 188 29.19 24.95 4.38
C PRO A 188 28.90 23.85 5.38
N ASP A 189 27.67 23.38 5.36
CA ASP A 189 27.28 22.26 6.20
C ASP A 189 27.87 20.97 5.66
N MET A 190 28.23 20.06 6.58
CA MET A 190 28.68 18.72 6.18
C MET A 190 27.74 18.06 5.16
N LYS A 191 26.47 18.44 5.14
CA LYS A 191 25.51 17.79 4.25
C LYS A 191 25.65 18.27 2.82
N TRP A 192 26.16 19.48 2.62
CA TRP A 192 26.15 20.08 1.30
C TRP A 192 27.31 19.52 0.48
N ASP A 193 27.02 19.04 -0.74
CA ASP A 193 28.11 18.60 -1.59
C ASP A 193 28.89 19.76 -2.15
N GLY A 194 28.35 20.98 -2.08
CA GLY A 194 29.07 22.18 -2.43
C GLY A 194 29.07 22.54 -3.90
N MET A 195 28.26 21.86 -4.70
CA MET A 195 28.22 22.13 -6.12
C MET A 195 26.87 22.65 -6.58
N ASN A 196 25.79 22.03 -6.15
CA ASN A 196 24.46 22.37 -6.63
C ASN A 196 23.81 23.37 -5.68
N LEU A 197 23.51 24.56 -6.19
CA LEU A 197 23.00 25.62 -5.33
C LEU A 197 21.59 25.31 -4.86
N ASP A 198 20.84 24.51 -5.62
CA ASP A 198 19.52 24.05 -5.20
C ASP A 198 19.55 23.34 -3.85
N SER A 199 20.67 22.69 -3.51
CA SER A 199 20.77 22.01 -2.23
C SER A 199 21.62 22.77 -1.21
N LEU A 200 21.81 24.07 -1.39
CA LEU A 200 22.63 24.88 -0.49
C LEU A 200 22.24 24.63 0.96
N TYR A 201 23.23 24.28 1.78
CA TYR A 201 22.97 24.01 3.19
C TYR A 201 24.18 24.47 4.00
N LEU A 202 23.98 25.49 4.84
CA LEU A 202 25.05 26.04 5.67
C LEU A 202 24.67 25.93 7.13
N VAL A 203 25.67 25.96 8.01
CA VAL A 203 25.40 25.96 9.43
C VAL A 203 26.11 27.15 10.06
N ALA A 204 25.37 27.93 10.85
CA ALA A 204 25.92 29.02 11.63
C ALA A 204 26.15 28.56 13.06
N ILE A 205 27.39 28.63 13.50
CA ILE A 205 27.81 28.22 14.84
C ILE A 205 28.12 29.46 15.66
N VAL A 206 27.42 29.60 16.80
CA VAL A 206 27.65 30.76 17.66
C VAL A 206 28.83 30.48 18.58
N TYR A 207 29.42 31.54 19.10
CA TYR A 207 30.58 31.37 19.96
C TYR A 207 30.22 31.19 21.41
N ARG A 208 29.09 31.77 21.83
CA ARG A 208 28.61 31.61 23.21
C ARG A 208 28.31 30.14 23.47
N THR A 209 28.56 29.72 24.71
CA THR A 209 28.43 28.31 25.07
C THR A 209 27.29 28.01 26.04
N ASP A 210 26.54 29.02 26.48
CA ASP A 210 25.49 28.85 27.48
C ASP A 210 24.15 28.46 26.87
N ILE A 211 24.02 28.51 25.55
CA ILE A 211 22.81 28.05 24.87
C ILE A 211 23.12 26.70 24.23
N LYS A 212 22.64 25.62 24.87
CA LYS A 212 22.82 24.25 24.39
C LYS A 212 21.68 23.82 23.46
N THR A 213 20.45 24.28 23.73
CA THR A 213 19.28 24.04 22.89
C THR A 213 18.37 25.26 22.97
N ILE A 214 17.27 25.22 22.21
CA ILE A 214 16.29 26.31 22.31
C ILE A 214 15.71 26.41 23.71
N ARG A 215 15.80 25.35 24.52
CA ARG A 215 15.29 25.44 25.87
C ARG A 215 15.97 26.57 26.65
N ASP A 216 17.21 26.91 26.28
CA ASP A 216 17.96 27.91 27.01
C ASP A 216 17.72 29.35 26.55
N LEU A 217 16.97 29.54 25.47
CA LEU A 217 16.69 30.89 25.00
C LEU A 217 15.62 31.53 25.89
N ARG A 218 15.96 32.64 26.50
CA ARG A 218 15.05 33.42 27.31
C ARG A 218 14.53 34.58 26.50
N TYR A 219 13.53 35.27 27.05
CA TYR A 219 13.02 36.50 26.43
C TYR A 219 14.11 37.52 26.14
N SER A 220 15.12 37.64 27.02
CA SER A 220 16.22 38.58 26.85
C SER A 220 17.13 38.25 25.67
N ASP A 221 17.01 37.05 25.09
CA ASP A 221 17.85 36.65 23.96
C ASP A 221 17.22 37.01 22.62
N ARG A 222 16.04 37.62 22.62
CA ARG A 222 15.31 37.83 21.38
C ARG A 222 16.06 38.77 20.45
N GLN A 223 16.59 39.89 20.97
CA GLN A 223 17.25 40.83 20.08
C GLN A 223 18.52 40.23 19.49
N TRP A 224 19.26 39.47 20.30
CA TRP A 224 20.41 38.73 19.79
C TRP A 224 20.02 37.78 18.67
N LEU A 225 18.90 37.08 18.83
CA LEU A 225 18.43 36.17 17.79
C LEU A 225 18.00 36.95 16.55
N ILE A 226 17.33 38.08 16.76
CA ILE A 226 16.94 38.92 15.64
C ILE A 226 18.17 39.34 14.85
N ASN A 227 19.23 39.74 15.56
CA ASN A 227 20.46 40.16 14.90
C ASN A 227 21.09 39.03 14.07
N LEU A 228 21.11 37.80 14.61
CA LEU A 228 21.60 36.66 13.82
C LEU A 228 20.77 36.44 12.56
N ASN A 229 19.45 36.55 12.66
CA ASN A 229 18.60 36.37 11.49
C ASN A 229 18.91 37.42 10.42
N ASN A 230 19.12 38.67 10.84
CA ASN A 230 19.44 39.76 9.91
C ASN A 230 20.82 39.59 9.29
N LYS A 231 21.83 39.26 10.10
CA LYS A 231 23.17 39.08 9.55
C LYS A 231 23.20 37.98 8.50
N ILE A 232 22.60 36.82 8.81
CA ILE A 232 22.62 35.69 7.87
C ILE A 232 22.04 36.09 6.52
N ARG A 233 20.88 36.74 6.53
CA ARG A 233 20.24 37.08 5.26
C ARG A 233 20.96 38.23 4.56
N SER A 234 21.71 39.05 5.30
CA SER A 234 22.44 40.15 4.70
C SER A 234 23.76 39.70 4.10
N ILE A 235 24.25 38.54 4.52
CA ILE A 235 25.56 38.06 4.15
C ILE A 235 25.47 36.91 3.15
N VAL A 236 24.69 35.89 3.47
CA VAL A 236 24.74 34.66 2.70
C VAL A 236 24.45 34.88 1.21
N PRO A 237 23.43 35.65 0.83
CA PRO A 237 23.18 35.84 -0.62
C PRO A 237 24.35 36.45 -1.37
N GLY A 238 25.04 37.42 -0.77
CA GLY A 238 26.17 38.03 -1.44
C GLY A 238 27.35 37.10 -1.60
N CYS A 239 27.52 36.16 -0.68
CA CYS A 239 28.56 35.15 -0.85
C CYS A 239 28.35 34.30 -2.10
N TYR A 240 27.13 34.22 -2.60
CA TYR A 240 26.81 33.37 -3.74
C TYR A 240 26.30 34.20 -4.90
N ASN A 241 26.83 35.42 -5.03
CA ASN A 241 26.46 36.37 -6.09
C ASN A 241 24.96 36.53 -6.24
N TYR A 242 24.24 36.51 -5.11
CA TYR A 242 22.79 36.69 -5.11
C TYR A 242 22.10 35.66 -6.01
N ALA A 243 22.73 34.49 -6.14
CA ALA A 243 22.11 33.37 -6.83
C ALA A 243 21.00 32.75 -5.98
N VAL A 244 21.07 32.94 -4.67
CA VAL A 244 19.97 32.67 -3.76
C VAL A 244 19.69 33.98 -3.03
N HIS A 245 18.42 34.33 -2.91
CA HIS A 245 18.02 35.60 -2.30
C HIS A 245 17.76 35.47 -0.81
N PRO A 246 17.74 36.60 -0.09
CA PRO A 246 17.52 36.55 1.36
C PRO A 246 16.18 35.94 1.75
N ASP A 247 15.16 36.12 0.91
CA ASP A 247 13.86 35.53 1.17
C ASP A 247 13.77 34.10 0.67
N GLU A 248 14.88 33.54 0.20
CA GLU A 248 14.92 32.17 -0.28
C GLU A 248 15.78 31.30 0.63
N LEU A 249 15.99 31.72 1.86
CA LEU A 249 16.75 30.95 2.84
C LEU A 249 15.83 30.53 3.97
N ARG A 250 15.78 29.23 4.20
CA ARG A 250 15.00 28.65 5.29
C ARG A 250 15.95 28.55 6.46
N ILE A 251 15.75 29.37 7.49
CA ILE A 251 16.70 29.47 8.58
C ILE A 251 16.02 28.89 9.82
N LEU A 252 16.65 27.89 10.46
CA LEU A 252 15.95 27.08 11.42
C LEU A 252 16.91 26.44 12.40
N VAL A 253 16.36 25.96 13.52
CA VAL A 253 17.10 25.20 14.53
C VAL A 253 16.39 23.87 14.73
N HIS A 254 17.07 22.93 15.37
CA HIS A 254 16.51 21.60 15.61
C HIS A 254 16.30 21.37 17.10
N TYR A 255 15.21 20.69 17.41
CA TYR A 255 14.98 20.13 18.73
C TYR A 255 14.25 18.82 18.55
N GLN A 256 14.84 17.72 18.99
CA GLN A 256 16.18 17.68 19.58
C GLN A 256 17.28 17.82 18.54
N PRO A 257 18.33 18.54 18.88
CA PRO A 257 19.50 18.57 18.01
C PRO A 257 20.33 17.32 18.21
N SER A 258 21.15 17.03 17.19
CA SER A 258 22.14 15.98 17.34
C SER A 258 23.30 16.41 18.23
N TYR A 259 23.65 17.70 18.21
CA TYR A 259 24.76 18.19 19.01
C TYR A 259 24.29 19.34 19.88
N TYR A 260 24.70 19.30 21.14
CA TYR A 260 24.20 20.24 22.14
C TYR A 260 25.10 21.48 22.23
N HIS A 261 25.13 22.20 21.11
CA HIS A 261 25.74 23.51 21.01
C HIS A 261 24.90 24.26 19.99
N PHE A 262 24.39 25.43 20.38
CA PHE A 262 23.46 26.17 19.53
C PHE A 262 24.05 26.40 18.14
N ASN A 263 23.39 25.81 17.14
CA ASN A 263 23.77 25.90 15.73
C ASN A 263 22.53 26.20 14.89
N ILE A 264 22.68 27.01 13.86
CA ILE A 264 21.57 27.46 13.01
C ILE A 264 21.75 26.94 11.58
N HIS A 265 20.69 26.32 11.06
CA HIS A 265 20.71 25.71 9.74
C HIS A 265 20.16 26.69 8.70
N ILE A 266 20.84 26.77 7.57
CA ILE A 266 20.50 27.72 6.53
C ILE A 266 20.37 26.93 5.24
N VAL A 267 19.16 26.88 4.69
CA VAL A 267 18.85 25.95 3.61
C VAL A 267 18.14 26.70 2.49
N ASN A 268 18.57 26.46 1.26
CA ASN A 268 17.87 27.00 0.11
C ASN A 268 16.39 26.60 0.16
N ILE A 269 15.52 27.60 0.00
CA ILE A 269 14.08 27.34 0.00
C ILE A 269 13.69 26.32 -1.07
N LYS A 270 14.51 26.17 -2.12
CA LYS A 270 14.26 25.26 -3.24
C LYS A 270 14.47 23.80 -2.86
N HIS A 271 15.07 23.54 -1.70
CA HIS A 271 15.39 22.20 -1.26
C HIS A 271 14.21 21.56 -0.54
N PRO A 272 13.58 20.51 -1.11
CA PRO A 272 12.43 19.85 -0.45
C PRO A 272 12.82 19.15 0.83
N GLY A 273 14.11 18.95 1.07
CA GLY A 273 14.61 18.51 2.35
C GLY A 273 15.10 17.08 2.49
N LEU A 274 16.29 16.97 3.10
CA LEU A 274 16.84 15.67 3.48
C LEU A 274 16.31 15.32 4.86
N GLY A 275 15.99 14.05 5.04
CA GLY A 275 15.41 13.52 6.25
C GLY A 275 14.44 14.46 6.93
N ASN A 276 14.69 14.76 8.20
CA ASN A 276 13.88 15.67 9.00
C ASN A 276 14.45 17.06 9.08
N SER A 277 15.50 17.36 8.33
CA SER A 277 16.22 18.61 8.55
C SER A 277 15.34 19.83 8.36
N ILE A 278 14.35 19.78 7.48
CA ILE A 278 13.44 20.90 7.35
C ILE A 278 12.02 20.55 7.76
N ALA A 279 11.82 19.36 8.35
CA ALA A 279 10.47 18.86 8.57
C ALA A 279 9.89 19.37 9.88
N ALA A 280 8.60 19.75 9.83
CA ALA A 280 7.82 19.98 11.04
C ALA A 280 7.89 18.77 11.97
N GLY A 281 8.17 19.02 13.25
CA GLY A 281 8.45 17.94 14.19
C GLY A 281 9.91 17.77 14.50
N LYS A 282 10.78 18.59 13.88
CA LYS A 282 12.22 18.57 14.08
C LYS A 282 12.76 19.98 13.94
N ALA A 283 12.50 20.59 12.78
CA ALA A 283 12.90 21.95 12.46
C ALA A 283 11.91 22.97 13.00
N ILE A 284 12.45 24.07 13.53
CA ILE A 284 11.68 25.25 13.92
C ILE A 284 12.33 26.46 13.26
N LEU A 285 11.53 27.24 12.50
CA LEU A 285 12.07 28.44 11.87
C LEU A 285 12.62 29.42 12.91
N LEU A 286 13.80 29.98 12.60
CA LEU A 286 14.36 31.00 13.47
C LEU A 286 13.41 32.16 13.67
N GLU A 287 12.74 32.60 12.60
CA GLU A 287 11.74 33.66 12.76
C GLU A 287 10.67 33.27 13.79
N ASP A 288 10.28 31.97 13.82
CA ASP A 288 9.28 31.49 14.80
C ASP A 288 9.84 31.50 16.21
N ILE A 289 11.11 31.14 16.38
CA ILE A 289 11.71 31.21 17.70
C ILE A 289 11.61 32.62 18.25
N ILE A 290 11.95 33.60 17.40
CA ILE A 290 11.91 35.00 17.80
C ILE A 290 10.51 35.40 18.21
N GLU A 291 9.52 35.07 17.39
CA GLU A 291 8.15 35.46 17.67
C GLU A 291 7.62 34.79 18.92
N MET A 292 7.97 33.52 19.14
CA MET A 292 7.41 32.82 20.29
C MET A 292 7.90 33.40 21.60
N LEU A 293 9.09 33.95 21.64
CA LEU A 293 9.58 34.52 22.88
C LEU A 293 8.71 35.69 23.35
N ASN A 294 7.97 36.33 22.43
CA ASN A 294 7.01 37.35 22.82
C ASN A 294 5.89 36.81 23.70
N TYR A 295 5.60 35.52 23.60
CA TYR A 295 4.41 35.03 24.27
C TYR A 295 4.68 34.09 25.42
N LEU A 296 5.87 33.52 25.49
CA LEU A 296 6.22 32.63 26.58
C LEU A 296 6.55 33.54 27.74
N GLY A 297 6.95 32.99 28.88
CA GLY A 297 7.31 33.90 29.95
C GLY A 297 8.72 34.45 29.87
N PRO A 298 9.17 35.09 30.95
CA PRO A 298 10.58 35.49 31.02
C PRO A 298 11.52 34.32 30.77
N GLU A 299 11.18 33.11 31.23
CA GLU A 299 12.10 32.01 31.07
C GLU A 299 11.97 31.39 29.67
N GLY A 300 11.03 31.87 28.87
CA GLY A 300 11.07 31.55 27.45
C GLY A 300 10.76 30.11 27.13
N TYR A 301 11.64 29.48 26.33
CA TYR A 301 11.36 28.11 25.91
C TYR A 301 11.46 27.11 27.06
N MET A 302 12.00 27.52 28.22
CA MET A 302 11.94 26.69 29.41
C MET A 302 10.50 26.44 29.82
N ASN A 303 9.60 27.35 29.46
CA ASN A 303 8.20 27.24 29.79
C ASN A 303 7.37 26.50 28.74
N LYS A 304 7.95 26.08 27.63
CA LYS A 304 7.14 25.56 26.54
C LYS A 304 7.03 24.05 26.66
N THR A 305 5.87 23.51 26.30
CA THR A 305 5.73 22.08 26.03
C THR A 305 6.00 21.89 24.55
N ILE A 306 7.06 21.15 24.24
CA ILE A 306 7.58 21.04 22.88
C ILE A 306 7.30 19.63 22.37
N THR A 307 6.57 19.56 21.26
CA THR A 307 6.22 18.31 20.64
C THR A 307 7.17 18.07 19.48
N TYR A 308 7.84 16.93 19.48
CA TYR A 308 8.79 16.64 18.41
C TYR A 308 8.89 15.13 18.19
N ALA A 309 9.55 14.80 17.09
CA ALA A 309 9.77 13.42 16.65
C ALA A 309 11.09 12.90 17.20
N ILE A 310 11.06 11.75 17.86
CA ILE A 310 12.27 11.11 18.38
C ILE A 310 12.34 9.67 17.90
N GLY A 311 13.56 9.19 17.67
CA GLY A 311 13.80 7.81 17.27
C GLY A 311 13.90 6.85 18.44
N GLU A 312 13.48 5.61 18.22
CA GLU A 312 13.51 4.66 19.32
C GLU A 312 14.94 4.40 19.80
N ASN A 313 15.93 4.56 18.91
CA ASN A 313 17.32 4.38 19.31
C ASN A 313 17.89 5.57 20.07
N HIS A 314 17.22 6.72 20.08
CA HIS A 314 17.78 7.86 20.80
C HIS A 314 17.93 7.49 22.26
N ASP A 315 19.02 7.94 22.88
CA ASP A 315 19.25 7.61 24.28
C ASP A 315 18.11 8.06 25.18
N LEU A 316 17.47 9.19 24.84
CA LEU A 316 16.38 9.72 25.65
C LEU A 316 15.12 8.84 25.63
N TRP A 317 14.93 8.03 24.59
CA TRP A 317 13.77 7.16 24.50
C TRP A 317 13.69 6.25 25.72
N LYS A 318 14.71 5.42 25.92
CA LYS A 318 14.73 4.54 27.09
C LYS A 318 15.06 5.30 28.36
N ARG A 319 15.53 6.54 28.27
CA ARG A 319 15.84 7.30 29.46
C ARG A 319 14.60 7.97 30.06
N GLY A 320 13.44 7.87 29.42
CA GLY A 320 12.21 8.32 30.02
C GLY A 320 11.14 8.81 29.07
N LEU A 321 11.48 9.10 27.82
CA LEU A 321 10.46 9.62 26.92
C LEU A 321 9.46 8.54 26.56
N GLU A 322 9.93 7.31 26.40
CA GLU A 322 9.03 6.19 26.10
C GLU A 322 8.01 6.06 27.21
N GLU A 323 8.49 5.90 28.45
CA GLU A 323 7.58 5.72 29.57
C GLU A 323 6.62 6.89 29.67
N GLU A 324 7.10 8.10 29.41
CA GLU A 324 6.25 9.28 29.56
C GLU A 324 5.25 9.36 28.40
N LEU A 325 5.64 8.94 27.19
CA LEU A 325 4.71 8.90 26.06
C LEU A 325 3.56 7.93 26.30
N THR A 326 3.84 6.78 26.92
CA THR A 326 2.76 5.85 27.20
C THR A 326 1.76 6.49 28.16
N LYS A 327 2.26 7.13 29.22
CA LYS A 327 1.38 7.80 30.19
C LYS A 327 0.62 8.95 29.54
N GLN A 328 1.26 9.66 28.62
CA GLN A 328 0.57 10.76 27.93
C GLN A 328 -0.57 10.22 27.09
N LEU A 329 -0.34 9.12 26.36
CA LEU A 329 -1.40 8.49 25.60
C LEU A 329 -2.54 8.02 26.50
N GLU A 330 -2.19 7.40 27.63
CA GLU A 330 -3.21 6.99 28.58
C GLU A 330 -4.04 8.17 29.04
N ARG A 331 -3.39 9.26 29.43
CA ARG A 331 -4.08 10.45 29.93
C ARG A 331 -4.95 11.08 28.84
N ASP A 332 -4.54 10.98 27.59
CA ASP A 332 -5.32 11.50 26.47
C ASP A 332 -6.48 10.61 26.07
N GLY A 333 -6.64 9.44 26.68
CA GLY A 333 -7.75 8.57 26.31
C GLY A 333 -7.58 7.90 24.96
N ILE A 334 -6.34 7.61 24.58
CA ILE A 334 -5.96 6.89 23.37
C ILE A 334 -5.99 5.39 23.72
N PRO A 335 -6.62 4.52 22.93
CA PRO A 335 -6.63 3.11 23.29
C PRO A 335 -5.19 2.60 23.33
N LYS A 336 -4.92 1.71 24.27
CA LYS A 336 -3.69 0.92 24.43
C LYS A 336 -3.33 -0.20 23.45
N ILE A 337 -3.95 -0.25 22.27
CA ILE A 337 -3.62 -1.27 21.25
C ILE A 337 -3.71 -2.68 21.81
N PRO A 338 -4.61 -3.54 21.34
CA PRO A 338 -4.65 -4.90 21.86
C PRO A 338 -3.38 -5.65 21.48
N LYS A 339 -3.09 -6.72 22.22
CA LYS A 339 -1.96 -7.56 21.82
C LYS A 339 -2.32 -8.41 20.61
N ILE A 340 -3.61 -8.54 20.33
CA ILE A 340 -4.13 -9.41 19.28
C ILE A 340 -3.79 -8.89 17.88
N VAL A 341 -3.12 -7.73 17.79
CA VAL A 341 -2.73 -7.18 16.49
C VAL A 341 -1.38 -6.46 16.52
N GLY B 1 18.04 3.83 -31.55
CA GLY B 1 16.88 3.60 -32.38
C GLY B 1 15.89 4.76 -32.38
N MET B 2 14.62 4.46 -32.13
CA MET B 2 13.60 5.49 -32.10
C MET B 2 13.79 6.41 -30.90
N PHE B 3 13.82 5.83 -29.69
CA PHE B 3 14.00 6.60 -28.46
C PHE B 3 15.24 7.49 -28.55
N ALA B 4 16.39 6.88 -28.84
CA ALA B 4 17.63 7.64 -28.96
C ALA B 4 17.45 8.77 -29.98
N SER B 5 16.85 8.46 -31.14
CA SER B 5 16.66 9.47 -32.16
C SER B 5 15.84 10.65 -31.65
N LEU B 6 14.79 10.39 -30.85
CA LEU B 6 13.97 11.49 -30.33
C LEU B 6 14.74 12.33 -29.32
N ILE B 7 15.53 11.70 -28.45
CA ILE B 7 16.28 12.47 -27.46
C ILE B 7 17.29 13.37 -28.13
N LYS B 8 17.92 12.89 -29.22
CA LYS B 8 18.89 13.74 -29.88
C LYS B 8 18.26 14.97 -30.51
N ARG B 9 17.02 14.87 -30.99
CA ARG B 9 16.39 16.02 -31.61
C ARG B 9 15.79 16.99 -30.60
N PHE B 10 15.70 16.59 -29.34
CA PHE B 10 15.12 17.48 -28.33
C PHE B 10 15.90 18.78 -28.28
N GLN B 11 15.19 19.91 -28.36
CA GLN B 11 15.77 21.25 -28.28
C GLN B 11 15.32 21.88 -26.97
N PHE B 12 16.28 22.12 -26.06
CA PHE B 12 15.95 22.59 -24.72
C PHE B 12 15.23 23.93 -24.82
N VAL B 13 14.15 24.07 -24.04
CA VAL B 13 13.43 25.33 -23.89
C VAL B 13 13.57 25.88 -22.49
N SER B 14 13.21 25.11 -21.48
CA SER B 14 13.29 25.59 -20.11
C SER B 14 13.24 24.42 -19.15
N VAL B 15 13.70 24.68 -17.93
CA VAL B 15 13.67 23.68 -16.88
C VAL B 15 12.33 23.79 -16.17
N LEU B 16 11.59 22.68 -16.14
CA LEU B 16 10.30 22.64 -15.49
C LEU B 16 10.47 22.43 -14.00
N ASP B 17 11.44 21.59 -13.62
CA ASP B 17 11.58 21.20 -12.23
C ASP B 17 12.99 20.73 -11.98
N SER B 18 13.51 21.07 -10.79
CA SER B 18 14.78 20.54 -10.32
C SER B 18 14.59 20.23 -8.84
N ASN B 19 14.81 18.98 -8.45
CA ASN B 19 14.51 18.54 -7.10
C ASN B 19 15.73 17.83 -6.54
N PRO B 20 16.52 18.50 -5.69
CA PRO B 20 17.70 17.84 -5.13
C PRO B 20 17.38 16.78 -4.08
N GLN B 21 16.18 16.77 -3.52
CA GLN B 21 15.78 15.70 -2.60
C GLN B 21 15.68 14.37 -3.33
N THR B 22 14.94 14.34 -4.44
CA THR B 22 14.69 13.10 -5.16
C THR B 22 15.66 12.90 -6.30
N LYS B 23 16.50 13.90 -6.60
CA LYS B 23 17.46 13.80 -7.69
C LYS B 23 16.72 13.63 -9.01
N VAL B 24 15.72 14.49 -9.21
CA VAL B 24 14.88 14.49 -10.39
C VAL B 24 14.99 15.83 -11.10
N MET B 25 14.94 15.78 -12.42
CA MET B 25 15.04 16.95 -13.28
C MET B 25 14.08 16.76 -14.43
N SER B 26 13.25 17.76 -14.68
CA SER B 26 12.35 17.74 -15.83
C SER B 26 12.66 18.94 -16.71
N LEU B 27 12.70 18.71 -18.03
CA LEU B 27 13.06 19.74 -18.98
C LEU B 27 11.91 19.88 -19.95
N LEU B 28 11.51 21.12 -20.23
CA LEU B 28 10.57 21.40 -21.29
C LEU B 28 11.36 21.71 -22.56
N GLY B 29 10.84 21.26 -23.67
CA GLY B 29 11.50 21.51 -24.94
C GLY B 29 10.57 21.27 -26.09
N THR B 30 11.17 21.14 -27.26
CA THR B 30 10.42 20.79 -28.46
C THR B 30 11.14 19.70 -29.25
N ILE B 31 10.33 18.90 -29.94
CA ILE B 31 10.78 17.96 -30.95
C ILE B 31 9.88 18.19 -32.14
N ASP B 32 10.47 18.42 -33.30
CA ASP B 32 9.70 18.78 -34.49
C ASP B 32 8.70 19.89 -34.15
N ASN B 33 9.20 20.90 -33.43
CA ASN B 33 8.44 22.07 -33.01
C ASN B 33 7.18 21.70 -32.22
N LYS B 34 7.13 20.52 -31.60
CA LYS B 34 6.06 20.14 -30.67
C LYS B 34 6.63 20.03 -29.25
N ASP B 35 5.84 20.47 -28.28
CA ASP B 35 6.30 20.43 -26.89
C ASP B 35 6.64 19.00 -26.49
N ALA B 36 7.70 18.88 -25.70
CA ALA B 36 8.19 17.60 -25.21
C ALA B 36 8.64 17.78 -23.78
N ILE B 37 8.44 16.77 -22.94
CA ILE B 37 8.96 16.79 -21.58
C ILE B 37 9.88 15.59 -21.43
N ILE B 38 11.12 15.85 -20.98
CA ILE B 38 12.06 14.81 -20.61
C ILE B 38 12.27 14.86 -19.10
N THR B 39 12.14 13.71 -18.45
CA THR B 39 12.37 13.58 -17.02
C THR B 39 13.53 12.62 -16.79
N ALA B 40 14.45 13.05 -15.94
CA ALA B 40 15.63 12.27 -15.61
C ALA B 40 15.67 12.12 -14.09
N GLU B 41 16.09 10.96 -13.63
CA GLU B 41 16.13 10.69 -12.21
C GLU B 41 17.35 9.83 -11.92
N LYS B 42 18.16 10.25 -10.95
CA LYS B 42 19.33 9.45 -10.66
C LYS B 42 18.87 8.09 -10.17
N THR B 43 19.61 7.05 -10.54
CA THR B 43 19.27 5.73 -10.05
C THR B 43 19.68 5.63 -8.59
N HIS B 44 19.05 4.69 -7.88
CA HIS B 44 19.46 4.44 -6.51
C HIS B 44 20.71 3.58 -6.54
N PHE B 45 21.42 3.54 -5.41
CA PHE B 45 22.48 2.57 -5.26
C PHE B 45 21.90 1.16 -5.35
N LEU B 46 22.75 0.18 -5.59
CA LEU B 46 22.24 -1.16 -5.81
C LEU B 46 22.70 -2.07 -4.69
N PHE B 47 21.91 -3.10 -4.41
CA PHE B 47 22.28 -4.11 -3.44
C PHE B 47 22.14 -5.49 -4.04
N ASP B 48 22.74 -6.48 -3.37
CA ASP B 48 22.65 -7.86 -3.82
C ASP B 48 21.18 -8.30 -3.79
N GLU B 49 20.81 -9.16 -4.73
CA GLU B 49 19.45 -9.67 -4.63
C GLU B 49 19.32 -10.81 -3.63
N THR B 50 20.35 -11.07 -2.83
CA THR B 50 20.33 -12.00 -1.71
C THR B 50 20.63 -11.22 -0.41
N VAL B 51 20.65 -11.95 0.71
CA VAL B 51 20.67 -11.38 2.05
C VAL B 51 21.66 -12.16 2.92
N ARG B 52 22.16 -11.49 3.97
CA ARG B 52 23.21 -12.05 4.81
C ARG B 52 22.73 -12.45 6.21
N ARG B 53 21.40 -12.52 6.42
CA ARG B 53 20.86 -12.92 7.72
C ARG B 53 19.34 -13.03 7.60
N PRO B 54 18.74 -14.12 8.10
CA PRO B 54 17.27 -14.21 8.02
C PRO B 54 16.57 -13.19 8.94
N THR B 61 13.83 -6.28 5.81
CA THR B 61 14.14 -4.88 6.07
C THR B 61 15.63 -4.57 5.78
N PRO B 62 15.92 -3.33 5.34
CA PRO B 62 17.23 -3.04 4.71
C PRO B 62 18.49 -3.43 5.49
N VAL B 63 18.39 -3.66 6.80
CA VAL B 63 19.55 -4.07 7.58
C VAL B 63 20.09 -5.44 7.18
N LEU B 64 19.30 -6.26 6.46
CA LEU B 64 19.76 -7.55 5.94
C LEU B 64 20.23 -7.51 4.49
N TYR B 65 20.43 -6.34 3.89
CA TYR B 65 20.97 -6.33 2.53
C TYR B 65 22.47 -6.66 2.55
N ASN B 66 23.01 -6.98 1.37
CA ASN B 66 24.42 -7.28 1.21
C ASN B 66 25.03 -6.55 0.02
N CYS B 67 26.37 -6.48 0.05
CA CYS B 67 27.22 -5.66 -0.83
C CYS B 67 28.36 -6.47 -1.41
N GLU B 68 28.07 -7.69 -1.85
CA GLU B 68 29.09 -8.57 -2.42
C GLU B 68 29.27 -8.40 -3.92
N ASN B 69 28.23 -8.01 -4.67
CA ASN B 69 28.32 -8.03 -6.11
C ASN B 69 29.07 -6.80 -6.63
N GLU B 70 29.63 -6.99 -7.83
CA GLU B 70 30.52 -6.03 -8.49
C GLU B 70 30.03 -4.59 -8.37
N TYR B 71 28.75 -4.37 -8.66
CA TYR B 71 28.17 -3.04 -8.73
C TYR B 71 27.36 -2.66 -7.50
N SER B 72 27.31 -3.52 -6.49
CA SER B 72 26.54 -3.22 -5.29
C SER B 72 27.17 -2.12 -4.46
N CYS B 73 26.30 -1.31 -3.84
CA CYS B 73 26.68 -0.32 -2.82
C CYS B 73 27.69 0.65 -3.39
N ILE B 74 28.90 0.75 -2.87
CA ILE B 74 29.95 1.64 -3.36
C ILE B 74 31.12 0.86 -3.94
N ASN B 75 30.85 -0.36 -4.39
CA ASN B 75 31.94 -1.19 -4.91
C ASN B 75 32.50 -0.62 -6.21
N GLY B 76 31.73 0.17 -6.95
CA GLY B 76 32.18 0.66 -8.25
C GLY B 76 32.99 1.94 -8.22
N ILE B 77 33.39 2.41 -7.04
CA ILE B 77 34.16 3.64 -6.93
C ILE B 77 35.49 3.50 -7.67
N GLN B 78 35.70 4.37 -8.66
CA GLN B 78 36.95 4.47 -9.40
C GLN B 78 37.88 5.58 -8.92
N GLU B 79 37.34 6.65 -8.31
CA GLU B 79 38.06 7.90 -8.06
C GLU B 79 37.42 8.62 -6.88
N LEU B 80 38.24 9.12 -5.97
CA LEU B 80 37.78 9.84 -4.79
C LEU B 80 38.39 11.24 -4.69
N LYS B 81 37.63 12.17 -4.10
CA LYS B 81 38.13 13.53 -3.85
C LYS B 81 37.52 14.06 -2.57
N GLU B 82 38.40 14.54 -1.68
CA GLU B 82 37.98 15.06 -0.38
C GLU B 82 37.37 16.45 -0.49
N ILE B 83 36.27 16.67 0.24
CA ILE B 83 35.77 18.03 0.38
C ILE B 83 36.48 18.69 1.56
N THR B 84 36.32 18.12 2.75
CA THR B 84 37.06 18.54 3.93
C THR B 84 36.89 17.45 5.00
N SER B 85 37.42 17.72 6.19
CA SER B 85 37.28 16.79 7.30
C SER B 85 37.43 17.58 8.59
N ASN B 86 37.01 16.94 9.69
CA ASN B 86 37.02 17.56 11.01
C ASN B 86 36.89 16.46 12.04
N ASP B 87 37.93 16.26 12.85
CA ASP B 87 37.90 15.24 13.92
C ASP B 87 37.62 13.89 13.29
N ILE B 88 36.53 13.21 13.65
CA ILE B 88 36.22 11.89 13.13
C ILE B 88 35.37 11.93 11.88
N TYR B 89 35.08 13.11 11.35
CA TYR B 89 34.21 13.25 10.18
C TYR B 89 35.04 13.58 8.94
N TYR B 90 34.83 12.81 7.88
CA TYR B 90 35.49 13.01 6.59
C TYR B 90 34.43 12.98 5.51
N TRP B 91 34.46 13.93 4.58
CA TRP B 91 33.52 13.85 3.48
C TRP B 91 34.07 14.43 2.19
N GLY B 92 33.59 13.86 1.09
CA GLY B 92 34.17 14.06 -0.21
C GLY B 92 33.21 13.66 -1.30
N LEU B 93 33.76 13.54 -2.51
CA LEU B 93 32.98 13.14 -3.67
C LEU B 93 33.67 11.93 -4.32
N SER B 94 32.89 11.19 -5.11
CA SER B 94 33.36 9.96 -5.72
C SER B 94 32.78 9.83 -7.11
N VAL B 95 33.55 9.19 -7.99
CA VAL B 95 33.09 8.72 -9.29
C VAL B 95 33.02 7.20 -9.25
N ILE B 96 31.93 6.65 -9.77
CA ILE B 96 31.64 5.22 -9.68
C ILE B 96 31.43 4.69 -11.09
N LYS B 97 31.91 3.48 -11.34
CA LYS B 97 31.80 2.88 -12.67
C LYS B 97 30.34 2.71 -13.05
N GLN B 98 29.96 3.28 -14.19
CA GLN B 98 28.62 3.16 -14.74
C GLN B 98 28.60 2.05 -15.78
N ASP B 99 27.38 1.58 -16.06
CA ASP B 99 27.21 0.49 -17.02
C ASP B 99 25.74 0.35 -17.37
N MET B 100 25.41 0.29 -18.67
CA MET B 100 24.01 0.27 -19.08
C MET B 100 23.24 -0.92 -18.48
N GLU B 101 23.83 -2.12 -18.51
CA GLU B 101 23.14 -3.32 -18.04
C GLU B 101 23.09 -3.42 -16.51
N SER B 102 24.19 -3.14 -15.82
CA SER B 102 24.28 -3.44 -14.40
C SER B 102 24.28 -2.25 -13.47
N ASN B 103 24.53 -1.05 -13.97
CA ASN B 103 24.49 0.14 -13.14
C ASN B 103 24.26 1.39 -13.97
N PRO B 104 23.10 1.52 -14.58
CA PRO B 104 22.79 2.73 -15.34
C PRO B 104 22.77 3.95 -14.43
N THR B 105 22.95 5.09 -15.05
CA THR B 105 23.15 6.30 -14.28
C THR B 105 21.83 6.94 -13.89
N ALA B 106 20.86 6.94 -14.80
CA ALA B 106 19.60 7.65 -14.57
C ALA B 106 18.46 7.10 -15.41
N LYS B 107 17.26 7.17 -14.85
CA LYS B 107 16.05 6.87 -15.58
C LYS B 107 15.77 8.05 -16.49
N LEU B 108 15.28 7.80 -17.70
CA LEU B 108 15.00 8.90 -18.61
C LEU B 108 13.70 8.62 -19.35
N ASN B 109 12.73 9.53 -19.16
CA ASN B 109 11.40 9.38 -19.74
C ASN B 109 11.12 10.52 -20.70
N LEU B 110 10.29 10.27 -21.71
CA LEU B 110 9.95 11.28 -22.68
C LEU B 110 8.44 11.35 -22.82
N ILE B 111 7.89 12.55 -22.78
CA ILE B 111 6.50 12.79 -23.13
C ILE B 111 6.51 13.66 -24.38
N TRP B 112 6.00 13.13 -25.48
CA TRP B 112 6.02 13.87 -26.72
C TRP B 112 5.06 13.24 -27.72
N PRO B 113 4.12 14.00 -28.30
CA PRO B 113 3.96 15.41 -27.97
C PRO B 113 3.28 15.58 -26.61
N ALA B 114 3.85 16.44 -25.77
CA ALA B 114 3.29 16.68 -24.44
C ALA B 114 2.19 17.73 -24.54
N THR B 115 1.18 17.54 -23.79
CA THR B 115 0.12 18.51 -23.84
C THR B 115 0.31 19.56 -22.75
N PRO B 116 -0.38 20.69 -22.85
CA PRO B 116 -0.31 21.68 -21.77
C PRO B 116 -0.59 21.06 -20.40
N ILE B 117 -1.55 20.15 -20.33
CA ILE B 117 -1.84 19.44 -19.07
C ILE B 117 -0.56 18.75 -18.60
N HIS B 118 0.20 18.19 -19.57
CA HIS B 118 1.46 17.54 -19.26
C HIS B 118 2.48 18.55 -18.78
N ILE B 119 2.51 19.74 -19.40
CA ILE B 119 3.49 20.74 -19.00
C ILE B 119 3.20 21.14 -17.56
N LYS B 120 1.93 21.43 -17.27
CA LYS B 120 1.58 21.69 -15.89
C LYS B 120 2.00 20.41 -15.14
N LYS B 121 1.60 20.25 -13.89
CA LYS B 121 1.94 19.06 -13.13
C LYS B 121 3.46 18.93 -12.99
N TYR B 122 4.23 19.18 -14.06
CA TYR B 122 5.67 19.01 -13.94
C TYR B 122 6.36 20.29 -13.52
N GLU B 123 5.71 21.43 -13.72
CA GLU B 123 6.28 22.70 -13.32
C GLU B 123 6.30 22.80 -11.80
N GLN B 124 7.46 23.05 -11.23
CA GLN B 124 7.55 23.27 -9.79
C GLN B 124 7.76 24.77 -9.61
N GLN B 125 6.90 25.38 -8.82
CA GLN B 125 7.03 26.80 -8.57
C GLN B 125 8.15 27.06 -7.57
N ASN B 126 8.66 28.28 -7.60
CA ASN B 126 9.62 28.79 -6.64
C ASN B 126 8.91 29.38 -5.44
N PHE B 127 9.54 29.33 -4.28
CA PHE B 127 8.92 29.78 -3.05
C PHE B 127 9.67 30.98 -2.47
N HIS B 128 8.97 31.77 -1.66
CA HIS B 128 9.57 32.92 -0.99
C HIS B 128 9.11 32.97 0.46
N LEU B 129 10.04 33.14 1.40
CA LEU B 129 9.66 33.35 2.80
C LEU B 129 9.09 34.75 3.02
N VAL B 130 7.82 34.82 3.42
CA VAL B 130 7.17 36.06 3.78
C VAL B 130 6.92 36.03 5.28
N ARG B 131 6.86 37.21 5.87
CA ARG B 131 6.53 37.41 7.28
C ARG B 131 5.20 38.16 7.34
N GLU B 132 4.14 37.43 7.68
CA GLU B 132 2.78 37.94 7.59
C GLU B 132 2.30 38.34 8.98
N THR B 133 2.21 39.64 9.20
CA THR B 133 1.76 40.15 10.47
C THR B 133 0.24 40.09 10.58
N PRO B 134 -0.30 40.23 11.80
CA PRO B 134 -1.75 40.37 11.93
C PRO B 134 -2.31 41.43 11.01
N GLU B 135 -1.66 42.60 10.96
CA GLU B 135 -2.15 43.68 10.10
C GLU B 135 -2.12 43.26 8.64
N MET B 136 -1.07 42.53 8.22
CA MET B 136 -1.00 42.11 6.83
C MET B 136 -2.15 41.19 6.48
N TYR B 137 -2.46 40.23 7.36
CA TYR B 137 -3.58 39.33 7.09
C TYR B 137 -4.86 40.12 6.88
N LYS B 138 -5.17 41.04 7.81
CA LYS B 138 -6.40 41.80 7.68
C LYS B 138 -6.41 42.61 6.40
N ARG B 139 -5.28 43.23 6.04
CA ARG B 139 -5.22 44.11 4.89
C ARG B 139 -5.10 43.34 3.58
N ILE B 140 -4.30 42.28 3.55
CA ILE B 140 -3.97 41.59 2.30
C ILE B 140 -4.71 40.27 2.14
N VAL B 141 -4.73 39.44 3.18
CA VAL B 141 -5.17 38.04 3.07
C VAL B 141 -6.69 37.89 3.25
N GLN B 142 -7.25 38.47 4.31
CA GLN B 142 -8.67 38.30 4.62
C GLN B 142 -9.61 38.67 3.47
N PRO B 143 -9.42 39.80 2.76
CA PRO B 143 -10.31 40.11 1.63
C PRO B 143 -10.23 39.11 0.52
N TYR B 144 -9.05 38.51 0.30
CA TYR B 144 -8.91 37.48 -0.72
C TYR B 144 -9.74 36.25 -0.37
N ILE B 145 -9.76 35.87 0.90
CA ILE B 145 -10.51 34.68 1.31
C ILE B 145 -12.01 34.91 1.08
N GLU B 146 -12.51 36.10 1.42
CA GLU B 146 -13.92 36.40 1.24
C GLU B 146 -14.33 36.31 -0.23
N GLU B 147 -13.52 36.85 -1.14
CA GLU B 147 -13.79 36.66 -2.56
C GLU B 147 -14.00 35.18 -2.90
N MET B 148 -13.40 34.29 -2.12
CA MET B 148 -13.44 32.85 -2.39
C MET B 148 -14.82 32.27 -2.09
N CYS B 149 -15.85 32.83 -2.72
CA CYS B 149 -17.22 32.34 -2.66
C CYS B 149 -18.05 32.93 -3.78
N LYS B 155 -18.48 25.50 -4.02
CA LYS B 155 -17.15 24.92 -4.09
C LYS B 155 -17.29 23.38 -3.92
N TRP B 156 -16.25 22.64 -4.31
CA TRP B 156 -16.31 21.17 -4.36
C TRP B 156 -16.26 20.52 -2.98
N VAL B 157 -15.53 21.11 -2.04
CA VAL B 157 -15.46 20.61 -0.66
C VAL B 157 -16.85 20.28 -0.13
N ASN B 158 -17.80 21.18 -0.37
CA ASN B 158 -19.17 20.96 0.09
C ASN B 158 -19.80 19.74 -0.58
N ASN B 159 -19.43 19.44 -1.82
CA ASN B 159 -19.88 18.21 -2.47
C ASN B 159 -19.47 16.97 -1.66
N ILE B 160 -18.23 16.96 -1.16
CA ILE B 160 -17.76 15.83 -0.35
C ILE B 160 -18.49 15.78 0.98
N LEU B 161 -18.64 16.94 1.63
CA LEU B 161 -19.21 16.99 2.98
C LEU B 161 -20.70 16.66 3.00
N TYR B 162 -21.47 17.18 2.04
CA TYR B 162 -22.92 17.12 2.10
C TYR B 162 -23.59 16.40 0.95
N GLU B 163 -22.84 15.98 -0.07
CA GLU B 163 -23.40 15.35 -1.26
C GLU B 163 -22.80 13.98 -1.53
N GLY B 164 -22.08 13.41 -0.56
CA GLY B 164 -21.60 12.05 -0.71
C GLY B 164 -20.45 11.84 -1.67
N ALA B 165 -19.82 12.90 -2.15
CA ALA B 165 -18.73 12.71 -3.10
C ALA B 165 -17.62 11.94 -2.40
N GLU B 166 -17.09 10.94 -3.08
CA GLU B 166 -16.03 10.07 -2.57
C GLU B 166 -16.46 9.33 -1.30
N SER B 167 -17.77 9.18 -1.06
CA SER B 167 -18.19 8.47 0.14
C SER B 167 -17.62 7.07 0.15
N GLU B 168 -17.47 6.45 -1.04
CA GLU B 168 -16.85 5.14 -1.14
C GLU B 168 -15.41 5.17 -0.61
N ARG B 169 -14.78 6.33 -0.66
CA ARG B 169 -13.39 6.43 -0.28
C ARG B 169 -13.19 6.86 1.17
N VAL B 170 -14.22 7.41 1.78
CA VAL B 170 -14.12 7.92 3.14
C VAL B 170 -13.70 6.79 4.07
N VAL B 171 -12.79 7.11 4.99
CA VAL B 171 -12.24 6.13 5.91
C VAL B 171 -12.96 6.24 7.25
N TYR B 172 -13.46 7.44 7.55
CA TYR B 172 -14.19 7.70 8.78
C TYR B 172 -15.08 8.92 8.56
N LYS B 173 -16.28 8.86 9.12
CA LYS B 173 -17.26 9.94 8.97
C LYS B 173 -18.11 10.02 10.22
N ASP B 174 -18.19 11.21 10.82
CA ASP B 174 -19.09 11.47 11.94
C ASP B 174 -20.53 11.61 11.46
N PHE B 175 -21.45 11.02 12.22
CA PHE B 175 -22.85 11.05 11.82
C PHE B 175 -23.81 11.58 12.87
N SER B 176 -23.49 11.54 14.16
CA SER B 176 -24.55 11.84 15.10
C SER B 176 -24.78 13.35 15.14
N GLU B 177 -26.05 13.72 15.36
CA GLU B 177 -26.41 15.13 15.47
C GLU B 177 -25.57 15.82 16.53
N GLU B 178 -25.14 15.07 17.54
CA GLU B 178 -24.30 15.63 18.59
C GLU B 178 -23.11 16.38 18.01
N ASN B 179 -22.44 15.80 17.00
CA ASN B 179 -21.30 16.50 16.43
C ASN B 179 -21.49 16.73 14.93
N LYS B 180 -22.68 17.19 14.57
CA LYS B 180 -22.89 17.82 13.28
C LYS B 180 -21.89 18.94 13.02
N ASP B 181 -21.57 19.74 14.05
CA ASP B 181 -20.65 20.88 13.96
C ASP B 181 -19.21 20.57 14.39
N ASP B 182 -19.01 19.79 15.45
CA ASP B 182 -17.67 19.51 15.97
C ASP B 182 -17.06 18.27 15.34
N GLY B 183 -17.78 17.64 14.43
CA GLY B 183 -17.36 16.41 13.80
C GLY B 183 -16.44 16.67 12.61
N PHE B 184 -16.06 15.58 11.97
CA PHE B 184 -15.19 15.61 10.80
C PHE B 184 -15.29 14.28 10.07
N LEU B 185 -14.67 14.22 8.91
CA LEU B 185 -14.47 12.96 8.21
C LEU B 185 -13.01 12.90 7.77
N ILE B 186 -12.55 11.69 7.48
CA ILE B 186 -11.17 11.44 7.09
C ILE B 186 -11.19 10.69 5.77
N LEU B 187 -10.35 11.12 4.84
CA LEU B 187 -10.20 10.37 3.61
C LEU B 187 -8.76 10.43 3.13
N PRO B 188 -8.37 9.52 2.23
CA PRO B 188 -7.00 9.49 1.74
C PRO B 188 -6.68 10.71 0.88
N ASP B 189 -5.41 11.06 0.81
CA ASP B 189 -4.99 12.04 -0.19
C ASP B 189 -4.71 11.26 -1.48
N MET B 190 -5.12 11.82 -2.61
CA MET B 190 -4.88 11.16 -3.89
C MET B 190 -3.44 11.36 -4.33
N ASN B 196 1.76 1.00 0.42
CA ASN B 196 2.67 0.85 1.56
C ASN B 196 2.19 1.68 2.75
N LEU B 197 2.11 1.05 3.92
CA LEU B 197 1.60 1.75 5.10
C LEU B 197 2.53 2.87 5.57
N ASP B 198 3.82 2.78 5.29
CA ASP B 198 4.73 3.90 5.56
C ASP B 198 4.31 5.19 4.86
N SER B 199 3.61 5.10 3.74
CA SER B 199 3.19 6.27 2.98
C SER B 199 1.76 6.68 3.26
N LEU B 200 1.22 6.29 4.42
CA LEU B 200 -0.12 6.69 4.81
C LEU B 200 -0.28 8.20 4.84
N TYR B 201 -1.29 8.70 4.11
CA TYR B 201 -1.57 10.14 4.04
C TYR B 201 -3.08 10.32 3.97
N LEU B 202 -3.66 10.84 5.05
CA LEU B 202 -5.09 11.07 5.13
C LEU B 202 -5.31 12.55 5.43
N VAL B 203 -6.52 13.03 5.11
CA VAL B 203 -6.93 14.40 5.39
C VAL B 203 -8.27 14.37 6.12
N ALA B 204 -8.32 15.03 7.27
CA ALA B 204 -9.54 15.22 8.04
C ALA B 204 -10.12 16.60 7.70
N ILE B 205 -11.35 16.61 7.22
CA ILE B 205 -12.05 17.83 6.86
C ILE B 205 -13.11 18.01 7.92
N VAL B 206 -13.10 19.15 8.61
CA VAL B 206 -14.05 19.38 9.70
C VAL B 206 -15.40 19.86 9.16
N TYR B 207 -16.44 19.70 9.99
CA TYR B 207 -17.80 20.03 9.54
C TYR B 207 -18.18 21.49 9.76
N ARG B 208 -17.58 22.17 10.73
CA ARG B 208 -17.75 23.61 10.90
C ARG B 208 -17.32 24.32 9.61
N THR B 209 -18.02 25.40 9.28
CA THR B 209 -17.79 26.11 8.02
C THR B 209 -17.21 27.50 8.16
N ASP B 210 -16.96 27.98 9.38
CA ASP B 210 -16.48 29.33 9.59
C ASP B 210 -14.97 29.39 9.77
N ILE B 211 -14.28 28.26 9.82
CA ILE B 211 -12.82 28.25 9.91
C ILE B 211 -12.21 27.92 8.56
N LYS B 212 -11.73 28.95 7.88
CA LYS B 212 -11.12 28.80 6.56
C LYS B 212 -9.61 28.56 6.61
N THR B 213 -8.92 29.15 7.58
CA THR B 213 -7.49 28.88 7.80
C THR B 213 -7.21 28.93 9.29
N ILE B 214 -5.95 28.66 9.64
CA ILE B 214 -5.56 28.75 11.04
C ILE B 214 -5.79 30.14 11.63
N ARG B 215 -5.87 31.18 10.80
CA ARG B 215 -6.15 32.52 11.31
C ARG B 215 -7.47 32.58 12.07
N ASP B 216 -8.41 31.70 11.73
CA ASP B 216 -9.71 31.74 12.38
C ASP B 216 -9.79 30.94 13.67
N LEU B 217 -8.75 30.22 14.04
CA LEU B 217 -8.77 29.49 15.31
C LEU B 217 -8.60 30.46 16.49
N ARG B 218 -9.58 30.49 17.38
CA ARG B 218 -9.54 31.30 18.58
C ARG B 218 -9.19 30.42 19.78
N TYR B 219 -8.88 31.09 20.89
CA TYR B 219 -8.62 30.36 22.13
C TYR B 219 -9.77 29.41 22.46
N SER B 220 -10.99 29.85 22.20
CA SER B 220 -12.14 29.02 22.53
C SER B 220 -12.16 27.75 21.70
N ASP B 221 -11.36 27.66 20.65
CA ASP B 221 -11.30 26.46 19.81
C ASP B 221 -10.25 25.49 20.29
N ARG B 222 -9.50 25.82 21.34
CA ARG B 222 -8.40 24.96 21.75
C ARG B 222 -8.90 23.58 22.16
N GLN B 223 -9.94 23.52 22.98
CA GLN B 223 -10.44 22.22 23.44
C GLN B 223 -11.02 21.39 22.29
N TRP B 224 -11.71 22.06 21.37
CA TRP B 224 -12.20 21.38 20.17
C TRP B 224 -11.04 20.76 19.39
N LEU B 225 -9.94 21.48 19.24
CA LEU B 225 -8.78 20.96 18.53
C LEU B 225 -8.15 19.79 19.27
N ILE B 226 -8.03 19.89 20.60
CA ILE B 226 -7.48 18.78 21.37
C ILE B 226 -8.30 17.54 21.13
N ASN B 227 -9.63 17.67 21.14
CA ASN B 227 -10.47 16.50 20.90
C ASN B 227 -10.22 15.93 19.52
N LEU B 228 -10.11 16.79 18.49
CA LEU B 228 -9.77 16.30 17.15
C LEU B 228 -8.45 15.57 17.17
N ASN B 229 -7.47 16.09 17.91
CA ASN B 229 -6.20 15.38 17.95
C ASN B 229 -6.42 14.01 18.56
N ASN B 230 -7.24 13.92 19.62
CA ASN B 230 -7.52 12.65 20.28
C ASN B 230 -8.36 11.72 19.41
N LYS B 231 -9.40 12.22 18.75
CA LYS B 231 -10.16 11.37 17.84
C LYS B 231 -9.28 10.80 16.73
N ILE B 232 -8.54 11.67 16.03
CA ILE B 232 -7.70 11.18 14.93
C ILE B 232 -6.79 10.04 15.41
N ARG B 233 -6.13 10.23 16.54
CA ARG B 233 -5.17 9.24 16.94
C ARG B 233 -5.85 7.99 17.49
N SER B 234 -7.11 8.11 17.90
CA SER B 234 -7.88 6.98 18.40
C SER B 234 -8.53 6.17 17.28
N ILE B 235 -8.69 6.75 16.09
CA ILE B 235 -9.48 6.15 15.02
C ILE B 235 -8.59 5.61 13.92
N VAL B 236 -7.64 6.42 13.45
CA VAL B 236 -6.86 6.00 12.28
C VAL B 236 -6.14 4.68 12.50
N PRO B 237 -5.48 4.45 13.64
CA PRO B 237 -4.79 3.15 13.79
C PRO B 237 -5.72 1.98 13.62
N GLY B 238 -6.95 2.08 14.15
CA GLY B 238 -7.92 0.99 14.01
C GLY B 238 -8.40 0.75 12.60
N CYS B 239 -8.46 1.80 11.76
CA CYS B 239 -8.78 1.61 10.34
C CYS B 239 -7.71 0.82 9.61
N TYR B 240 -6.51 0.74 10.16
CA TYR B 240 -5.39 0.02 9.58
C TYR B 240 -4.92 -1.08 10.50
N ASN B 241 -5.88 -1.66 11.20
CA ASN B 241 -5.68 -2.80 12.09
C ASN B 241 -4.51 -2.59 13.05
N TYR B 242 -4.34 -1.35 13.51
CA TYR B 242 -3.29 -1.02 14.47
C TYR B 242 -1.90 -1.35 13.94
N ALA B 243 -1.74 -1.34 12.61
CA ALA B 243 -0.41 -1.46 11.99
C ALA B 243 0.42 -0.20 12.13
N VAL B 244 -0.23 0.94 12.31
CA VAL B 244 0.42 2.19 12.62
C VAL B 244 -0.10 2.66 13.97
N HIS B 245 0.80 3.15 14.81
CA HIS B 245 0.40 3.49 16.17
C HIS B 245 -0.03 4.95 16.24
N PRO B 246 -0.76 5.33 17.29
CA PRO B 246 -1.21 6.73 17.36
C PRO B 246 -0.06 7.70 17.40
N ASP B 247 1.05 7.30 18.03
CA ASP B 247 2.22 8.16 18.11
C ASP B 247 3.11 8.08 16.88
N GLU B 248 2.65 7.42 15.82
CA GLU B 248 3.39 7.35 14.57
C GLU B 248 2.68 8.13 13.47
N LEU B 249 1.79 9.04 13.84
CA LEU B 249 1.10 9.91 12.90
C LEU B 249 1.60 11.33 13.09
N ARG B 250 2.07 11.93 12.00
CA ARG B 250 2.44 13.33 11.99
C ARG B 250 1.21 14.11 11.57
N ILE B 251 0.60 14.81 12.53
CA ILE B 251 -0.70 15.43 12.32
C ILE B 251 -0.45 16.94 12.29
N LEU B 252 -0.85 17.58 11.20
CA LEU B 252 -0.40 18.94 10.92
C LEU B 252 -1.40 19.66 10.03
N VAL B 253 -1.28 21.00 10.03
CA VAL B 253 -2.06 21.86 9.15
C VAL B 253 -1.09 22.68 8.32
N HIS B 254 -1.62 23.35 7.28
CA HIS B 254 -0.81 24.18 6.41
C HIS B 254 -1.25 25.64 6.43
N TYR B 255 -0.27 26.54 6.32
CA TYR B 255 -0.50 27.96 6.09
C TYR B 255 0.63 28.43 5.20
N GLN B 256 0.29 28.84 3.99
CA GLN B 256 -1.08 28.82 3.51
C GLN B 256 -1.59 27.40 3.22
N PRO B 257 -2.86 27.15 3.54
CA PRO B 257 -3.46 25.84 3.28
C PRO B 257 -3.81 25.69 1.80
N SER B 258 -3.96 24.43 1.37
CA SER B 258 -4.27 24.19 -0.03
C SER B 258 -5.70 24.54 -0.39
N TYR B 259 -6.65 24.43 0.54
CA TYR B 259 -8.01 24.93 0.36
C TYR B 259 -8.49 25.65 1.62
N TYR B 260 -9.32 26.68 1.42
CA TYR B 260 -9.72 27.55 2.53
C TYR B 260 -10.98 26.98 3.19
N HIS B 261 -10.79 25.76 3.70
CA HIS B 261 -11.71 25.12 4.62
C HIS B 261 -10.86 24.26 5.53
N PHE B 262 -10.92 24.53 6.84
CA PHE B 262 -9.99 23.93 7.77
C PHE B 262 -9.88 22.43 7.60
N ASN B 263 -8.65 21.93 7.56
CA ASN B 263 -8.43 20.51 7.36
C ASN B 263 -7.08 20.13 7.96
N ILE B 264 -7.00 18.89 8.43
CA ILE B 264 -5.83 18.42 9.16
C ILE B 264 -5.26 17.24 8.41
N HIS B 265 -3.96 17.26 8.19
CA HIS B 265 -3.26 16.25 7.43
C HIS B 265 -2.68 15.24 8.41
N ILE B 266 -2.84 13.96 8.08
CA ILE B 266 -2.46 12.84 8.93
C ILE B 266 -1.53 11.97 8.13
N VAL B 267 -0.27 11.94 8.53
CA VAL B 267 0.81 11.37 7.73
C VAL B 267 1.61 10.39 8.57
N ASN B 268 1.95 9.24 7.99
CA ASN B 268 2.88 8.36 8.66
C ASN B 268 4.13 9.15 9.02
N ILE B 269 4.55 9.04 10.28
CA ILE B 269 5.74 9.78 10.67
C ILE B 269 6.95 9.44 9.81
N LYS B 270 7.00 8.25 9.21
CA LYS B 270 8.12 7.86 8.37
C LYS B 270 7.87 8.01 6.87
N HIS B 271 6.83 8.71 6.45
CA HIS B 271 6.55 8.76 5.03
C HIS B 271 7.79 9.23 4.29
N PRO B 272 8.35 8.42 3.38
CA PRO B 272 9.60 8.79 2.71
C PRO B 272 9.43 9.68 1.49
N GLY B 273 8.20 9.83 1.00
CA GLY B 273 7.98 10.55 -0.23
C GLY B 273 8.04 12.06 -0.11
N LEU B 274 7.86 12.62 1.08
CA LEU B 274 7.37 13.99 1.16
C LEU B 274 8.56 14.93 1.32
N GLY B 275 8.39 16.14 0.78
CA GLY B 275 9.35 17.20 0.95
C GLY B 275 8.77 18.48 1.52
N ASN B 276 8.33 19.36 0.60
CA ASN B 276 7.80 20.67 0.97
C ASN B 276 6.52 20.55 1.76
N SER B 277 5.75 19.49 1.53
CA SER B 277 4.44 19.30 2.13
C SER B 277 4.48 19.16 3.66
N ILE B 278 5.63 18.79 4.23
CA ILE B 278 5.83 18.67 5.67
C ILE B 278 6.87 19.66 6.20
N ALA B 279 7.29 20.63 5.40
CA ALA B 279 8.41 21.48 5.79
C ALA B 279 7.99 22.61 6.72
N ALA B 280 8.83 22.85 7.73
CA ALA B 280 8.73 24.07 8.51
C ALA B 280 8.72 25.27 7.58
N GLY B 281 7.76 26.17 7.80
CA GLY B 281 7.48 27.23 6.86
C GLY B 281 6.23 27.01 6.03
N LYS B 282 5.59 25.84 6.18
CA LYS B 282 4.38 25.46 5.46
C LYS B 282 3.52 24.61 6.40
N ALA B 283 4.07 23.50 6.86
CA ALA B 283 3.37 22.59 7.78
C ALA B 283 3.58 23.08 9.20
N ILE B 284 2.52 23.02 10.01
CA ILE B 284 2.56 23.27 11.45
C ILE B 284 1.92 22.08 12.14
N LEU B 285 2.61 21.51 13.14
CA LEU B 285 2.02 20.42 13.93
C LEU B 285 0.72 20.83 14.62
N LEU B 286 -0.28 19.94 14.57
CA LEU B 286 -1.54 20.20 15.26
C LEU B 286 -1.31 20.45 16.74
N GLU B 287 -0.42 19.67 17.34
CA GLU B 287 -0.09 19.86 18.75
C GLU B 287 0.44 21.27 19.00
N ASP B 288 1.18 21.84 18.03
CA ASP B 288 1.71 23.19 18.18
C ASP B 288 0.63 24.26 18.10
N ILE B 289 -0.35 24.08 17.21
CA ILE B 289 -1.49 25.00 17.17
C ILE B 289 -2.16 25.03 18.54
N ILE B 290 -2.42 23.83 19.10
CA ILE B 290 -3.09 23.71 20.41
C ILE B 290 -2.28 24.43 21.48
N GLU B 291 -0.97 24.18 21.51
CA GLU B 291 -0.11 24.75 22.54
C GLU B 291 -0.01 26.26 22.39
N MET B 292 0.03 26.74 21.16
CA MET B 292 0.18 28.16 20.96
C MET B 292 -1.04 28.95 21.43
N LEU B 293 -2.22 28.36 21.35
CA LEU B 293 -3.43 29.06 21.75
C LEU B 293 -3.48 29.40 23.24
N ASN B 294 -2.71 28.69 24.08
CA ASN B 294 -2.55 29.14 25.46
C ASN B 294 -1.95 30.54 25.56
N TYR B 295 -1.18 30.96 24.56
CA TYR B 295 -0.40 32.18 24.69
C TYR B 295 -0.84 33.32 23.78
N LEU B 296 -1.58 33.04 22.73
CA LEU B 296 -1.95 34.05 21.74
C LEU B 296 -3.14 34.89 22.16
N GLY B 297 -3.74 34.62 23.32
CA GLY B 297 -4.86 35.39 23.80
C GLY B 297 -6.16 35.02 23.12
N PRO B 298 -7.25 35.73 23.46
CA PRO B 298 -8.58 35.30 22.99
C PRO B 298 -8.68 35.10 21.50
N GLU B 299 -8.09 35.98 20.68
CA GLU B 299 -8.26 35.90 19.23
C GLU B 299 -7.32 34.88 18.59
N GLY B 300 -6.41 34.31 19.35
CA GLY B 300 -5.60 33.22 18.85
C GLY B 300 -4.65 33.66 17.74
N TYR B 301 -4.68 32.92 16.63
CA TYR B 301 -3.80 33.18 15.50
C TYR B 301 -4.10 34.48 14.76
N MET B 302 -5.22 35.14 15.05
CA MET B 302 -5.37 36.50 14.54
C MET B 302 -4.26 37.41 15.05
N ASN B 303 -3.73 37.12 16.22
CA ASN B 303 -2.71 37.96 16.82
C ASN B 303 -1.30 37.50 16.48
N LYS B 304 -1.15 36.46 15.68
CA LYS B 304 0.16 35.88 15.43
C LYS B 304 0.73 36.46 14.15
N THR B 305 2.04 36.70 14.16
CA THR B 305 2.76 36.97 12.93
C THR B 305 3.30 35.64 12.45
N ILE B 306 2.88 35.20 11.27
CA ILE B 306 3.19 33.86 10.78
C ILE B 306 4.19 34.01 9.64
N THR B 307 5.36 33.41 9.83
CA THR B 307 6.38 33.42 8.81
C THR B 307 6.27 32.12 8.04
N TYR B 308 6.07 32.21 6.73
CA TYR B 308 5.90 30.99 5.96
C TYR B 308 6.32 31.19 4.52
N ALA B 309 6.46 30.06 3.84
CA ALA B 309 6.88 30.04 2.44
C ALA B 309 5.65 30.13 1.56
N ILE B 310 5.63 31.14 0.69
CA ILE B 310 4.52 31.36 -0.24
C ILE B 310 5.05 31.16 -1.66
N GLY B 311 4.22 30.57 -2.50
CA GLY B 311 4.57 30.28 -3.87
C GLY B 311 4.31 31.42 -4.85
N GLU B 312 5.15 31.48 -5.88
CA GLU B 312 5.03 32.54 -6.88
C GLU B 312 3.71 32.44 -7.64
N ASN B 313 3.16 31.24 -7.77
CA ASN B 313 1.89 31.08 -8.48
C ASN B 313 0.69 31.49 -7.63
N HIS B 314 0.87 31.65 -6.32
CA HIS B 314 -0.25 31.99 -5.45
C HIS B 314 -0.75 33.39 -5.74
N ASP B 315 -2.08 33.55 -5.74
CA ASP B 315 -2.65 34.86 -6.02
C ASP B 315 -2.17 35.90 -5.02
N LEU B 316 -1.93 35.50 -3.77
CA LEU B 316 -1.49 36.46 -2.76
C LEU B 316 -0.11 37.04 -3.05
N TRP B 317 0.73 36.35 -3.82
CA TRP B 317 2.07 36.86 -4.14
C TRP B 317 2.01 38.22 -4.81
N LYS B 318 1.36 38.29 -5.96
CA LYS B 318 1.23 39.55 -6.69
C LYS B 318 0.17 40.46 -6.09
N ARG B 319 -0.65 39.96 -5.17
CA ARG B 319 -1.69 40.76 -4.52
C ARG B 319 -1.19 41.55 -3.31
N GLY B 320 0.07 41.43 -2.92
CA GLY B 320 0.58 42.27 -1.85
C GLY B 320 1.68 41.67 -1.00
N LEU B 321 1.85 40.35 -1.05
CA LEU B 321 2.90 39.75 -0.25
C LEU B 321 4.29 40.10 -0.81
N GLU B 322 4.41 40.14 -2.13
CA GLU B 322 5.67 40.54 -2.76
C GLU B 322 6.04 41.96 -2.33
N GLU B 323 5.12 42.89 -2.54
CA GLU B 323 5.40 44.27 -2.19
C GLU B 323 5.74 44.38 -0.71
N GLU B 324 5.06 43.61 0.14
CA GLU B 324 5.32 43.72 1.58
C GLU B 324 6.64 43.09 1.96
N LEU B 325 7.05 42.02 1.27
CA LEU B 325 8.33 41.41 1.55
C LEU B 325 9.48 42.35 1.22
N THR B 326 9.37 43.07 0.10
CA THR B 326 10.47 43.97 -0.24
C THR B 326 10.61 45.07 0.82
N LYS B 327 9.49 45.64 1.26
CA LYS B 327 9.54 46.66 2.31
C LYS B 327 10.07 46.09 3.62
N GLN B 328 9.70 44.86 3.96
CA GLN B 328 10.25 44.26 5.18
C GLN B 328 11.77 44.17 5.10
N LEU B 329 12.30 43.76 3.94
CA LEU B 329 13.75 43.66 3.80
C LEU B 329 14.41 45.02 3.95
N GLU B 330 13.82 46.07 3.36
CA GLU B 330 14.33 47.42 3.58
C GLU B 330 14.32 47.78 5.06
N ARG B 331 13.20 47.54 5.75
CA ARG B 331 13.14 47.89 7.16
C ARG B 331 14.16 47.11 7.99
N ASP B 332 14.43 45.87 7.61
CA ASP B 332 15.41 45.06 8.32
C ASP B 332 16.84 45.32 7.89
N GLY B 333 17.08 46.15 6.86
CA GLY B 333 18.45 46.41 6.46
C GLY B 333 19.11 45.26 5.72
N ILE B 334 18.32 44.49 4.98
CA ILE B 334 18.82 43.34 4.22
C ILE B 334 19.09 43.78 2.78
N PRO B 335 20.26 43.47 2.22
CA PRO B 335 20.52 43.84 0.81
C PRO B 335 19.73 42.96 -0.16
N LYS B 336 19.21 43.57 -1.22
CA LYS B 336 18.44 42.84 -2.20
C LYS B 336 18.67 43.50 -3.56
N ILE B 337 18.40 42.75 -4.61
CA ILE B 337 18.33 43.31 -5.96
C ILE B 337 17.02 44.07 -6.07
N PRO B 338 17.06 45.38 -6.45
CA PRO B 338 15.83 46.19 -6.48
C PRO B 338 14.75 45.75 -7.47
N LYS B 339 13.99 46.73 -7.95
CA LYS B 339 12.87 46.55 -8.89
C LYS B 339 12.28 45.15 -8.83
N GLY C 1 -8.04 -44.95 16.68
CA GLY C 1 -8.58 -43.61 16.82
C GLY C 1 -7.83 -42.63 15.93
N MET C 2 -6.72 -42.10 16.45
CA MET C 2 -5.63 -41.57 15.64
C MET C 2 -5.50 -40.05 15.69
N PHE C 3 -6.01 -39.36 14.67
CA PHE C 3 -5.97 -37.90 14.52
C PHE C 3 -5.51 -37.16 15.76
N ALA C 4 -6.18 -37.34 16.89
CA ALA C 4 -5.76 -36.66 18.11
C ALA C 4 -4.30 -36.97 18.43
N SER C 5 -3.95 -38.26 18.37
CA SER C 5 -2.60 -38.72 18.71
C SER C 5 -1.52 -38.07 17.86
N LEU C 6 -1.76 -37.91 16.55
CA LEU C 6 -0.72 -37.32 15.69
C LEU C 6 -0.51 -35.84 16.01
N ILE C 7 -1.59 -35.11 16.28
CA ILE C 7 -1.47 -33.69 16.60
C ILE C 7 -0.67 -33.51 17.89
N LYS C 8 -0.87 -34.40 18.85
CA LYS C 8 -0.14 -34.27 20.11
C LYS C 8 1.36 -34.42 19.92
N ARG C 9 1.79 -35.27 18.97
CA ARG C 9 3.19 -35.52 18.68
C ARG C 9 3.83 -34.51 17.74
N PHE C 10 3.05 -33.62 17.13
CA PHE C 10 3.61 -32.65 16.21
C PHE C 10 4.68 -31.79 16.88
N GLN C 11 5.82 -31.69 16.23
CA GLN C 11 6.93 -30.84 16.68
C GLN C 11 7.03 -29.66 15.73
N PHE C 12 6.76 -28.46 16.23
CA PHE C 12 6.78 -27.28 15.37
C PHE C 12 8.18 -27.03 14.81
N VAL C 13 8.23 -26.73 13.52
CA VAL C 13 9.47 -26.32 12.87
C VAL C 13 9.39 -24.86 12.39
N SER C 14 8.39 -24.53 11.58
CA SER C 14 8.30 -23.17 11.08
C SER C 14 6.88 -22.90 10.60
N VAL C 15 6.56 -21.62 10.43
CA VAL C 15 5.27 -21.23 9.85
C VAL C 15 5.44 -21.21 8.35
N LEU C 16 4.61 -21.96 7.64
CA LEU C 16 4.73 -21.99 6.19
C LEU C 16 4.03 -20.79 5.58
N ASP C 17 2.90 -20.40 6.12
CA ASP C 17 2.13 -19.34 5.50
C ASP C 17 1.12 -18.84 6.54
N SER C 18 0.78 -17.57 6.44
CA SER C 18 -0.22 -16.98 7.31
C SER C 18 -1.03 -15.96 6.55
N ASN C 19 -2.35 -16.08 6.62
CA ASN C 19 -3.29 -15.20 5.95
C ASN C 19 -4.31 -14.68 6.97
N PRO C 20 -4.11 -13.47 7.49
CA PRO C 20 -5.00 -12.89 8.52
C PRO C 20 -6.35 -12.44 7.97
N GLN C 21 -6.42 -12.26 6.66
CA GLN C 21 -7.66 -11.93 5.98
C GLN C 21 -8.63 -13.09 6.11
N THR C 22 -8.17 -14.32 5.80
CA THR C 22 -8.98 -15.54 5.81
C THR C 22 -8.83 -16.31 7.10
N LYS C 23 -7.92 -15.90 7.98
CA LYS C 23 -7.69 -16.62 9.24
C LYS C 23 -7.24 -18.05 8.98
N VAL C 24 -6.29 -18.22 8.06
CA VAL C 24 -5.70 -19.52 7.73
C VAL C 24 -4.21 -19.44 8.01
N MET C 25 -3.67 -20.52 8.53
CA MET C 25 -2.28 -20.65 8.94
C MET C 25 -1.80 -22.05 8.56
N SER C 26 -0.61 -22.17 7.96
CA SER C 26 -0.05 -23.49 7.70
C SER C 26 1.27 -23.65 8.43
N LEU C 27 1.47 -24.79 9.05
CA LEU C 27 2.67 -25.05 9.84
C LEU C 27 3.41 -26.29 9.34
N LEU C 28 4.73 -26.17 9.23
CA LEU C 28 5.60 -27.32 8.98
C LEU C 28 6.11 -27.87 10.32
N GLY C 29 6.24 -29.19 10.41
CA GLY C 29 6.80 -29.76 11.61
C GLY C 29 7.23 -31.19 11.37
N THR C 30 7.47 -31.90 12.45
CA THR C 30 7.80 -33.31 12.34
C THR C 30 6.97 -34.13 13.31
N ILE C 31 6.70 -35.37 12.91
CA ILE C 31 6.17 -36.39 13.82
C ILE C 31 6.98 -37.65 13.64
N ASP C 32 7.52 -38.16 14.75
CA ASP C 32 8.41 -39.32 14.72
C ASP C 32 9.47 -39.21 13.62
N ASN C 33 10.14 -38.07 13.58
CA ASN C 33 11.22 -37.82 12.63
C ASN C 33 10.78 -37.92 11.16
N LYS C 34 9.50 -37.70 10.86
CA LYS C 34 9.05 -37.52 9.48
C LYS C 34 8.35 -36.17 9.34
N ASP C 35 8.52 -35.52 8.19
CA ASP C 35 7.92 -34.20 7.96
C ASP C 35 6.40 -34.23 8.10
N ALA C 36 5.83 -33.15 8.64
CA ALA C 36 4.38 -33.03 8.79
C ALA C 36 3.96 -31.60 8.51
N ILE C 37 2.79 -31.44 7.88
CA ILE C 37 2.17 -30.13 7.62
C ILE C 37 0.81 -30.09 8.31
N ILE C 38 0.58 -29.07 9.13
CA ILE C 38 -0.72 -28.79 9.72
C ILE C 38 -1.24 -27.48 9.17
N THR C 39 -2.48 -27.48 8.71
CA THR C 39 -3.14 -26.27 8.26
C THR C 39 -4.33 -26.05 9.20
N ALA C 40 -4.45 -24.83 9.70
CA ALA C 40 -5.47 -24.48 10.66
C ALA C 40 -6.29 -23.33 10.10
N GLU C 41 -7.60 -23.38 10.38
CA GLU C 41 -8.51 -22.34 9.89
C GLU C 41 -9.55 -22.08 10.98
N LYS C 42 -9.71 -20.82 11.36
CA LYS C 42 -10.73 -20.50 12.34
C LYS C 42 -12.12 -20.84 11.78
N THR C 43 -13.01 -21.31 12.64
CA THR C 43 -14.36 -21.57 12.17
C THR C 43 -15.12 -20.26 11.94
N HIS C 44 -16.12 -20.34 11.07
CA HIS C 44 -17.07 -19.29 10.82
C HIS C 44 -18.13 -19.24 11.93
N PHE C 45 -18.85 -18.11 11.98
CA PHE C 45 -19.99 -18.03 12.87
C PHE C 45 -21.08 -18.99 12.44
N LEU C 46 -22.01 -19.24 13.36
CA LEU C 46 -23.02 -20.28 13.15
C LEU C 46 -24.41 -19.68 13.14
N PHE C 47 -25.33 -20.36 12.47
CA PHE C 47 -26.73 -19.96 12.44
C PHE C 47 -27.62 -21.15 12.82
N ASP C 48 -28.89 -20.83 13.11
CA ASP C 48 -29.82 -21.86 13.52
C ASP C 48 -29.99 -22.96 12.48
N GLU C 49 -30.07 -24.21 12.95
CA GLU C 49 -30.43 -25.37 12.13
C GLU C 49 -31.93 -25.68 12.25
N THR C 50 -32.78 -24.66 12.12
CA THR C 50 -34.22 -24.83 12.23
C THR C 50 -34.86 -24.96 10.85
N VAL C 51 -36.04 -25.60 10.83
CA VAL C 51 -36.71 -25.97 9.59
C VAL C 51 -38.19 -25.56 9.68
N ARG C 52 -38.89 -25.72 8.54
CA ARG C 52 -40.27 -25.26 8.32
C ARG C 52 -40.58 -24.02 9.12
N ASP C 57 -47.79 -30.61 1.62
CA ASP C 57 -46.73 -31.59 1.40
C ASP C 57 -45.79 -31.63 2.61
N GLY C 58 -45.25 -32.82 2.90
CA GLY C 58 -44.44 -33.01 4.08
C GLY C 58 -42.99 -32.60 3.96
N ARG C 59 -42.71 -31.60 3.12
CA ARG C 59 -41.36 -31.13 2.87
C ARG C 59 -41.08 -29.91 3.74
N SER C 60 -40.20 -30.06 4.72
CA SER C 60 -39.81 -28.95 5.56
C SER C 60 -38.72 -28.13 4.87
N THR C 61 -38.80 -26.82 5.03
CA THR C 61 -37.87 -25.89 4.38
C THR C 61 -37.09 -25.10 5.44
N PRO C 62 -35.76 -25.20 5.49
CA PRO C 62 -35.01 -24.45 6.51
C PRO C 62 -35.17 -22.94 6.35
N VAL C 63 -35.54 -22.28 7.45
CA VAL C 63 -35.47 -20.82 7.56
C VAL C 63 -34.03 -20.43 7.89
N LEU C 64 -33.34 -19.90 6.89
CA LEU C 64 -31.89 -19.73 6.92
C LEU C 64 -31.48 -18.44 7.61
N TYR C 65 -30.48 -18.53 8.49
CA TYR C 65 -29.89 -17.38 9.15
C TYR C 65 -30.70 -16.78 10.31
N ASN C 66 -30.96 -17.57 11.34
CA ASN C 66 -31.70 -17.11 12.50
C ASN C 66 -30.79 -17.19 13.72
N CYS C 67 -31.12 -16.43 14.77
CA CYS C 67 -30.17 -16.29 15.87
C CYS C 67 -30.83 -16.50 17.23
N GLU C 68 -31.73 -17.48 17.34
CA GLU C 68 -32.38 -17.77 18.62
C GLU C 68 -31.59 -18.77 19.47
N ASN C 69 -30.88 -19.70 18.86
CA ASN C 69 -30.29 -20.82 19.58
C ASN C 69 -29.00 -20.45 20.30
N GLU C 70 -28.68 -21.27 21.30
CA GLU C 70 -27.56 -21.05 22.22
C GLU C 70 -26.26 -20.59 21.55
N TYR C 71 -25.83 -21.26 20.49
CA TYR C 71 -24.54 -20.95 19.89
C TYR C 71 -24.63 -20.13 18.60
N SER C 72 -25.84 -19.77 18.18
CA SER C 72 -25.99 -19.04 16.93
C SER C 72 -25.53 -17.59 17.10
N CYS C 73 -24.94 -17.05 16.04
CA CYS C 73 -24.65 -15.61 15.92
C CYS C 73 -23.77 -15.17 17.09
N ILE C 74 -24.22 -14.24 17.94
CA ILE C 74 -23.43 -13.75 19.05
C ILE C 74 -24.05 -14.14 20.38
N ASN C 75 -24.88 -15.19 20.41
CA ASN C 75 -25.51 -15.59 21.67
C ASN C 75 -24.50 -16.19 22.64
N GLY C 76 -23.38 -16.70 22.14
CA GLY C 76 -22.36 -17.30 23.00
C GLY C 76 -21.35 -16.32 23.56
N ILE C 77 -21.55 -15.02 23.36
CA ILE C 77 -20.61 -14.04 23.92
C ILE C 77 -20.60 -14.19 25.43
N GLN C 78 -19.42 -14.46 25.97
CA GLN C 78 -19.27 -14.50 27.41
C GLN C 78 -18.71 -13.21 27.99
N GLU C 79 -17.96 -12.44 27.20
CA GLU C 79 -17.18 -11.32 27.70
C GLU C 79 -16.97 -10.30 26.59
N LEU C 80 -17.18 -9.03 26.91
CA LEU C 80 -16.99 -7.93 25.96
C LEU C 80 -16.01 -6.93 26.57
N LYS C 81 -15.24 -6.28 25.70
CA LYS C 81 -14.33 -5.23 26.14
C LYS C 81 -14.28 -4.19 25.04
N GLU C 82 -14.57 -2.94 25.39
CA GLU C 82 -14.45 -1.84 24.43
C GLU C 82 -12.98 -1.49 24.19
N ILE C 83 -12.65 -1.28 22.91
CA ILE C 83 -11.34 -0.75 22.54
C ILE C 83 -11.42 0.77 22.60
N THR C 84 -12.32 1.34 21.81
CA THR C 84 -12.64 2.76 21.91
C THR C 84 -13.95 2.98 21.18
N SER C 85 -14.43 4.22 21.17
CA SER C 85 -15.70 4.50 20.54
C SER C 85 -15.74 5.99 20.24
N ASN C 86 -16.61 6.37 19.31
CA ASN C 86 -16.78 7.76 18.93
C ASN C 86 -17.97 7.87 17.98
N ASP C 87 -18.75 8.92 18.17
CA ASP C 87 -19.92 9.22 17.33
C ASP C 87 -20.85 8.01 17.44
N ILE C 88 -21.26 7.39 16.33
CA ILE C 88 -22.18 6.26 16.34
C ILE C 88 -21.46 4.92 16.35
N TYR C 89 -20.15 4.95 16.50
CA TYR C 89 -19.32 3.77 16.36
C TYR C 89 -18.77 3.29 17.71
N TYR C 90 -18.81 1.97 17.90
CA TYR C 90 -18.15 1.32 19.04
C TYR C 90 -17.33 0.17 18.49
N TRP C 91 -16.08 0.05 18.95
CA TRP C 91 -15.16 -1.00 18.54
C TRP C 91 -14.69 -1.75 19.78
N GLY C 92 -14.80 -3.07 19.74
CA GLY C 92 -14.37 -3.82 20.90
C GLY C 92 -13.98 -5.24 20.56
N LEU C 93 -13.79 -6.02 21.62
CA LEU C 93 -13.39 -7.41 21.47
C LEU C 93 -14.36 -8.27 22.26
N SER C 94 -14.41 -9.56 21.93
CA SER C 94 -15.32 -10.46 22.60
C SER C 94 -14.66 -11.81 22.79
N VAL C 95 -15.03 -12.47 23.89
CA VAL C 95 -14.75 -13.88 24.11
C VAL C 95 -16.07 -14.62 23.98
N ILE C 96 -16.06 -15.73 23.25
CA ILE C 96 -17.26 -16.48 22.96
C ILE C 96 -17.07 -17.92 23.44
N LYS C 97 -18.13 -18.50 23.96
CA LYS C 97 -18.04 -19.86 24.48
C LYS C 97 -17.74 -20.85 23.36
N GLN C 98 -16.68 -21.64 23.55
CA GLN C 98 -16.32 -22.67 22.59
C GLN C 98 -16.88 -24.02 23.06
N ASP C 99 -17.02 -24.95 22.12
CA ASP C 99 -17.58 -26.26 22.44
C ASP C 99 -17.37 -27.23 21.28
N MET C 100 -16.83 -28.40 21.61
CA MET C 100 -16.42 -29.31 20.54
C MET C 100 -17.60 -29.68 19.64
N GLU C 101 -18.76 -29.99 20.22
CA GLU C 101 -19.92 -30.42 19.43
C GLU C 101 -20.60 -29.25 18.72
N SER C 102 -20.78 -28.13 19.41
CA SER C 102 -21.60 -27.04 18.89
C SER C 102 -20.84 -25.79 18.46
N ASN C 103 -19.59 -25.61 18.86
CA ASN C 103 -18.84 -24.42 18.43
C ASN C 103 -17.34 -24.61 18.52
N PRO C 104 -16.76 -25.43 17.66
CA PRO C 104 -15.31 -25.59 17.67
C PRO C 104 -14.60 -24.30 17.29
N THR C 105 -13.31 -24.23 17.68
CA THR C 105 -12.55 -23.00 17.53
C THR C 105 -11.90 -22.91 16.15
N ALA C 106 -11.36 -24.04 15.67
CA ALA C 106 -10.66 -24.06 14.39
C ALA C 106 -10.61 -25.46 13.81
N LYS C 107 -10.69 -25.53 12.49
CA LYS C 107 -10.49 -26.77 11.74
C LYS C 107 -8.99 -26.99 11.58
N LEU C 108 -8.55 -28.24 11.72
CA LEU C 108 -7.15 -28.58 11.48
C LEU C 108 -7.03 -29.68 10.43
N ASN C 109 -6.11 -29.49 9.49
CA ASN C 109 -5.72 -30.55 8.59
C ASN C 109 -4.31 -30.97 8.95
N LEU C 110 -4.01 -32.23 8.74
CA LEU C 110 -2.68 -32.76 8.98
C LEU C 110 -2.28 -33.54 7.75
N ILE C 111 -1.08 -33.29 7.25
CA ILE C 111 -0.45 -34.09 6.22
C ILE C 111 0.76 -34.75 6.84
N TRP C 112 0.77 -36.07 6.87
CA TRP C 112 1.87 -36.82 7.47
C TRP C 112 1.83 -38.28 7.02
N PRO C 113 2.96 -38.82 6.52
CA PRO C 113 4.18 -38.04 6.31
C PRO C 113 4.05 -37.10 5.12
N ALA C 114 4.46 -35.83 5.26
CA ALA C 114 4.36 -34.90 4.15
C ALA C 114 5.56 -35.05 3.23
N THR C 115 5.31 -35.01 1.93
CA THR C 115 6.38 -35.13 0.96
C THR C 115 6.85 -33.76 0.54
N PRO C 116 8.02 -33.69 -0.10
CA PRO C 116 8.51 -32.39 -0.58
C PRO C 116 7.49 -31.70 -1.48
N ILE C 117 6.78 -32.46 -2.31
CA ILE C 117 5.74 -31.88 -3.15
C ILE C 117 4.69 -31.16 -2.30
N HIS C 118 4.34 -31.74 -1.15
CA HIS C 118 3.35 -31.10 -0.29
C HIS C 118 3.86 -29.81 0.33
N ILE C 119 5.11 -29.81 0.79
CA ILE C 119 5.65 -28.61 1.43
C ILE C 119 5.74 -27.46 0.44
N LYS C 120 6.27 -27.74 -0.74
CA LYS C 120 6.33 -26.75 -1.81
C LYS C 120 4.95 -26.16 -2.13
N LYS C 121 3.89 -26.97 -2.09
CA LYS C 121 2.55 -26.42 -2.36
C LYS C 121 2.09 -25.46 -1.27
N TYR C 122 2.33 -25.80 0.00
CA TYR C 122 1.82 -24.99 1.09
C TYR C 122 2.76 -23.88 1.52
N GLU C 123 4.04 -23.94 1.13
CA GLU C 123 4.94 -22.85 1.46
C GLU C 123 4.53 -21.61 0.67
N GLN C 124 4.68 -20.45 1.30
CA GLN C 124 4.49 -19.17 0.63
C GLN C 124 5.47 -19.02 -0.53
N GLN C 125 4.95 -18.56 -1.68
CA GLN C 125 5.71 -18.51 -2.92
C GLN C 125 5.09 -17.50 -3.87
N ASN C 126 5.87 -17.12 -4.90
CA ASN C 126 5.34 -16.33 -6.00
C ASN C 126 4.52 -17.15 -7.00
N PHE C 127 3.57 -16.49 -7.65
CA PHE C 127 2.75 -17.09 -8.69
C PHE C 127 2.91 -16.38 -10.03
N HIS C 128 2.69 -17.13 -11.10
CA HIS C 128 2.88 -16.63 -12.45
C HIS C 128 1.69 -17.07 -13.30
N LEU C 129 1.12 -16.15 -14.04
CA LEU C 129 0.10 -16.46 -15.04
C LEU C 129 0.78 -17.01 -16.28
N VAL C 130 0.54 -18.29 -16.57
CA VAL C 130 1.16 -18.97 -17.70
C VAL C 130 0.11 -19.20 -18.77
N ARG C 131 0.57 -19.21 -20.02
CA ARG C 131 -0.25 -19.49 -21.18
C ARG C 131 0.29 -20.79 -21.78
N GLU C 132 -0.46 -21.88 -21.61
CA GLU C 132 -0.01 -23.22 -21.96
C GLU C 132 -0.64 -23.67 -23.27
N THR C 133 0.18 -23.71 -24.33
CA THR C 133 -0.28 -24.13 -25.64
C THR C 133 -0.36 -25.66 -25.69
N PRO C 134 -1.07 -26.22 -26.69
CA PRO C 134 -1.02 -27.68 -26.89
C PRO C 134 0.39 -28.26 -26.93
N GLU C 135 1.28 -27.65 -27.71
CA GLU C 135 2.64 -28.17 -27.85
C GLU C 135 3.37 -28.20 -26.52
N MET C 136 3.11 -27.19 -25.66
CA MET C 136 3.73 -27.14 -24.35
C MET C 136 3.30 -28.32 -23.47
N TYR C 137 2.00 -28.64 -23.49
CA TYR C 137 1.49 -29.79 -22.75
C TYR C 137 2.18 -31.08 -23.18
N LYS C 138 2.25 -31.33 -24.49
CA LYS C 138 2.84 -32.58 -24.97
C LYS C 138 4.31 -32.72 -24.57
N ARG C 139 5.09 -31.62 -24.69
CA ARG C 139 6.54 -31.69 -24.43
C ARG C 139 6.88 -31.60 -22.94
N ILE C 140 6.19 -30.75 -22.18
CA ILE C 140 6.60 -30.46 -20.80
C ILE C 140 5.69 -31.14 -19.79
N VAL C 141 4.39 -31.01 -19.97
CA VAL C 141 3.43 -31.39 -18.93
C VAL C 141 3.08 -32.88 -18.99
N GLN C 142 2.73 -33.38 -20.17
CA GLN C 142 2.27 -34.77 -20.30
C GLN C 142 3.25 -35.77 -19.69
N PRO C 143 4.55 -35.67 -19.93
CA PRO C 143 5.47 -36.61 -19.28
C PRO C 143 5.45 -36.49 -17.77
N TYR C 144 5.23 -35.29 -17.24
CA TYR C 144 5.15 -35.13 -15.79
C TYR C 144 3.93 -35.86 -15.22
N ILE C 145 2.79 -35.80 -15.91
CA ILE C 145 1.58 -36.47 -15.43
C ILE C 145 1.83 -37.98 -15.35
N GLU C 146 2.44 -38.52 -16.40
CA GLU C 146 2.72 -39.95 -16.49
C GLU C 146 3.58 -40.43 -15.32
N GLU C 147 4.60 -39.65 -14.96
CA GLU C 147 5.31 -39.90 -13.71
C GLU C 147 4.46 -39.63 -12.47
N MET C 148 3.69 -38.54 -12.46
CA MET C 148 2.93 -38.19 -11.25
C MET C 148 1.64 -38.97 -11.05
N CYS C 149 1.34 -39.97 -11.87
CA CYS C 149 0.19 -40.82 -11.59
C CYS C 149 0.63 -41.90 -10.61
N ASN C 150 1.60 -41.56 -9.76
CA ASN C 150 2.06 -42.43 -8.70
C ASN C 150 0.86 -43.02 -7.96
N ASN C 151 0.90 -44.33 -7.75
CA ASN C 151 -0.03 -44.93 -6.80
C ASN C 151 0.14 -44.29 -5.43
N GLY C 152 1.19 -43.49 -5.25
CA GLY C 152 1.42 -42.71 -4.05
C GLY C 152 0.53 -41.48 -3.98
N ARG C 153 0.74 -40.52 -4.89
CA ARG C 153 -0.01 -39.27 -4.82
C ARG C 153 -1.50 -39.51 -4.89
N LEU C 154 -1.91 -40.55 -5.62
CA LEU C 154 -3.31 -40.86 -5.80
C LEU C 154 -3.81 -41.92 -4.83
N LYS C 155 -2.99 -42.31 -3.84
CA LYS C 155 -3.39 -43.37 -2.93
C LYS C 155 -4.69 -43.03 -2.21
N TRP C 156 -4.97 -41.76 -1.96
CA TRP C 156 -6.20 -41.44 -1.25
C TRP C 156 -7.42 -41.60 -2.15
N VAL C 157 -7.28 -41.26 -3.44
CA VAL C 157 -8.36 -41.51 -4.40
C VAL C 157 -8.71 -43.01 -4.44
N ASN C 158 -7.70 -43.86 -4.58
CA ASN C 158 -8.00 -45.30 -4.60
C ASN C 158 -8.58 -45.77 -3.28
N ASN C 159 -8.16 -45.16 -2.17
CA ASN C 159 -8.73 -45.50 -0.88
C ASN C 159 -10.24 -45.24 -0.84
N ILE C 160 -10.67 -44.08 -1.36
CA ILE C 160 -12.10 -43.77 -1.41
C ILE C 160 -12.83 -44.68 -2.38
N LEU C 161 -12.27 -44.85 -3.59
CA LEU C 161 -12.97 -45.58 -4.64
C LEU C 161 -13.12 -47.07 -4.34
N TYR C 162 -12.08 -47.70 -3.84
CA TYR C 162 -12.06 -49.14 -3.72
C TYR C 162 -11.82 -49.70 -2.33
N GLU C 163 -11.51 -48.85 -1.35
CA GLU C 163 -11.21 -49.37 -0.02
C GLU C 163 -12.15 -48.78 1.03
N GLY C 164 -13.23 -48.12 0.62
CA GLY C 164 -14.17 -47.66 1.61
C GLY C 164 -13.72 -46.48 2.44
N ALA C 165 -12.63 -45.83 2.10
CA ALA C 165 -12.18 -44.74 2.94
C ALA C 165 -13.22 -43.62 2.89
N GLU C 166 -13.55 -43.09 4.06
CA GLU C 166 -14.58 -42.07 4.19
C GLU C 166 -15.94 -42.53 3.70
N SER C 167 -16.14 -43.84 3.59
CA SER C 167 -17.40 -44.33 3.02
C SER C 167 -18.57 -43.82 3.84
N GLU C 168 -18.37 -43.68 5.16
CA GLU C 168 -19.41 -43.17 6.06
C GLU C 168 -19.86 -41.77 5.69
N ARG C 169 -19.04 -41.01 4.98
CA ARG C 169 -19.35 -39.62 4.67
C ARG C 169 -19.91 -39.45 3.25
N VAL C 170 -19.82 -40.48 2.42
CA VAL C 170 -20.24 -40.37 1.03
C VAL C 170 -21.69 -39.98 0.96
N VAL C 171 -22.01 -39.03 0.08
CA VAL C 171 -23.38 -38.60 -0.09
C VAL C 171 -24.02 -39.18 -1.35
N TYR C 172 -23.23 -39.64 -2.31
CA TYR C 172 -23.78 -40.25 -3.50
C TYR C 172 -22.73 -41.17 -4.11
N LYS C 173 -23.17 -42.31 -4.59
CA LYS C 173 -22.27 -43.32 -5.14
C LYS C 173 -23.00 -44.02 -6.27
N ASP C 174 -22.43 -43.97 -7.45
CA ASP C 174 -23.06 -44.48 -8.66
C ASP C 174 -22.01 -45.41 -9.22
N PHE C 175 -22.10 -46.70 -8.87
CA PHE C 175 -21.06 -47.67 -9.21
C PHE C 175 -21.68 -49.05 -9.39
N SER C 176 -21.56 -49.58 -10.60
CA SER C 176 -21.83 -50.98 -10.90
C SER C 176 -20.53 -51.73 -11.15
N GLU C 177 -20.37 -52.86 -10.45
CA GLU C 177 -19.14 -53.64 -10.51
C GLU C 177 -18.78 -53.94 -11.95
N GLU C 178 -19.78 -54.32 -12.74
CA GLU C 178 -19.58 -54.61 -14.15
C GLU C 178 -18.96 -53.41 -14.86
N ASN C 179 -19.75 -52.36 -15.06
CA ASN C 179 -19.29 -51.16 -15.76
C ASN C 179 -18.65 -50.19 -14.76
N LYS C 180 -17.42 -50.54 -14.35
CA LYS C 180 -16.74 -49.78 -13.31
C LYS C 180 -16.12 -48.51 -13.82
N ASP C 181 -16.63 -47.97 -14.92
CA ASP C 181 -15.88 -47.00 -15.71
C ASP C 181 -16.78 -45.78 -15.85
N ASP C 182 -18.09 -46.00 -15.83
CA ASP C 182 -19.05 -44.94 -16.04
C ASP C 182 -19.37 -44.19 -14.75
N GLY C 183 -19.06 -44.80 -13.59
CA GLY C 183 -19.50 -44.32 -12.28
C GLY C 183 -18.64 -43.25 -11.65
N PHE C 184 -19.15 -42.73 -10.53
CA PHE C 184 -18.47 -41.74 -9.69
C PHE C 184 -19.14 -41.71 -8.32
N LEU C 185 -18.51 -41.02 -7.37
CA LEU C 185 -19.12 -40.77 -6.08
C LEU C 185 -18.88 -39.32 -5.67
N ILE C 186 -19.66 -38.87 -4.68
CA ILE C 186 -19.61 -37.51 -4.14
C ILE C 186 -19.49 -37.61 -2.64
N LEU C 187 -18.57 -36.87 -2.05
CA LEU C 187 -18.46 -36.81 -0.59
C LEU C 187 -17.97 -35.43 -0.19
N PRO C 188 -18.03 -35.11 1.12
CA PRO C 188 -17.46 -33.85 1.59
C PRO C 188 -16.00 -33.74 1.20
N ASP C 189 -15.64 -32.54 0.77
CA ASP C 189 -14.28 -32.21 0.47
C ASP C 189 -13.46 -32.07 1.75
N MET C 190 -12.18 -32.47 1.68
CA MET C 190 -11.27 -32.28 2.80
C MET C 190 -11.23 -30.83 3.31
N LYS C 191 -11.56 -29.83 2.47
CA LYS C 191 -11.48 -28.44 2.93
C LYS C 191 -12.64 -28.04 3.84
N TRP C 192 -13.71 -28.84 3.90
CA TRP C 192 -14.95 -28.51 4.58
C TRP C 192 -14.96 -29.04 6.00
N ASP C 193 -15.37 -28.18 6.94
CA ASP C 193 -15.56 -28.60 8.33
C ASP C 193 -16.79 -29.47 8.50
N GLY C 194 -17.66 -29.54 7.49
CA GLY C 194 -18.87 -30.33 7.61
C GLY C 194 -19.99 -29.59 8.33
N MET C 195 -19.64 -28.83 9.37
CA MET C 195 -20.65 -28.06 10.10
C MET C 195 -21.27 -26.96 9.25
N ASN C 196 -20.54 -25.85 9.08
CA ASN C 196 -21.10 -24.61 8.56
C ASN C 196 -21.50 -24.78 7.11
N LEU C 197 -22.80 -24.69 6.83
CA LEU C 197 -23.31 -24.99 5.50
C LEU C 197 -22.92 -23.92 4.47
N ASP C 198 -22.64 -22.69 4.92
CA ASP C 198 -22.16 -21.61 4.04
C ASP C 198 -20.86 -21.98 3.33
N SER C 199 -20.07 -22.86 3.92
CA SER C 199 -18.83 -23.29 3.32
C SER C 199 -18.95 -24.62 2.62
N LEU C 200 -20.17 -25.05 2.29
CA LEU C 200 -20.39 -26.34 1.68
C LEU C 200 -19.40 -26.52 0.55
N TYR C 201 -18.64 -27.60 0.61
CA TYR C 201 -17.66 -27.91 -0.42
C TYR C 201 -17.61 -29.41 -0.61
N LEU C 202 -18.01 -29.90 -1.77
CA LEU C 202 -17.94 -31.34 -2.01
C LEU C 202 -17.04 -31.59 -3.20
N VAL C 203 -16.52 -32.82 -3.30
CA VAL C 203 -15.70 -33.24 -4.42
C VAL C 203 -16.29 -34.52 -5.02
N ALA C 204 -16.48 -34.51 -6.32
CA ALA C 204 -16.92 -35.67 -7.08
C ALA C 204 -15.72 -36.35 -7.74
N ILE C 205 -15.49 -37.62 -7.42
CA ILE C 205 -14.36 -38.39 -7.93
C ILE C 205 -14.92 -39.42 -8.91
N VAL C 206 -14.46 -39.39 -10.16
CA VAL C 206 -14.96 -40.35 -11.13
C VAL C 206 -14.18 -41.65 -11.02
N TYR C 207 -14.77 -42.73 -11.56
CA TYR C 207 -14.13 -44.05 -11.47
C TYR C 207 -13.16 -44.29 -12.60
N ARG C 208 -13.42 -43.71 -13.77
CA ARG C 208 -12.50 -43.88 -14.89
C ARG C 208 -11.14 -43.28 -14.56
N THR C 209 -10.10 -43.88 -15.11
CA THR C 209 -8.74 -43.48 -14.78
C THR C 209 -8.01 -42.86 -15.96
N ASP C 210 -8.65 -42.76 -17.12
CA ASP C 210 -7.99 -42.26 -18.31
C ASP C 210 -8.07 -40.74 -18.44
N ILE C 211 -8.86 -40.06 -17.61
CA ILE C 211 -8.91 -38.61 -17.57
C ILE C 211 -8.13 -38.10 -16.37
N LYS C 212 -6.92 -37.58 -16.62
CA LYS C 212 -6.03 -37.04 -15.60
C LYS C 212 -6.27 -35.56 -15.37
N THR C 213 -6.58 -34.84 -16.45
CA THR C 213 -6.94 -33.43 -16.41
C THR C 213 -7.95 -33.18 -17.53
N ILE C 214 -8.42 -31.94 -17.63
CA ILE C 214 -9.30 -31.57 -18.74
C ILE C 214 -8.63 -31.77 -20.09
N ARG C 215 -7.30 -31.81 -20.15
CA ARG C 215 -6.66 -32.09 -21.43
C ARG C 215 -7.12 -33.42 -22.03
N ASP C 216 -7.50 -34.37 -21.19
CA ASP C 216 -7.91 -35.68 -21.68
C ASP C 216 -9.39 -35.76 -22.07
N LEU C 217 -10.17 -34.72 -21.82
CA LEU C 217 -11.58 -34.71 -22.22
C LEU C 217 -11.71 -34.52 -23.73
N ARG C 218 -12.32 -35.49 -24.42
CA ARG C 218 -12.58 -35.36 -25.84
C ARG C 218 -14.03 -34.99 -26.07
N TYR C 219 -14.34 -34.59 -27.31
CA TYR C 219 -15.72 -34.24 -27.65
C TYR C 219 -16.69 -35.36 -27.28
N SER C 220 -16.28 -36.61 -27.45
CA SER C 220 -17.13 -37.74 -27.12
C SER C 220 -17.47 -37.79 -25.64
N ASP C 221 -16.76 -37.04 -24.82
CA ASP C 221 -16.99 -37.02 -23.38
C ASP C 221 -18.00 -35.96 -22.97
N ARG C 222 -18.53 -35.17 -23.93
CA ARG C 222 -19.38 -34.05 -23.56
C ARG C 222 -20.62 -34.54 -22.83
N GLN C 223 -21.28 -35.56 -23.38
CA GLN C 223 -22.52 -36.05 -22.79
C GLN C 223 -22.27 -36.65 -21.42
N TRP C 224 -21.15 -37.36 -21.25
CA TRP C 224 -20.80 -37.88 -19.94
C TRP C 224 -20.67 -36.76 -18.93
N LEU C 225 -20.04 -35.65 -19.33
CA LEU C 225 -19.90 -34.50 -18.45
C LEU C 225 -21.24 -33.84 -18.15
N ILE C 226 -22.11 -33.73 -19.15
CA ILE C 226 -23.44 -33.15 -18.93
C ILE C 226 -24.21 -33.98 -17.90
N ASN C 227 -24.15 -35.30 -18.01
CA ASN C 227 -24.83 -36.17 -17.05
C ASN C 227 -24.29 -35.93 -15.65
N LEU C 228 -22.98 -35.82 -15.51
CA LEU C 228 -22.42 -35.50 -14.20
C LEU C 228 -22.95 -34.15 -13.71
N ASN C 229 -23.02 -33.15 -14.59
CA ASN C 229 -23.53 -31.84 -14.18
C ASN C 229 -24.96 -31.96 -13.69
N ASN C 230 -25.78 -32.73 -14.41
CA ASN C 230 -27.18 -32.91 -14.05
C ASN C 230 -27.34 -33.71 -12.76
N LYS C 231 -26.58 -34.80 -12.60
CA LYS C 231 -26.67 -35.59 -11.38
C LYS C 231 -26.30 -34.76 -10.16
N ILE C 232 -25.17 -34.04 -10.22
CA ILE C 232 -24.75 -33.23 -9.08
C ILE C 232 -25.86 -32.28 -8.69
N ARG C 233 -26.44 -31.61 -9.67
CA ARG C 233 -27.46 -30.66 -9.33
C ARG C 233 -28.78 -31.30 -8.93
N SER C 234 -29.03 -32.57 -9.36
CA SER C 234 -30.25 -33.28 -8.98
C SER C 234 -30.18 -33.94 -7.61
N ILE C 235 -28.99 -34.17 -7.08
CA ILE C 235 -28.81 -34.97 -5.88
C ILE C 235 -28.42 -34.11 -4.69
N VAL C 236 -27.40 -33.26 -4.86
CA VAL C 236 -26.81 -32.57 -3.73
C VAL C 236 -27.81 -31.73 -2.94
N PRO C 237 -28.68 -30.94 -3.56
CA PRO C 237 -29.61 -30.13 -2.74
C PRO C 237 -30.49 -30.97 -1.83
N GLY C 238 -31.00 -32.10 -2.30
CA GLY C 238 -31.82 -32.95 -1.45
C GLY C 238 -31.07 -33.60 -0.31
N CYS C 239 -29.78 -33.86 -0.48
CA CYS C 239 -28.97 -34.35 0.62
C CYS C 239 -28.88 -33.36 1.76
N TYR C 240 -29.11 -32.07 1.50
CA TYR C 240 -29.00 -31.03 2.51
C TYR C 240 -30.32 -30.30 2.70
N ASN C 241 -31.42 -31.03 2.55
CA ASN C 241 -32.78 -30.53 2.74
C ASN C 241 -33.02 -29.20 2.02
N TYR C 242 -32.45 -29.08 0.81
CA TYR C 242 -32.65 -27.88 -0.01
C TYR C 242 -32.24 -26.60 0.70
N ALA C 243 -31.29 -26.72 1.64
CA ALA C 243 -30.72 -25.51 2.23
C ALA C 243 -29.78 -24.84 1.24
N VAL C 244 -29.31 -25.57 0.24
CA VAL C 244 -28.66 -25.00 -0.92
C VAL C 244 -29.39 -25.55 -2.14
N HIS C 245 -29.69 -24.67 -3.08
CA HIS C 245 -30.47 -25.03 -4.27
C HIS C 245 -29.57 -25.41 -5.42
N PRO C 246 -30.13 -26.04 -6.45
CA PRO C 246 -29.29 -26.48 -7.59
C PRO C 246 -28.60 -25.32 -8.27
N ASP C 247 -29.23 -24.15 -8.30
CA ASP C 247 -28.64 -22.98 -8.92
C ASP C 247 -27.71 -22.23 -7.98
N GLU C 248 -27.42 -22.80 -6.79
CA GLU C 248 -26.52 -22.18 -5.84
C GLU C 248 -25.27 -23.04 -5.66
N LEU C 249 -24.96 -23.87 -6.64
CA LEU C 249 -23.77 -24.70 -6.58
C LEU C 249 -22.80 -24.29 -7.69
N ARG C 250 -21.57 -23.97 -7.29
CA ARG C 250 -20.51 -23.61 -8.23
C ARG C 250 -19.72 -24.88 -8.54
N ILE C 251 -19.89 -25.40 -9.75
CA ILE C 251 -19.37 -26.71 -10.11
C ILE C 251 -18.25 -26.51 -11.13
N LEU C 252 -17.05 -27.01 -10.80
CA LEU C 252 -15.83 -26.59 -11.48
C LEU C 252 -14.74 -27.65 -11.36
N VAL C 253 -13.70 -27.50 -12.20
CA VAL C 253 -12.49 -28.31 -12.19
C VAL C 253 -11.27 -27.38 -12.09
N HIS C 254 -10.11 -27.96 -11.75
CA HIS C 254 -8.87 -27.20 -11.62
C HIS C 254 -7.88 -27.58 -12.72
N TYR C 255 -7.14 -26.58 -13.21
CA TYR C 255 -5.98 -26.78 -14.08
C TYR C 255 -4.96 -25.70 -13.76
N GLN C 256 -3.77 -26.10 -13.29
CA GLN C 256 -3.39 -27.48 -13.01
C GLN C 256 -4.06 -28.01 -11.74
N PRO C 257 -4.48 -29.28 -11.74
CA PRO C 257 -4.94 -29.87 -10.49
C PRO C 257 -3.76 -30.29 -9.63
N SER C 258 -4.01 -30.42 -8.32
CA SER C 258 -2.99 -30.96 -7.43
C SER C 258 -2.84 -32.46 -7.60
N TYR C 259 -3.92 -33.16 -7.95
CA TYR C 259 -3.89 -34.60 -8.11
C TYR C 259 -4.38 -34.98 -9.49
N TYR C 260 -3.65 -35.88 -10.14
CA TYR C 260 -3.93 -36.22 -11.54
C TYR C 260 -4.93 -37.37 -11.65
N HIS C 261 -6.13 -37.09 -11.15
CA HIS C 261 -7.31 -37.92 -11.36
C HIS C 261 -8.51 -36.99 -11.42
N PHE C 262 -9.29 -37.09 -12.50
CA PHE C 262 -10.40 -36.16 -12.71
C PHE C 262 -11.33 -36.08 -11.50
N ASN C 263 -11.39 -34.89 -10.89
CA ASN C 263 -12.26 -34.60 -9.74
C ASN C 263 -13.05 -33.31 -9.99
N ILE C 264 -14.30 -33.27 -9.54
CA ILE C 264 -15.19 -32.11 -9.75
C ILE C 264 -15.51 -31.45 -8.41
N HIS C 265 -15.36 -30.13 -8.36
CA HIS C 265 -15.58 -29.35 -7.16
C HIS C 265 -16.98 -28.76 -7.11
N ILE C 266 -17.63 -28.87 -5.96
CA ILE C 266 -19.01 -28.45 -5.76
C ILE C 266 -19.00 -27.54 -4.54
N VAL C 267 -19.25 -26.27 -4.77
CA VAL C 267 -19.05 -25.22 -3.77
C VAL C 267 -20.30 -24.37 -3.71
N ASN C 268 -20.74 -24.07 -2.49
CA ASN C 268 -21.83 -23.12 -2.33
C ASN C 268 -21.51 -21.82 -3.05
N ILE C 269 -22.44 -21.37 -3.90
CA ILE C 269 -22.23 -20.12 -4.63
C ILE C 269 -22.01 -18.95 -3.67
N LYS C 270 -22.48 -19.09 -2.43
CA LYS C 270 -22.40 -18.12 -1.33
C LYS C 270 -21.00 -18.02 -0.75
N HIS C 271 -20.13 -18.95 -1.13
CA HIS C 271 -18.75 -19.01 -0.65
C HIS C 271 -17.85 -18.13 -1.50
N PRO C 272 -17.27 -17.07 -0.92
CA PRO C 272 -16.37 -16.17 -1.68
C PRO C 272 -15.09 -16.85 -2.16
N GLY C 273 -14.75 -18.02 -1.61
CA GLY C 273 -13.65 -18.83 -2.09
C GLY C 273 -12.39 -18.90 -1.26
N LEU C 274 -11.92 -20.13 -1.08
CA LEU C 274 -10.61 -20.38 -0.50
C LEU C 274 -9.56 -20.34 -1.61
N GLY C 275 -8.39 -19.80 -1.27
CA GLY C 275 -7.27 -19.63 -2.18
C GLY C 275 -7.73 -19.28 -3.58
N ASN C 276 -7.31 -20.09 -4.55
CA ASN C 276 -7.69 -19.95 -5.95
C ASN C 276 -8.80 -20.90 -6.34
N SER C 277 -9.41 -21.58 -5.37
CA SER C 277 -10.29 -22.70 -5.68
C SER C 277 -11.46 -22.33 -6.59
N ILE C 278 -11.92 -21.10 -6.54
CA ILE C 278 -12.97 -20.72 -7.46
C ILE C 278 -12.54 -19.61 -8.41
N ALA C 279 -11.24 -19.28 -8.43
CA ALA C 279 -10.78 -18.11 -9.14
C ALA C 279 -10.55 -18.40 -10.62
N ALA C 280 -10.98 -17.46 -11.48
CA ALA C 280 -10.53 -17.48 -12.86
C ALA C 280 -9.01 -17.52 -12.91
N GLY C 281 -8.47 -18.41 -13.73
CA GLY C 281 -7.05 -18.65 -13.68
C GLY C 281 -6.68 -19.92 -12.94
N LYS C 282 -7.67 -20.64 -12.38
CA LYS C 282 -7.38 -21.89 -11.69
C LYS C 282 -8.58 -22.79 -11.92
N ALA C 283 -9.74 -22.32 -11.49
CA ALA C 283 -11.03 -23.00 -11.64
C ALA C 283 -11.65 -22.72 -13.00
N ILE C 284 -12.24 -23.74 -13.59
CA ILE C 284 -13.03 -23.61 -14.82
C ILE C 284 -14.37 -24.27 -14.55
N LEU C 285 -15.46 -23.53 -14.80
CA LEU C 285 -16.79 -24.08 -14.59
C LEU C 285 -17.04 -25.29 -15.46
N LEU C 286 -17.65 -26.32 -14.87
CA LEU C 286 -18.00 -27.51 -15.64
C LEU C 286 -18.90 -27.15 -16.81
N GLU C 287 -19.86 -26.24 -16.59
CA GLU C 287 -20.72 -25.81 -17.69
C GLU C 287 -19.92 -25.24 -18.83
N ASP C 288 -18.85 -24.49 -18.51
CA ASP C 288 -17.98 -23.91 -19.52
C ASP C 288 -17.15 -24.97 -20.25
N ILE C 289 -16.70 -25.99 -19.52
CA ILE C 289 -16.01 -27.13 -20.13
C ILE C 289 -16.90 -27.78 -21.17
N ILE C 290 -18.16 -28.04 -20.79
CA ILE C 290 -19.12 -28.68 -21.68
C ILE C 290 -19.29 -27.87 -22.96
N GLU C 291 -19.48 -26.55 -22.82
CA GLU C 291 -19.72 -25.71 -23.98
C GLU C 291 -18.49 -25.66 -24.89
N MET C 292 -17.29 -25.63 -24.31
CA MET C 292 -16.10 -25.51 -25.14
C MET C 292 -15.83 -26.74 -26.00
N LEU C 293 -16.23 -27.92 -25.57
CA LEU C 293 -15.98 -29.12 -26.37
C LEU C 293 -16.71 -29.12 -27.71
N ASN C 294 -17.81 -28.36 -27.84
CA ASN C 294 -18.45 -28.15 -29.13
C ASN C 294 -17.53 -27.47 -30.15
N TYR C 295 -16.55 -26.70 -29.67
CA TYR C 295 -15.76 -25.84 -30.53
C TYR C 295 -14.30 -26.24 -30.67
N LEU C 296 -13.76 -27.07 -29.78
CA LEU C 296 -12.35 -27.44 -29.89
C LEU C 296 -12.14 -28.48 -30.98
N GLY C 297 -12.79 -29.63 -30.87
CA GLY C 297 -12.69 -30.65 -31.89
C GLY C 297 -12.76 -32.05 -31.30
N PRO C 298 -12.47 -33.07 -32.12
CA PRO C 298 -12.38 -34.44 -31.54
C PRO C 298 -11.41 -34.55 -30.38
N GLU C 299 -10.27 -33.85 -30.46
CA GLU C 299 -9.27 -33.97 -29.41
C GLU C 299 -9.57 -33.06 -28.22
N GLY C 300 -10.60 -32.24 -28.32
CA GLY C 300 -11.10 -31.56 -27.16
C GLY C 300 -10.07 -30.54 -26.72
N TYR C 301 -9.72 -30.58 -25.44
CA TYR C 301 -8.77 -29.68 -24.80
C TYR C 301 -7.33 -29.87 -25.27
N MET C 302 -7.05 -30.93 -26.04
CA MET C 302 -5.74 -31.03 -26.66
C MET C 302 -5.48 -29.86 -27.61
N ASN C 303 -6.53 -29.27 -28.19
CA ASN C 303 -6.33 -28.14 -29.10
C ASN C 303 -6.37 -26.78 -28.43
N LYS C 304 -6.56 -26.70 -27.12
CA LYS C 304 -6.76 -25.42 -26.47
C LYS C 304 -5.47 -24.93 -25.86
N THR C 305 -5.25 -23.62 -25.95
CA THR C 305 -4.22 -22.94 -25.17
C THR C 305 -4.86 -22.48 -23.88
N ILE C 306 -4.40 -23.02 -22.76
CA ILE C 306 -5.03 -22.82 -21.47
C ILE C 306 -4.13 -21.91 -20.64
N THR C 307 -4.68 -20.77 -20.23
CA THR C 307 -3.97 -19.80 -19.41
C THR C 307 -4.36 -20.02 -17.96
N TYR C 308 -3.35 -20.21 -17.11
CA TYR C 308 -3.61 -20.40 -15.69
C TYR C 308 -2.44 -19.93 -14.84
N ALA C 309 -2.69 -19.84 -13.54
CA ALA C 309 -1.71 -19.42 -12.55
C ALA C 309 -1.01 -20.63 -11.95
N ILE C 310 0.32 -20.64 -11.98
CA ILE C 310 1.12 -21.71 -11.38
C ILE C 310 2.11 -21.11 -10.38
N GLY C 311 2.38 -21.87 -9.32
CA GLY C 311 3.36 -21.45 -8.32
C GLY C 311 4.80 -21.80 -8.69
N GLU C 312 5.71 -20.93 -8.26
CA GLU C 312 7.13 -21.12 -8.55
C GLU C 312 7.68 -22.39 -7.93
N ASN C 313 7.08 -22.86 -6.84
CA ASN C 313 7.54 -24.12 -6.26
C ASN C 313 7.05 -25.33 -7.03
N HIS C 314 6.10 -25.15 -7.94
CA HIS C 314 5.59 -26.29 -8.70
C HIS C 314 6.65 -26.93 -9.57
N ASP C 315 6.64 -28.26 -9.65
CA ASP C 315 7.67 -28.96 -10.42
C ASP C 315 7.68 -28.53 -11.88
N LEU C 316 6.51 -28.21 -12.44
CA LEU C 316 6.43 -27.79 -13.83
C LEU C 316 7.10 -26.45 -14.12
N TRP C 317 7.26 -25.58 -13.13
CA TRP C 317 7.91 -24.29 -13.37
C TRP C 317 9.31 -24.49 -13.94
N LYS C 318 10.17 -25.18 -13.18
CA LYS C 318 11.54 -25.45 -13.64
C LYS C 318 11.60 -26.54 -14.69
N ARG C 319 10.52 -27.26 -14.90
CA ARG C 319 10.55 -28.29 -15.92
C ARG C 319 10.28 -27.72 -17.31
N GLY C 320 10.01 -26.41 -17.41
CA GLY C 320 9.93 -25.78 -18.71
C GLY C 320 8.98 -24.60 -18.89
N LEU C 321 8.02 -24.39 -17.98
CA LEU C 321 7.09 -23.26 -18.17
C LEU C 321 7.80 -21.93 -17.97
N GLU C 322 8.73 -21.87 -17.03
CA GLU C 322 9.49 -20.64 -16.85
C GLU C 322 10.18 -20.31 -18.16
N GLU C 323 10.96 -21.26 -18.69
CA GLU C 323 11.68 -20.99 -19.92
C GLU C 323 10.70 -20.58 -21.01
N GLU C 324 9.52 -21.21 -21.05
CA GLU C 324 8.55 -20.91 -22.11
C GLU C 324 7.85 -19.57 -21.88
N LEU C 325 7.60 -19.21 -20.63
CA LEU C 325 7.01 -17.90 -20.34
C LEU C 325 7.93 -16.75 -20.72
N THR C 326 9.24 -16.89 -20.50
CA THR C 326 10.16 -15.82 -20.86
C THR C 326 10.09 -15.59 -22.37
N LYS C 327 10.12 -16.68 -23.14
CA LYS C 327 10.02 -16.59 -24.59
C LYS C 327 8.66 -16.02 -25.01
N GLN C 328 7.59 -16.40 -24.30
CA GLN C 328 6.29 -15.82 -24.61
C GLN C 328 6.26 -14.31 -24.38
N LEU C 329 6.83 -13.85 -23.24
CA LEU C 329 6.90 -12.43 -23.00
C LEU C 329 7.71 -11.70 -24.07
N GLU C 330 8.87 -12.25 -24.47
CA GLU C 330 9.66 -11.73 -25.55
C GLU C 330 8.84 -11.65 -26.84
N ARG C 331 8.16 -12.75 -27.21
CA ARG C 331 7.38 -12.76 -28.44
C ARG C 331 6.24 -11.77 -28.41
N ASP C 332 5.63 -11.54 -27.24
CA ASP C 332 4.57 -10.56 -27.08
C ASP C 332 5.07 -9.13 -26.99
N GLY C 333 6.37 -8.89 -26.99
CA GLY C 333 6.87 -7.53 -26.93
C GLY C 333 6.70 -6.89 -25.57
N ILE C 334 6.75 -7.70 -24.52
CA ILE C 334 6.66 -7.20 -23.16
C ILE C 334 8.11 -6.89 -22.82
N PRO C 335 8.42 -5.71 -22.28
CA PRO C 335 9.83 -5.39 -22.01
C PRO C 335 10.41 -6.36 -21.01
N LYS C 336 11.70 -6.63 -21.18
CA LYS C 336 12.45 -7.35 -20.16
C LYS C 336 12.54 -6.52 -18.90
N ILE C 337 12.39 -7.18 -17.75
CA ILE C 337 12.51 -6.48 -16.48
C ILE C 337 13.97 -6.09 -16.33
N PRO C 338 14.28 -4.81 -16.13
CA PRO C 338 15.69 -4.40 -16.04
C PRO C 338 16.39 -5.12 -14.89
N LYS C 339 17.71 -4.99 -14.87
CA LYS C 339 18.48 -5.65 -13.81
C LYS C 339 18.13 -5.06 -12.45
N ILE C 340 18.17 -3.72 -12.34
CA ILE C 340 17.67 -2.99 -11.18
C ILE C 340 16.53 -3.71 -10.40
N GLY D 1 -20.48 -1.79 31.72
CA GLY D 1 -19.88 -0.78 30.88
C GLY D 1 -20.75 -0.33 29.73
N MET D 2 -20.43 0.83 29.14
CA MET D 2 -21.25 1.39 28.07
C MET D 2 -21.41 0.41 26.91
N PHE D 3 -20.29 -0.01 26.34
CA PHE D 3 -20.27 -0.93 25.20
C PHE D 3 -21.07 -2.19 25.48
N ALA D 4 -20.71 -2.90 26.56
CA ALA D 4 -21.42 -4.13 26.95
C ALA D 4 -22.92 -3.88 27.08
N SER D 5 -23.29 -2.79 27.76
CA SER D 5 -24.69 -2.47 27.99
C SER D 5 -25.46 -2.33 26.68
N LEU D 6 -24.85 -1.73 25.68
CA LEU D 6 -25.52 -1.56 24.39
C LEU D 6 -25.74 -2.90 23.68
N ILE D 7 -24.79 -3.81 23.75
CA ILE D 7 -24.94 -5.09 23.07
C ILE D 7 -26.10 -5.89 23.66
N LYS D 8 -26.31 -5.81 24.99
CA LYS D 8 -27.41 -6.53 25.61
C LYS D 8 -28.77 -6.05 25.13
N ARG D 9 -28.90 -4.78 24.79
CA ARG D 9 -30.17 -4.23 24.31
C ARG D 9 -30.43 -4.51 22.83
N PHE D 10 -29.43 -5.01 22.09
CA PHE D 10 -29.61 -5.29 20.68
C PHE D 10 -30.73 -6.29 20.45
N GLN D 11 -31.65 -5.94 19.54
CA GLN D 11 -32.77 -6.79 19.16
C GLN D 11 -32.56 -7.26 17.73
N PHE D 12 -32.29 -8.56 17.55
CA PHE D 12 -31.96 -9.07 16.22
C PHE D 12 -33.11 -8.89 15.25
N VAL D 13 -32.79 -8.44 14.04
CA VAL D 13 -33.76 -8.37 12.94
C VAL D 13 -33.39 -9.31 11.81
N SER D 14 -32.18 -9.20 11.27
CA SER D 14 -31.82 -10.06 10.17
C SER D 14 -30.31 -10.07 10.00
N VAL D 15 -29.84 -11.07 9.28
CA VAL D 15 -28.42 -11.19 8.98
C VAL D 15 -28.19 -10.44 7.68
N LEU D 16 -27.33 -9.43 7.73
CA LEU D 16 -27.00 -8.64 6.56
C LEU D 16 -26.00 -9.35 5.67
N ASP D 17 -25.05 -10.06 6.28
CA ASP D 17 -23.92 -10.64 5.56
C ASP D 17 -23.33 -11.78 6.37
N SER D 18 -22.95 -12.84 5.67
CA SER D 18 -22.18 -13.93 6.25
C SER D 18 -21.11 -14.31 5.24
N ASN D 19 -19.86 -14.24 5.66
CA ASN D 19 -18.76 -14.47 4.73
C ASN D 19 -17.81 -15.51 5.32
N PRO D 20 -17.87 -16.74 4.81
CA PRO D 20 -17.01 -17.81 5.36
C PRO D 20 -15.56 -17.67 4.95
N GLN D 21 -15.27 -16.91 3.87
CA GLN D 21 -13.88 -16.66 3.50
C GLN D 21 -13.17 -15.85 4.58
N THR D 22 -13.76 -14.73 4.98
CA THR D 22 -13.10 -13.87 5.95
C THR D 22 -13.55 -14.14 7.38
N LYS D 23 -14.55 -15.00 7.59
CA LYS D 23 -15.08 -15.26 8.94
C LYS D 23 -15.67 -14.00 9.56
N VAL D 24 -16.52 -13.35 8.78
CA VAL D 24 -17.22 -12.14 9.17
C VAL D 24 -18.73 -12.36 9.15
N MET D 25 -19.40 -11.73 10.10
CA MET D 25 -20.85 -11.78 10.22
C MET D 25 -21.32 -10.39 10.61
N SER D 26 -22.33 -9.89 9.90
CA SER D 26 -22.98 -8.63 10.22
C SER D 26 -24.46 -8.88 10.47
N LEU D 27 -24.98 -8.25 11.52
CA LEU D 27 -26.35 -8.40 11.97
C LEU D 27 -27.04 -7.05 11.96
N LEU D 28 -28.25 -7.02 11.42
CA LEU D 28 -29.11 -5.86 11.51
C LEU D 28 -29.99 -6.04 12.73
N GLY D 29 -30.24 -4.95 13.43
CA GLY D 29 -31.09 -4.99 14.59
C GLY D 29 -31.55 -3.62 14.99
N THR D 30 -32.01 -3.53 16.23
CA THR D 30 -32.42 -2.27 16.80
C THR D 30 -31.86 -2.19 18.21
N ILE D 31 -31.59 -0.96 18.64
CA ILE D 31 -31.34 -0.66 20.05
C ILE D 31 -32.20 0.53 20.39
N ASP D 32 -33.02 0.39 21.44
CA ASP D 32 -34.00 1.40 21.80
C ASP D 32 -34.78 1.84 20.56
N ASN D 33 -35.23 0.85 19.79
CA ASN D 33 -36.03 1.05 18.58
C ASN D 33 -35.35 1.92 17.52
N LYS D 34 -34.03 2.03 17.58
CA LYS D 34 -33.24 2.65 16.52
C LYS D 34 -32.34 1.58 15.89
N ASP D 35 -32.15 1.68 14.57
CA ASP D 35 -31.38 0.67 13.86
C ASP D 35 -29.96 0.55 14.41
N ALA D 36 -29.46 -0.68 14.45
CA ALA D 36 -28.12 -0.95 14.92
C ALA D 36 -27.53 -2.03 14.02
N ILE D 37 -26.24 -1.91 13.74
CA ILE D 37 -25.52 -2.92 12.98
C ILE D 37 -24.37 -3.41 13.84
N ILE D 38 -24.29 -4.73 14.00
CA ILE D 38 -23.17 -5.35 14.67
C ILE D 38 -22.41 -6.14 13.63
N THR D 39 -21.11 -5.94 13.58
CA THR D 39 -20.26 -6.71 12.69
C THR D 39 -19.30 -7.49 13.57
N ALA D 40 -19.15 -8.77 13.31
CA ALA D 40 -18.24 -9.60 14.08
C ALA D 40 -17.26 -10.29 13.14
N GLU D 41 -16.02 -10.42 13.59
CA GLU D 41 -14.98 -11.05 12.80
C GLU D 41 -14.09 -11.86 13.73
N LYS D 42 -13.89 -13.14 13.42
CA LYS D 42 -13.02 -13.95 14.25
C LYS D 42 -11.61 -13.40 14.24
N THR D 43 -10.91 -13.52 15.37
CA THR D 43 -9.52 -13.12 15.36
C THR D 43 -8.71 -14.14 14.57
N HIS D 44 -7.54 -13.71 14.12
CA HIS D 44 -6.58 -14.56 13.46
C HIS D 44 -5.79 -15.36 14.49
N PHE D 45 -5.13 -16.40 14.03
CA PHE D 45 -4.17 -17.05 14.90
C PHE D 45 -3.04 -16.09 15.25
N LEU D 46 -2.31 -16.41 16.32
CA LEU D 46 -1.32 -15.50 16.86
C LEU D 46 0.07 -16.11 16.73
N PHE D 47 1.07 -15.26 16.68
CA PHE D 47 2.45 -15.69 16.64
C PHE D 47 3.23 -14.97 17.74
N ASP D 48 4.42 -15.47 18.05
CA ASP D 48 5.24 -14.83 19.07
C ASP D 48 5.65 -13.43 18.62
N GLU D 49 5.68 -12.49 19.56
CA GLU D 49 6.20 -11.16 19.26
C GLU D 49 7.70 -11.06 19.56
N PRO D 62 8.04 -13.59 6.93
CA PRO D 62 6.70 -14.17 6.66
C PRO D 62 6.65 -15.70 6.88
N VAL D 63 7.85 -16.26 6.97
CA VAL D 63 8.13 -17.67 7.24
C VAL D 63 9.39 -17.60 8.08
N LEU D 64 9.24 -16.94 9.24
CA LEU D 64 10.25 -16.77 10.27
C LEU D 64 9.54 -16.43 11.59
N TYR D 65 8.21 -16.55 11.58
CA TYR D 65 7.43 -16.32 12.79
C TYR D 65 7.63 -17.52 13.72
N ASN D 66 7.34 -17.32 15.00
CA ASN D 66 7.60 -18.38 15.98
C ASN D 66 6.37 -18.74 16.81
N CYS D 67 6.40 -19.94 17.38
CA CYS D 67 5.25 -20.56 18.06
C CYS D 67 5.65 -21.10 19.42
N GLU D 68 6.45 -20.34 20.14
CA GLU D 68 6.90 -20.74 21.46
C GLU D 68 5.98 -20.29 22.58
N ASN D 69 5.27 -19.17 22.43
CA ASN D 69 4.52 -18.56 23.52
C ASN D 69 3.16 -19.23 23.77
N GLU D 70 2.67 -19.06 25.00
CA GLU D 70 1.47 -19.73 25.49
C GLU D 70 0.28 -19.76 24.52
N TYR D 71 -0.07 -18.61 23.93
CA TYR D 71 -1.26 -18.50 23.08
C TYR D 71 -0.95 -18.50 21.59
N SER D 72 0.30 -18.65 21.20
CA SER D 72 0.67 -18.61 19.80
C SER D 72 0.28 -19.89 19.08
N CYS D 73 -0.10 -19.75 17.82
CA CYS D 73 -0.29 -20.87 16.88
C CYS D 73 -1.31 -21.85 17.44
N ILE D 74 -0.96 -23.11 17.68
CA ILE D 74 -1.93 -24.08 18.17
C ILE D 74 -1.57 -24.54 19.59
N ASN D 75 -0.84 -23.73 20.33
CA ASN D 75 -0.50 -24.12 21.70
C ASN D 75 -1.71 -24.13 22.61
N GLY D 76 -2.76 -23.40 22.29
CA GLY D 76 -3.91 -23.31 23.15
C GLY D 76 -4.94 -24.40 22.94
N ILE D 77 -4.65 -25.41 22.12
CA ILE D 77 -5.63 -26.48 21.87
C ILE D 77 -5.98 -27.21 23.17
N GLN D 78 -7.27 -27.20 23.53
CA GLN D 78 -7.77 -27.96 24.67
C GLN D 78 -8.42 -29.28 24.29
N GLU D 79 -8.94 -29.39 23.06
CA GLU D 79 -9.82 -30.50 22.69
C GLU D 79 -9.76 -30.72 21.19
N LEU D 80 -9.69 -31.99 20.80
CA LEU D 80 -9.63 -32.38 19.40
C LEU D 80 -10.75 -33.37 19.10
N LYS D 81 -11.25 -33.32 17.86
CA LYS D 81 -12.24 -34.29 17.40
C LYS D 81 -11.97 -34.54 15.92
N GLU D 82 -11.84 -35.80 15.56
CA GLU D 82 -11.57 -36.15 14.17
C GLU D 82 -12.82 -36.01 13.31
N ILE D 83 -12.64 -35.45 12.12
CA ILE D 83 -13.72 -35.45 11.14
C ILE D 83 -13.63 -36.74 10.36
N THR D 84 -12.50 -36.96 9.69
CA THR D 84 -12.23 -38.23 9.03
C THR D 84 -10.74 -38.24 8.70
N SER D 85 -10.30 -39.31 8.04
CA SER D 85 -8.92 -39.38 7.58
C SER D 85 -8.81 -40.31 6.39
N ASN D 86 -7.70 -40.21 5.67
CA ASN D 86 -7.50 -41.04 4.49
C ASN D 86 -6.01 -41.01 4.18
N ASP D 87 -5.33 -42.16 4.27
CA ASP D 87 -3.92 -42.27 3.92
C ASP D 87 -3.13 -41.27 4.77
N ILE D 88 -2.41 -40.32 4.18
CA ILE D 88 -1.58 -39.40 4.95
C ILE D 88 -2.33 -38.13 5.30
N TYR D 89 -3.63 -38.05 5.01
CA TYR D 89 -4.43 -36.87 5.29
C TYR D 89 -5.36 -37.15 6.47
N TYR D 90 -5.32 -36.27 7.46
CA TYR D 90 -6.17 -36.37 8.63
C TYR D 90 -6.75 -34.98 8.86
N TRP D 91 -8.05 -34.91 9.12
CA TRP D 91 -8.58 -33.60 9.48
C TRP D 91 -9.71 -33.73 10.47
N GLY D 92 -9.85 -32.67 11.26
CA GLY D 92 -10.69 -32.65 12.44
C GLY D 92 -10.94 -31.23 12.89
N LEU D 93 -11.44 -31.12 14.11
CA LEU D 93 -11.82 -29.86 14.70
C LEU D 93 -11.11 -29.76 16.04
N SER D 94 -10.98 -28.54 16.53
CA SER D 94 -10.22 -28.29 17.75
C SER D 94 -10.92 -27.21 18.55
N VAL D 95 -10.75 -27.29 19.86
CA VAL D 95 -11.09 -26.19 20.77
C VAL D 95 -9.80 -25.59 21.31
N ILE D 96 -9.72 -24.26 21.32
CA ILE D 96 -8.53 -23.54 21.74
C ILE D 96 -8.90 -22.63 22.90
N LYS D 97 -7.98 -22.52 23.87
CA LYS D 97 -8.20 -21.70 25.05
C LYS D 97 -8.34 -20.25 24.64
N GLN D 98 -9.45 -19.63 25.04
CA GLN D 98 -9.74 -18.23 24.80
C GLN D 98 -9.35 -17.39 26.01
N ASP D 99 -9.17 -16.09 25.76
CA ASP D 99 -8.77 -15.17 26.83
C ASP D 99 -8.89 -13.72 26.36
N MET D 100 -9.54 -12.86 27.15
CA MET D 100 -9.80 -11.50 26.68
C MET D 100 -8.50 -10.76 26.37
N GLU D 101 -7.50 -10.87 27.26
CA GLU D 101 -6.23 -10.15 27.08
C GLU D 101 -5.35 -10.76 26.01
N SER D 102 -5.21 -12.09 25.98
CA SER D 102 -4.20 -12.72 25.16
C SER D 102 -4.74 -13.46 23.94
N ASN D 103 -6.01 -13.79 23.90
CA ASN D 103 -6.54 -14.47 22.72
C ASN D 103 -8.05 -14.28 22.66
N PRO D 104 -8.52 -13.06 22.46
CA PRO D 104 -9.96 -12.84 22.32
C PRO D 104 -10.47 -13.61 21.10
N THR D 105 -11.78 -13.86 21.09
CA THR D 105 -12.42 -14.72 20.10
C THR D 105 -12.78 -13.94 18.84
N ALA D 106 -13.27 -12.71 18.96
CA ALA D 106 -13.73 -12.00 17.77
C ALA D 106 -13.71 -10.48 17.96
N LYS D 107 -13.44 -9.79 16.85
CA LYS D 107 -13.61 -8.36 16.82
C LYS D 107 -15.11 -8.12 16.76
N LEU D 108 -15.58 -7.10 17.48
CA LEU D 108 -17.01 -6.81 17.46
C LEU D 108 -17.25 -5.31 17.41
N ASN D 109 -17.93 -4.85 16.35
CA ASN D 109 -18.23 -3.44 16.16
C ASN D 109 -19.73 -3.20 16.19
N LEU D 110 -20.09 -1.99 16.60
CA LEU D 110 -21.48 -1.58 16.67
C LEU D 110 -21.58 -0.26 15.93
N ILE D 111 -22.58 -0.14 15.07
CA ILE D 111 -22.94 1.14 14.49
C ILE D 111 -24.33 1.44 15.03
N TRP D 112 -24.43 2.52 15.77
CA TRP D 112 -25.72 2.85 16.36
C TRP D 112 -25.72 4.28 16.87
N PRO D 113 -26.69 5.09 16.46
CA PRO D 113 -27.70 4.60 15.51
C PRO D 113 -27.16 4.55 14.08
N ALA D 114 -27.43 3.43 13.41
CA ALA D 114 -26.95 3.23 12.05
C ALA D 114 -27.92 3.86 11.06
N THR D 115 -27.37 4.45 9.99
CA THR D 115 -28.16 5.07 8.95
C THR D 115 -28.41 4.13 7.78
N PRO D 116 -29.39 4.46 6.93
CA PRO D 116 -29.63 3.65 5.73
C PRO D 116 -28.39 3.43 4.90
N ILE D 117 -27.55 4.44 4.77
CA ILE D 117 -26.30 4.29 4.04
C ILE D 117 -25.45 3.17 4.65
N HIS D 118 -25.45 3.07 5.98
CA HIS D 118 -24.70 2.00 6.63
C HIS D 118 -25.31 0.63 6.36
N ILE D 119 -26.64 0.53 6.38
CA ILE D 119 -27.27 -0.76 6.17
C ILE D 119 -27.04 -1.24 4.74
N LYS D 120 -27.29 -0.36 3.78
CA LYS D 120 -27.04 -0.67 2.37
C LYS D 120 -25.58 -1.07 2.15
N LYS D 121 -24.67 -0.46 2.91
CA LYS D 121 -23.25 -0.80 2.80
C LYS D 121 -22.95 -2.22 3.25
N TYR D 122 -23.56 -2.69 4.32
CA TYR D 122 -23.17 -3.97 4.87
C TYR D 122 -23.95 -5.17 4.33
N GLU D 123 -25.13 -4.95 3.75
CA GLU D 123 -25.89 -6.07 3.21
C GLU D 123 -25.19 -6.63 1.97
N GLN D 124 -24.94 -7.94 2.00
CA GLN D 124 -24.35 -8.68 0.88
C GLN D 124 -25.47 -9.47 0.22
N GLN D 125 -25.62 -9.32 -1.09
CA GLN D 125 -26.67 -10.02 -1.83
C GLN D 125 -26.36 -11.49 -2.11
N ASN D 126 -27.42 -12.26 -2.39
CA ASN D 126 -27.33 -13.65 -2.82
C ASN D 126 -27.23 -13.81 -4.34
N PHE D 127 -26.52 -14.86 -4.78
CA PHE D 127 -26.27 -15.12 -6.19
C PHE D 127 -26.93 -16.41 -6.70
N HIS D 128 -27.14 -16.46 -8.01
CA HIS D 128 -27.72 -17.62 -8.69
C HIS D 128 -26.94 -17.88 -9.97
N LEU D 129 -26.57 -19.14 -10.20
CA LEU D 129 -25.95 -19.55 -11.46
C LEU D 129 -26.99 -19.65 -12.57
N VAL D 130 -26.84 -18.84 -13.61
CA VAL D 130 -27.67 -18.90 -14.80
C VAL D 130 -26.86 -19.39 -16.00
N ARG D 131 -27.56 -19.98 -16.95
CA ARG D 131 -26.96 -20.40 -18.21
C ARG D 131 -27.65 -19.54 -19.26
N GLU D 132 -26.93 -18.56 -19.79
CA GLU D 132 -27.50 -17.55 -20.67
C GLU D 132 -27.13 -17.86 -22.12
N THR D 133 -28.09 -18.33 -22.88
CA THR D 133 -27.87 -18.67 -24.27
C THR D 133 -27.86 -17.44 -25.15
N PRO D 134 -27.36 -17.57 -26.38
CA PRO D 134 -27.49 -16.46 -27.34
C PRO D 134 -28.91 -15.91 -27.41
N GLU D 135 -29.91 -16.78 -27.49
CA GLU D 135 -31.28 -16.32 -27.54
C GLU D 135 -31.65 -15.49 -26.31
N MET D 136 -31.16 -15.88 -25.13
CA MET D 136 -31.50 -15.16 -23.91
C MET D 136 -30.95 -13.73 -23.92
N TYR D 137 -29.69 -13.56 -24.33
CA TYR D 137 -29.12 -12.21 -24.38
C TYR D 137 -29.96 -11.31 -25.28
N LYS D 138 -30.28 -11.79 -26.48
CA LYS D 138 -31.04 -10.95 -27.40
C LYS D 138 -32.41 -10.61 -26.81
N ARG D 139 -33.09 -11.58 -26.18
CA ARG D 139 -34.44 -11.30 -25.71
C ARG D 139 -34.46 -10.54 -24.38
N ILE D 140 -33.60 -10.90 -23.44
CA ILE D 140 -33.70 -10.39 -22.08
C ILE D 140 -32.65 -9.34 -21.79
N VAL D 141 -31.39 -9.60 -22.15
CA VAL D 141 -30.28 -8.77 -21.71
C VAL D 141 -30.06 -7.59 -22.65
N GLN D 142 -30.01 -7.85 -23.96
CA GLN D 142 -29.69 -6.79 -24.92
C GLN D 142 -30.63 -5.59 -24.77
N PRO D 143 -31.94 -5.76 -24.69
CA PRO D 143 -32.80 -4.60 -24.47
C PRO D 143 -32.49 -3.88 -23.17
N TYR D 144 -32.12 -4.58 -22.11
CA TYR D 144 -31.79 -3.90 -20.87
C TYR D 144 -30.55 -3.01 -21.01
N ILE D 145 -29.53 -3.49 -21.72
CA ILE D 145 -28.31 -2.69 -21.85
C ILE D 145 -28.62 -1.43 -22.63
N GLU D 146 -29.38 -1.58 -23.71
CA GLU D 146 -29.75 -0.46 -24.56
C GLU D 146 -30.55 0.58 -23.78
N GLU D 147 -31.49 0.13 -22.95
CA GLU D 147 -32.23 1.04 -22.07
C GLU D 147 -31.28 1.89 -21.25
N MET D 148 -30.14 1.33 -20.83
CA MET D 148 -29.21 2.04 -19.95
C MET D 148 -28.44 3.06 -20.82
N CYS D 149 -28.88 4.31 -20.81
CA CYS D 149 -28.22 5.39 -21.57
C CYS D 149 -27.75 6.59 -20.73
N LYS D 155 -23.97 5.93 -16.29
CA LYS D 155 -23.44 6.65 -17.45
C LYS D 155 -22.50 7.85 -17.12
N TRP D 156 -21.95 7.82 -15.91
CA TRP D 156 -21.02 8.84 -15.41
C TRP D 156 -19.62 8.67 -16.03
N VAL D 157 -19.20 7.42 -16.23
CA VAL D 157 -18.07 7.00 -17.07
C VAL D 157 -17.57 8.10 -17.98
N ASN D 158 -18.51 8.78 -18.65
CA ASN D 158 -18.16 9.84 -19.59
C ASN D 158 -17.43 11.00 -18.93
N ASN D 159 -17.70 11.28 -17.65
CA ASN D 159 -16.91 12.31 -16.98
C ASN D 159 -15.43 11.95 -16.97
N ILE D 160 -15.11 10.69 -16.71
CA ILE D 160 -13.72 10.24 -16.73
C ILE D 160 -13.13 10.25 -18.13
N LEU D 161 -13.87 9.73 -19.12
CA LEU D 161 -13.34 9.57 -20.48
C LEU D 161 -13.14 10.91 -21.21
N TYR D 162 -14.11 11.81 -21.09
CA TYR D 162 -14.18 13.03 -21.90
C TYR D 162 -14.19 14.33 -21.11
N GLU D 163 -14.23 14.30 -19.78
CA GLU D 163 -14.34 15.55 -19.04
C GLU D 163 -13.24 15.82 -18.03
N GLY D 164 -12.12 15.09 -18.04
CA GLY D 164 -11.10 15.55 -17.12
C GLY D 164 -11.32 15.32 -15.65
N ALA D 165 -12.31 14.51 -15.25
CA ALA D 165 -12.55 14.33 -13.83
C ALA D 165 -11.35 13.67 -13.15
N GLU D 166 -11.62 12.74 -12.25
CA GLU D 166 -10.66 11.95 -11.48
C GLU D 166 -9.23 11.85 -12.02
N SER D 167 -8.80 12.81 -12.86
CA SER D 167 -7.46 12.80 -13.46
C SER D 167 -6.33 12.75 -12.43
N GLU D 168 -6.53 13.35 -11.26
CA GLU D 168 -5.50 13.22 -10.24
C GLU D 168 -5.24 11.75 -9.87
N ARG D 169 -6.21 10.88 -10.04
CA ARG D 169 -6.09 9.47 -9.68
C ARG D 169 -5.68 8.60 -10.87
N VAL D 170 -5.84 9.12 -12.09
CA VAL D 170 -5.54 8.38 -13.30
C VAL D 170 -4.09 7.95 -13.24
N VAL D 171 -3.86 6.72 -13.67
CA VAL D 171 -2.56 6.08 -13.65
C VAL D 171 -1.90 6.15 -15.01
N TYR D 172 -2.66 6.31 -16.10
CA TYR D 172 -2.01 6.39 -17.40
C TYR D 172 -2.68 7.17 -18.53
N LYS D 173 -3.80 6.75 -19.09
CA LYS D 173 -4.39 7.51 -20.20
C LYS D 173 -3.58 7.67 -21.49
N ASP D 174 -4.21 7.25 -22.58
CA ASP D 174 -3.74 7.43 -23.94
C ASP D 174 -4.05 8.83 -24.43
N PHE D 175 -3.12 9.42 -25.17
CA PHE D 175 -3.30 10.78 -25.65
C PHE D 175 -3.20 10.89 -27.16
N SER D 176 -2.53 9.96 -27.84
CA SER D 176 -2.24 10.19 -29.24
C SER D 176 -3.46 9.96 -30.15
N GLU D 177 -3.49 10.71 -31.25
CA GLU D 177 -4.56 10.53 -32.22
C GLU D 177 -4.74 9.07 -32.67
N GLU D 178 -3.65 8.29 -32.78
CA GLU D 178 -3.82 6.88 -33.13
C GLU D 178 -4.49 6.07 -32.00
N ASN D 179 -4.02 6.24 -30.77
CA ASN D 179 -4.67 5.68 -29.58
C ASN D 179 -5.91 6.48 -29.16
N LYS D 180 -6.63 7.06 -30.12
CA LYS D 180 -7.87 7.77 -29.78
C LYS D 180 -9.03 6.80 -29.59
N ASP D 181 -9.14 5.80 -30.47
CA ASP D 181 -10.23 4.81 -30.44
C ASP D 181 -9.81 3.52 -29.76
N ASP D 182 -8.59 3.05 -30.01
CA ASP D 182 -8.10 1.78 -29.48
C ASP D 182 -7.35 1.98 -28.16
N GLY D 183 -7.28 3.22 -27.69
CA GLY D 183 -6.57 3.55 -26.47
C GLY D 183 -7.42 3.31 -25.24
N PHE D 184 -6.81 3.62 -24.09
CA PHE D 184 -7.47 3.50 -22.79
C PHE D 184 -6.70 4.32 -21.77
N LEU D 185 -7.26 4.38 -20.56
CA LEU D 185 -6.58 4.89 -19.38
C LEU D 185 -6.80 3.89 -18.25
N ILE D 186 -5.97 3.99 -17.23
CA ILE D 186 -5.99 3.09 -16.08
C ILE D 186 -6.07 3.92 -14.81
N LEU D 187 -6.93 3.52 -13.90
CA LEU D 187 -6.94 4.21 -12.61
C LEU D 187 -7.22 3.22 -11.50
N PRO D 188 -6.88 3.57 -10.27
CA PRO D 188 -7.09 2.67 -9.14
C PRO D 188 -8.55 2.44 -8.81
N ASP D 189 -8.81 1.30 -8.19
CA ASP D 189 -10.09 1.03 -7.57
C ASP D 189 -9.82 0.99 -6.07
N MET D 190 -10.71 1.59 -5.28
CA MET D 190 -10.60 1.70 -3.82
C MET D 190 -9.43 0.95 -3.18
N LYS D 191 -8.25 1.56 -3.15
CA LYS D 191 -7.04 0.97 -2.57
C LYS D 191 -6.64 -0.36 -3.27
N ASN D 196 1.45 -4.22 0.75
CA ASN D 196 0.35 -3.40 0.25
C ASN D 196 0.30 -3.47 -1.27
N LEU D 197 1.46 -3.70 -1.89
CA LEU D 197 1.50 -3.87 -3.35
C LEU D 197 0.80 -5.15 -3.80
N ASP D 198 0.67 -6.12 -2.88
CA ASP D 198 -0.12 -7.33 -3.08
C ASP D 198 -1.57 -7.00 -3.43
N SER D 199 -2.06 -5.85 -3.00
CA SER D 199 -3.45 -5.48 -3.23
C SER D 199 -3.62 -4.55 -4.43
N LEU D 200 -2.66 -4.55 -5.36
CA LEU D 200 -2.83 -3.76 -6.58
C LEU D 200 -4.10 -4.11 -7.31
N TYR D 201 -4.92 -3.11 -7.55
CA TYR D 201 -6.19 -3.32 -8.26
C TYR D 201 -6.43 -2.09 -9.12
N LEU D 202 -6.36 -2.27 -10.45
CA LEU D 202 -6.58 -1.17 -11.38
C LEU D 202 -7.70 -1.54 -12.34
N VAL D 203 -8.30 -0.52 -12.93
CA VAL D 203 -9.33 -0.75 -13.94
C VAL D 203 -8.92 0.08 -15.14
N ALA D 204 -8.84 -0.57 -16.28
CA ALA D 204 -8.60 0.08 -17.56
C ALA D 204 -9.92 0.29 -18.27
N ILE D 205 -10.25 1.56 -18.55
CA ILE D 205 -11.47 1.92 -19.25
C ILE D 205 -11.06 2.33 -20.66
N VAL D 206 -11.61 1.63 -21.65
CA VAL D 206 -11.29 1.87 -23.05
C VAL D 206 -12.06 3.07 -23.58
N TYR D 207 -11.59 3.60 -24.70
CA TYR D 207 -12.19 4.80 -25.26
C TYR D 207 -13.33 4.44 -26.19
N ARG D 208 -13.30 3.23 -26.76
CA ARG D 208 -14.42 2.76 -27.56
C ARG D 208 -15.70 2.85 -26.75
N THR D 209 -16.79 3.23 -27.43
CA THR D 209 -18.08 3.41 -26.77
C THR D 209 -19.16 2.42 -27.21
N ASP D 210 -18.86 1.54 -28.17
CA ASP D 210 -19.85 0.61 -28.72
C ASP D 210 -19.82 -0.78 -28.14
N ILE D 211 -18.85 -1.12 -27.29
CA ILE D 211 -18.79 -2.41 -26.62
C ILE D 211 -19.27 -2.20 -25.20
N LYS D 212 -20.50 -2.64 -24.94
CA LYS D 212 -21.14 -2.50 -23.64
C LYS D 212 -20.86 -3.68 -22.73
N THR D 213 -20.76 -4.89 -23.31
CA THR D 213 -20.33 -6.10 -22.60
C THR D 213 -19.54 -6.98 -23.57
N ILE D 214 -19.04 -8.11 -23.05
CA ILE D 214 -18.35 -9.06 -23.93
C ILE D 214 -19.23 -9.57 -25.05
N ARG D 215 -20.55 -9.48 -24.89
CA ARG D 215 -21.44 -9.90 -25.97
C ARG D 215 -21.17 -9.14 -27.26
N ASP D 216 -20.69 -7.90 -27.16
CA ASP D 216 -20.44 -7.10 -28.36
C ASP D 216 -19.10 -7.34 -29.00
N LEU D 217 -18.22 -8.13 -28.37
CA LEU D 217 -16.93 -8.45 -28.96
C LEU D 217 -17.06 -9.45 -30.09
N ARG D 218 -16.65 -9.05 -31.29
CA ARG D 218 -16.65 -9.90 -32.46
C ARG D 218 -15.24 -10.44 -32.70
N TYR D 219 -15.14 -11.41 -33.60
CA TYR D 219 -13.84 -11.96 -33.97
C TYR D 219 -12.89 -10.85 -34.40
N SER D 220 -13.42 -9.82 -35.08
CA SER D 220 -12.63 -8.69 -35.56
C SER D 220 -12.00 -7.85 -34.44
N ASP D 221 -12.42 -8.02 -33.20
CA ASP D 221 -11.87 -7.29 -32.07
C ASP D 221 -10.69 -8.01 -31.43
N ARG D 222 -10.31 -9.19 -31.93
CA ARG D 222 -9.29 -10.00 -31.28
C ARG D 222 -7.94 -9.27 -31.23
N GLN D 223 -7.50 -8.69 -32.35
CA GLN D 223 -6.19 -8.03 -32.33
C GLN D 223 -6.18 -6.81 -31.41
N TRP D 224 -7.27 -6.06 -31.40
CA TRP D 224 -7.42 -4.96 -30.44
C TRP D 224 -7.34 -5.46 -29.00
N LEU D 225 -7.98 -6.60 -28.70
CA LEU D 225 -7.92 -7.17 -27.35
C LEU D 225 -6.53 -7.68 -27.01
N ILE D 226 -5.86 -8.30 -27.97
CA ILE D 226 -4.48 -8.73 -27.75
C ILE D 226 -3.60 -7.54 -27.43
N ASN D 227 -3.76 -6.44 -28.19
CA ASN D 227 -2.95 -5.24 -27.97
C ASN D 227 -3.17 -4.66 -26.58
N LEU D 228 -4.42 -4.63 -26.12
CA LEU D 228 -4.68 -4.13 -24.77
C LEU D 228 -3.97 -4.98 -23.72
N ASN D 229 -4.00 -6.31 -23.89
CA ASN D 229 -3.36 -7.17 -22.91
C ASN D 229 -1.86 -6.93 -22.86
N ASN D 230 -1.23 -6.77 -24.03
CA ASN D 230 0.21 -6.50 -24.09
C ASN D 230 0.58 -5.11 -23.57
N LYS D 231 -0.18 -4.07 -23.92
CA LYS D 231 0.10 -2.73 -23.39
C LYS D 231 0.02 -2.71 -21.87
N ILE D 232 -1.06 -3.26 -21.31
CA ILE D 232 -1.22 -3.27 -19.85
C ILE D 232 -0.01 -3.90 -19.20
N ARG D 233 0.42 -5.06 -19.71
CA ARG D 233 1.52 -5.74 -19.02
C ARG D 233 2.83 -5.04 -19.28
N SER D 234 2.90 -4.25 -20.36
CA SER D 234 4.08 -3.48 -20.68
C SER D 234 4.14 -2.16 -19.92
N ILE D 235 3.01 -1.69 -19.40
CA ILE D 235 2.90 -0.35 -18.82
C ILE D 235 2.82 -0.40 -17.31
N VAL D 236 1.92 -1.21 -16.77
CA VAL D 236 1.67 -1.15 -15.33
C VAL D 236 2.93 -1.39 -14.54
N PRO D 237 3.80 -2.35 -14.88
CA PRO D 237 4.99 -2.55 -14.03
C PRO D 237 5.85 -1.31 -13.95
N GLY D 238 6.00 -0.58 -15.06
CA GLY D 238 6.79 0.64 -15.04
C GLY D 238 6.16 1.72 -14.17
N CYS D 239 4.83 1.72 -14.06
CA CYS D 239 4.18 2.62 -13.12
C CYS D 239 4.50 2.26 -11.67
N TYR D 240 4.96 1.04 -11.39
CA TYR D 240 5.27 0.62 -10.03
C TYR D 240 6.72 0.21 -9.91
N ASN D 241 7.58 0.89 -10.67
CA ASN D 241 9.00 0.67 -10.67
C ASN D 241 9.34 -0.81 -10.82
N TYR D 242 8.56 -1.52 -11.62
CA TYR D 242 8.79 -2.93 -11.88
C TYR D 242 8.82 -3.72 -10.58
N ALA D 243 8.10 -3.24 -9.56
CA ALA D 243 7.85 -4.03 -8.36
C ALA D 243 6.87 -5.16 -8.60
N VAL D 244 6.01 -5.04 -9.60
CA VAL D 244 5.13 -6.12 -10.03
C VAL D 244 5.49 -6.44 -11.46
N HIS D 245 5.59 -7.75 -11.80
CA HIS D 245 6.04 -8.17 -13.11
C HIS D 245 4.84 -8.37 -14.05
N PRO D 246 5.08 -8.40 -15.37
CA PRO D 246 3.96 -8.55 -16.32
C PRO D 246 3.20 -9.86 -16.17
N ASP D 247 3.88 -10.92 -15.77
CA ASP D 247 3.24 -12.20 -15.56
C ASP D 247 2.62 -12.34 -14.18
N GLU D 248 2.60 -11.26 -13.39
CA GLU D 248 1.98 -11.27 -12.07
C GLU D 248 0.71 -10.43 -12.01
N LEU D 249 0.08 -10.16 -13.15
CA LEU D 249 -1.18 -9.45 -13.22
C LEU D 249 -2.28 -10.39 -13.72
N ARG D 250 -3.36 -10.51 -12.93
CA ARG D 250 -4.53 -11.27 -13.34
C ARG D 250 -5.48 -10.29 -14.02
N ILE D 251 -5.59 -10.41 -15.34
CA ILE D 251 -6.29 -9.45 -16.17
C ILE D 251 -7.55 -10.13 -16.66
N LEU D 252 -8.69 -9.51 -16.37
CA LEU D 252 -9.95 -10.20 -16.50
C LEU D 252 -11.08 -9.20 -16.72
N VAL D 253 -12.21 -9.72 -17.19
CA VAL D 253 -13.44 -8.97 -17.38
C VAL D 253 -14.55 -9.67 -16.62
N HIS D 254 -15.67 -8.97 -16.47
CA HIS D 254 -16.84 -9.46 -15.77
C HIS D 254 -18.07 -9.55 -16.66
N TYR D 255 -18.87 -10.59 -16.42
CA TYR D 255 -20.19 -10.70 -17.01
C TYR D 255 -21.03 -11.38 -15.94
N GLN D 256 -22.04 -10.67 -15.44
CA GLN D 256 -22.34 -9.30 -15.82
C GLN D 256 -21.29 -8.35 -15.26
N PRO D 257 -20.90 -7.36 -16.06
CA PRO D 257 -19.95 -6.34 -15.60
C PRO D 257 -20.61 -5.36 -14.65
N SER D 258 -19.79 -4.71 -13.84
CA SER D 258 -20.36 -3.78 -12.87
C SER D 258 -20.89 -2.52 -13.54
N TYR D 259 -20.31 -2.11 -14.66
CA TYR D 259 -20.88 -1.03 -15.48
C TYR D 259 -20.80 -1.41 -16.95
N TYR D 260 -21.81 -0.98 -17.72
CA TYR D 260 -21.95 -1.42 -19.10
C TYR D 260 -21.19 -0.49 -20.04
N HIS D 261 -19.88 -0.45 -19.78
CA HIS D 261 -18.91 0.15 -20.69
C HIS D 261 -17.65 -0.66 -20.53
N PHE D 262 -17.17 -1.25 -21.62
CA PHE D 262 -16.10 -2.25 -21.55
C PHE D 262 -14.92 -1.74 -20.74
N ASN D 263 -14.48 -2.57 -19.78
CA ASN D 263 -13.37 -2.23 -18.91
C ASN D 263 -12.70 -3.50 -18.43
N ILE D 264 -11.41 -3.43 -18.19
CA ILE D 264 -10.62 -4.62 -17.88
C ILE D 264 -10.02 -4.43 -16.49
N HIS D 265 -10.17 -5.44 -15.65
CA HIS D 265 -9.67 -5.38 -14.28
C HIS D 265 -8.28 -6.00 -14.22
N ILE D 266 -7.38 -5.34 -13.47
CA ILE D 266 -5.98 -5.72 -13.41
C ILE D 266 -5.61 -5.87 -11.93
N VAL D 267 -5.34 -7.11 -11.51
CA VAL D 267 -5.26 -7.45 -10.09
C VAL D 267 -3.97 -8.24 -9.83
N ASN D 268 -3.28 -7.90 -8.74
CA ASN D 268 -2.13 -8.69 -8.32
C ASN D 268 -2.53 -10.15 -8.21
N ILE D 269 -1.75 -11.02 -8.84
CA ILE D 269 -2.05 -12.45 -8.81
C ILE D 269 -2.12 -12.96 -7.38
N LYS D 270 -1.46 -12.27 -6.45
CA LYS D 270 -1.36 -12.65 -5.04
C LYS D 270 -2.34 -11.88 -4.18
N HIS D 271 -3.26 -11.14 -4.78
CA HIS D 271 -4.13 -10.27 -4.01
C HIS D 271 -4.89 -11.06 -2.95
N PRO D 272 -4.69 -10.76 -1.66
CA PRO D 272 -5.34 -11.56 -0.61
C PRO D 272 -6.79 -11.16 -0.33
N GLY D 273 -7.24 -10.02 -0.85
CA GLY D 273 -8.52 -9.48 -0.46
C GLY D 273 -9.74 -10.10 -1.14
N LEU D 274 -9.57 -10.72 -2.29
CA LEU D 274 -10.69 -10.80 -3.22
C LEU D 274 -11.45 -12.12 -3.07
N GLY D 275 -12.75 -12.06 -3.36
CA GLY D 275 -13.59 -13.25 -3.41
C GLY D 275 -14.31 -13.40 -4.74
N ASN D 276 -15.54 -12.90 -4.81
CA ASN D 276 -16.37 -13.07 -6.00
C ASN D 276 -15.83 -12.35 -7.23
N SER D 277 -15.11 -11.24 -7.04
CA SER D 277 -14.61 -10.42 -8.15
C SER D 277 -13.61 -11.14 -9.04
N ILE D 278 -12.96 -12.18 -8.53
CA ILE D 278 -12.05 -12.97 -9.34
C ILE D 278 -12.56 -14.39 -9.55
N ALA D 279 -13.80 -14.66 -9.15
CA ALA D 279 -14.32 -16.02 -9.14
C ALA D 279 -14.81 -16.46 -10.52
N ALA D 280 -14.49 -17.70 -10.88
CA ALA D 280 -15.13 -18.35 -12.01
C ALA D 280 -16.65 -18.29 -11.91
N GLY D 281 -17.29 -17.93 -13.00
CA GLY D 281 -18.70 -17.64 -12.97
C GLY D 281 -19.00 -16.16 -12.98
N LYS D 282 -17.97 -15.32 -12.91
CA LYS D 282 -18.09 -13.87 -12.93
C LYS D 282 -16.89 -13.30 -13.67
N ALA D 283 -15.70 -13.61 -13.15
CA ALA D 283 -14.45 -13.19 -13.77
C ALA D 283 -14.09 -14.18 -14.88
N ILE D 284 -13.64 -13.63 -16.00
CA ILE D 284 -13.07 -14.40 -17.10
C ILE D 284 -11.72 -13.80 -17.43
N LEU D 285 -10.69 -14.63 -17.48
CA LEU D 285 -9.38 -14.11 -17.85
C LEU D 285 -9.44 -13.48 -19.23
N LEU D 286 -8.79 -12.32 -19.36
CA LEU D 286 -8.72 -11.64 -20.65
C LEU D 286 -8.10 -12.52 -21.71
N GLU D 287 -7.04 -13.26 -21.34
CA GLU D 287 -6.41 -14.16 -22.30
C GLU D 287 -7.40 -15.20 -22.82
N ASP D 288 -8.29 -15.67 -21.95
CA ASP D 288 -9.32 -16.62 -22.39
C ASP D 288 -10.37 -15.97 -23.30
N ILE D 289 -10.78 -14.73 -23.00
CA ILE D 289 -11.67 -14.00 -23.91
C ILE D 289 -11.06 -13.87 -25.30
N ILE D 290 -9.79 -13.42 -25.37
CA ILE D 290 -9.13 -13.22 -26.66
C ILE D 290 -9.07 -14.53 -27.45
N GLU D 291 -8.61 -15.60 -26.79
CA GLU D 291 -8.46 -16.90 -27.43
C GLU D 291 -9.79 -17.50 -27.84
N MET D 292 -10.81 -17.26 -27.01
CA MET D 292 -12.11 -17.87 -27.24
C MET D 292 -12.73 -17.37 -28.54
N LEU D 293 -12.38 -16.15 -28.96
CA LEU D 293 -12.89 -15.59 -30.22
C LEU D 293 -12.42 -16.38 -31.45
N ASN D 294 -11.34 -17.15 -31.34
CA ASN D 294 -10.96 -18.05 -32.42
C ASN D 294 -12.04 -19.08 -32.73
N TYR D 295 -12.90 -19.40 -31.77
CA TYR D 295 -13.82 -20.50 -31.95
C TYR D 295 -15.28 -20.07 -32.04
N LEU D 296 -15.60 -18.86 -31.61
CA LEU D 296 -17.00 -18.39 -31.58
C LEU D 296 -17.49 -17.86 -32.92
N GLY D 297 -16.66 -17.83 -33.96
CA GLY D 297 -17.10 -17.39 -35.26
C GLY D 297 -17.23 -15.89 -35.37
N PRO D 298 -17.71 -15.42 -36.53
CA PRO D 298 -17.63 -13.97 -36.80
C PRO D 298 -18.29 -13.12 -35.73
N GLU D 299 -19.44 -13.53 -35.21
CA GLU D 299 -20.16 -12.69 -34.26
C GLU D 299 -19.60 -12.85 -32.85
N GLY D 300 -18.68 -13.79 -32.66
CA GLY D 300 -17.96 -13.87 -31.41
C GLY D 300 -18.86 -14.33 -30.28
N TYR D 301 -18.85 -13.58 -29.18
CA TYR D 301 -19.58 -13.92 -27.98
C TYR D 301 -21.10 -13.81 -28.13
N MET D 302 -21.58 -13.25 -29.25
CA MET D 302 -23.01 -13.34 -29.55
C MET D 302 -23.49 -14.78 -29.73
N ASN D 303 -22.62 -15.70 -30.15
CA ASN D 303 -23.00 -17.08 -30.35
C ASN D 303 -22.72 -17.97 -29.15
N LYS D 304 -22.23 -17.41 -28.06
CA LYS D 304 -21.82 -18.19 -26.90
C LYS D 304 -22.94 -18.27 -25.88
N THR D 305 -23.09 -19.44 -25.26
CA THR D 305 -23.91 -19.57 -24.07
C THR D 305 -22.99 -19.38 -22.87
N ILE D 306 -23.25 -18.33 -22.08
CA ILE D 306 -22.36 -17.93 -20.99
C ILE D 306 -23.08 -18.28 -19.69
N THR D 307 -22.45 -19.15 -18.90
CA THR D 307 -22.98 -19.52 -17.59
C THR D 307 -22.29 -18.64 -16.57
N TYR D 308 -23.05 -17.89 -15.79
CA TYR D 308 -22.44 -17.01 -14.81
C TYR D 308 -23.35 -16.77 -13.63
N ALA D 309 -22.77 -16.20 -12.59
CA ALA D 309 -23.47 -15.89 -11.36
C ALA D 309 -24.08 -14.50 -11.47
N ILE D 310 -25.39 -14.42 -11.31
CA ILE D 310 -26.12 -13.17 -11.34
C ILE D 310 -26.67 -12.92 -9.95
N GLY D 311 -26.67 -11.67 -9.54
CA GLY D 311 -27.12 -11.31 -8.22
C GLY D 311 -28.61 -11.08 -8.15
N GLU D 312 -29.15 -11.38 -6.98
CA GLU D 312 -30.59 -11.20 -6.77
C GLU D 312 -30.97 -9.73 -6.90
N ASN D 313 -30.04 -8.82 -6.60
CA ASN D 313 -30.33 -7.40 -6.71
C ASN D 313 -30.33 -6.89 -8.15
N HIS D 314 -29.77 -7.66 -9.07
CA HIS D 314 -29.68 -7.21 -10.46
C HIS D 314 -31.05 -7.13 -11.12
N ASP D 315 -31.25 -6.08 -11.92
CA ASP D 315 -32.54 -5.90 -12.57
C ASP D 315 -32.89 -7.10 -13.45
N LEU D 316 -31.88 -7.75 -14.04
CA LEU D 316 -32.09 -8.89 -14.91
C LEU D 316 -32.69 -10.09 -14.19
N TRP D 317 -32.52 -10.21 -12.87
CA TRP D 317 -33.08 -11.34 -12.15
C TRP D 317 -34.59 -11.43 -12.37
N LYS D 318 -35.33 -10.37 -12.00
CA LYS D 318 -36.77 -10.35 -12.21
C LYS D 318 -37.18 -10.06 -13.65
N ARG D 319 -36.27 -9.63 -14.52
CA ARG D 319 -36.69 -9.36 -15.90
C ARG D 319 -36.69 -10.60 -16.78
N GLY D 320 -36.29 -11.76 -16.27
CA GLY D 320 -36.45 -12.98 -17.02
C GLY D 320 -35.46 -14.11 -16.76
N LEU D 321 -34.31 -13.84 -16.15
CA LEU D 321 -33.38 -14.94 -15.95
C LEU D 321 -33.93 -15.89 -14.89
N GLU D 322 -34.57 -15.35 -13.85
CA GLU D 322 -35.19 -16.21 -12.87
C GLU D 322 -36.22 -17.09 -13.56
N GLU D 323 -37.15 -16.45 -14.28
CA GLU D 323 -38.18 -17.22 -14.96
C GLU D 323 -37.54 -18.21 -15.92
N GLU D 324 -36.48 -17.79 -16.58
CA GLU D 324 -35.80 -18.63 -17.57
C GLU D 324 -35.01 -19.77 -16.93
N LEU D 325 -34.43 -19.53 -15.74
CA LEU D 325 -33.67 -20.57 -15.06
C LEU D 325 -34.54 -21.76 -14.65
N THR D 326 -35.77 -21.51 -14.21
CA THR D 326 -36.62 -22.64 -13.80
C THR D 326 -36.90 -23.54 -14.98
N LYS D 327 -37.19 -22.97 -16.16
CA LYS D 327 -37.43 -23.81 -17.33
C LYS D 327 -36.18 -24.62 -17.68
N GLN D 328 -35.00 -24.04 -17.52
CA GLN D 328 -33.78 -24.80 -17.78
C GLN D 328 -33.67 -25.98 -16.83
N LEU D 329 -33.97 -25.75 -15.55
CA LEU D 329 -33.92 -26.83 -14.57
C LEU D 329 -34.91 -27.94 -14.95
N GLU D 330 -36.12 -27.55 -15.37
CA GLU D 330 -37.06 -28.55 -15.88
C GLU D 330 -36.47 -29.28 -17.08
N ARG D 331 -35.92 -28.53 -18.03
CA ARG D 331 -35.38 -29.17 -19.23
C ARG D 331 -34.22 -30.11 -18.88
N ASP D 332 -33.44 -29.78 -17.86
CA ASP D 332 -32.36 -30.67 -17.43
C ASP D 332 -32.84 -31.79 -16.51
N GLY D 333 -34.10 -31.80 -16.12
CA GLY D 333 -34.59 -32.84 -15.23
C GLY D 333 -34.05 -32.69 -13.84
N ILE D 334 -33.83 -31.47 -13.39
CA ILE D 334 -33.36 -31.18 -12.03
C ILE D 334 -34.56 -30.96 -11.11
N PRO D 335 -34.60 -31.57 -9.93
CA PRO D 335 -35.72 -31.31 -9.02
C PRO D 335 -35.68 -29.85 -8.55
N LYS D 336 -36.85 -29.24 -8.44
CA LYS D 336 -36.92 -27.84 -8.05
C LYS D 336 -38.06 -27.67 -7.06
N ILE D 337 -37.94 -26.67 -6.19
CA ILE D 337 -39.05 -26.22 -5.36
C ILE D 337 -39.86 -25.20 -6.16
N PRO D 338 -41.18 -25.46 -6.44
CA PRO D 338 -41.97 -24.54 -7.28
C PRO D 338 -42.22 -23.16 -6.72
N LYS D 339 -43.49 -22.72 -6.81
CA LYS D 339 -43.92 -21.42 -6.31
C LYS D 339 -45.46 -21.30 -6.44
P 0G E 1 22.90 15.09 12.17
OP1 0G E 1 24.41 15.06 12.06
OP2 0G E 1 22.63 13.81 12.93
O5' 0G E 1 22.23 15.21 10.66
C5' 0G E 1 20.88 14.85 10.21
C4' 0G E 1 20.81 13.45 9.57
O4' 0G E 1 22.00 13.37 8.75
C3' 0G E 1 19.78 12.73 8.63
O3' 0G E 1 19.02 11.83 9.42
C2' 0G E 1 20.62 12.03 7.50
O2' 0G E 1 21.15 10.77 7.85
C1' 0G E 1 21.64 13.16 7.35
N9 0G E 1 22.84 13.11 6.51
C8 0G E 1 24.14 13.11 6.85
N7 0G E 1 24.90 13.17 5.74
C6 0G E 1 24.25 13.35 3.20
O6 0G E 1 25.39 13.36 2.67
C5 0G E 1 24.10 13.26 4.66
N1 0G E 1 23.14 13.42 2.45
C2 0G E 1 21.91 13.41 2.99
N2 0G E 1 20.85 13.49 2.16
N3 0G E 1 21.68 13.32 4.33
C4 0G E 1 22.73 13.25 5.18
H5' 0G E 1 20.20 14.88 11.08
H5'' 0G E 1 20.53 15.59 9.50
H4' 0G E 1 20.53 12.95 10.51
H3' 0G E 1 19.07 13.41 8.15
H2' 0G E 1 20.07 11.71 6.60
HO2' 0G E 1 21.53 10.36 7.05
H1' 0G E 1 21.13 13.92 6.75
H8 0G E 1 24.52 13.07 7.87
H1 0G E 1 23.23 13.49 1.42
H21 0G E 1 19.91 13.48 2.53
H22 0G E 1 20.99 13.55 1.17
P 0G F 1 -5.63 -28.64 -3.62
OP1 0G F 1 -4.35 -28.26 -4.33
OP2 0G F 1 -5.50 -30.13 -3.36
O5' 0G F 1 -5.77 -27.80 -2.25
C5' 0G F 1 -6.20 -26.44 -2.44
C4' 0G F 1 -5.41 -25.53 -1.53
O4' 0G F 1 -5.39 -26.27 -0.28
C3' 0G F 1 -5.84 -24.08 -1.21
O3' 0G F 1 -4.79 -23.21 -1.60
C2' 0G F 1 -6.09 -24.18 0.29
O2' 0G F 1 -4.89 -23.83 0.95
C1' 0G F 1 -6.45 -25.67 0.48
N9 0G F 1 -6.62 -26.12 1.86
C8 0G F 1 -6.27 -27.29 2.43
N7 0G F 1 -6.71 -27.31 3.72
C6 0G F 1 -8.08 -25.53 5.07
O6 0G F 1 -8.18 -26.10 6.17
C5 0G F 1 -7.37 -26.16 3.95
N1 0G F 1 -8.63 -24.31 4.85
C2 0G F 1 -8.54 -23.68 3.66
N2 0G F 1 -9.10 -22.46 3.50
N3 0G F 1 -7.90 -24.20 2.61
C4 0G F 1 -7.33 -25.40 2.71
H5' 0G F 1 -6.04 -26.15 -3.49
H5'' 0G F 1 -7.28 -26.35 -2.23
H4' 0G F 1 -4.48 -25.33 -2.07
H3' 0G F 1 -6.71 -23.67 -1.74
H2' 0G F 1 -6.87 -23.53 0.70
HO2' 0G F 1 -4.13 -24.15 0.44
H1' 0G F 1 -7.46 -25.93 0.14
H8 0G F 1 -5.73 -28.09 1.94
H1 0G F 1 -9.12 -23.85 5.63
H21 0G F 1 -9.58 -22.02 4.27
H22 0G F 1 -9.02 -21.98 2.61
S SO4 G . -14.79 -8.98 -3.83
O1 SO4 G . -14.64 -8.20 -2.61
O2 SO4 G . -14.35 -8.15 -4.94
O3 SO4 G . -13.90 -10.14 -3.70
O4 SO4 G . -16.20 -9.37 -4.04
S SO4 H . -24.31 -8.99 -10.39
O1 SO4 H . -24.08 -9.09 -8.96
O2 SO4 H . -23.46 -7.93 -10.93
O3 SO4 H . -23.98 -10.25 -11.07
O4 SO4 H . -25.69 -8.61 -10.62
P 2PO I . 17.37 9.04 5.45
O1P 2PO I . 18.57 9.96 5.23
O2P 2PO I . 17.62 8.17 6.68
O3P 2PO I . 17.08 8.22 4.22
PA M7G J . 22.08 19.33 14.68
O1A M7G J . 21.27 20.47 15.25
O2A M7G J . 22.84 18.65 15.80
O3A M7G J . 20.93 18.48 13.86
O5' M7G J . 23.16 19.99 13.69
PB M7G J . 20.99 17.11 12.99
O1B M7G J . 20.00 16.17 13.64
O2B M7G J . 20.59 17.38 11.54
O3B M7G J . 22.43 16.37 13.06
C5' M7G J . 23.09 19.69 12.30
C4' M7G J . 24.34 18.95 11.89
O4' M7G J . 25.34 19.97 11.75
C3' M7G J . 24.24 18.13 10.61
O3' M7G J . 25.00 16.92 10.60
C2' M7G J . 24.94 19.04 9.64
O2' M7G J . 25.65 18.37 8.63
C1' M7G J . 25.98 19.78 10.47
N9 M7G J . 27.33 19.24 10.84
C8 M7G J . 27.43 18.14 11.81
N7 M7G J . 28.91 18.09 11.83
CM7 M7G J . 29.44 17.03 12.71
C5 M7G J . 29.55 18.96 11.05
C6 M7G J . 30.99 19.26 10.76
O6 M7G J . 31.91 18.62 11.30
N1 M7G J . 31.23 20.27 9.90
C2 M7G J . 30.23 20.97 9.32
N2 M7G J . 30.51 21.97 8.45
N3 M7G J . 28.91 20.73 9.56
C4 M7G J . 28.51 19.76 10.40
H5'1 M7G J . 22.99 20.62 11.73
H5'2 M7G J . 22.21 19.08 12.10
H4' M7G J . 24.57 18.20 12.65
H3' M7G J . 23.20 17.83 10.43
HO3' M7G J . 24.94 16.51 9.73
H2' M7G J . 24.19 19.66 9.15
HO2' M7G J . 26.44 17.96 9.00
H1' M7G J . 26.23 20.61 9.78
H81 M7G J . 26.97 17.22 11.47
HM71 M7G J . 28.95 17.08 13.65
HM72 M7G J . 30.48 17.17 12.85
HM73 M7G J . 29.26 16.08 12.27
HN1 M7G J . 32.21 20.51 9.67
HN21 M7G J . 31.46 22.21 8.24
HN22 M7G J . 29.74 22.48 8.05
H82 M7G J . 27.00 18.39 12.78
P 2PO K . -4.09 -18.27 1.23
O1P 2PO K . -5.07 -17.59 0.28
O2P 2PO K . -3.30 -17.24 2.00
O3P 2PO K . -4.81 -19.23 2.14
PA M7G L . -7.61 -30.84 -7.21
O1A M7G L . -8.25 -30.07 -8.36
O2A M7G L . -6.85 -32.05 -7.72
O3A M7G L . -6.56 -29.94 -6.38
O5' M7G L . -8.73 -31.41 -6.19
PB M7G L . -6.75 -28.35 -6.13
O1B M7G L . -7.98 -27.75 -6.86
O2B M7G L . -5.50 -27.63 -6.58
O3B M7G L . -6.87 -28.17 -4.54
C5' M7G L . -9.17 -30.69 -5.04
C4' M7G L . -8.63 -31.32 -3.76
O4' M7G L . -9.22 -32.62 -3.71
C3' M7G L . -8.96 -30.57 -2.49
O3' M7G L . -7.99 -30.65 -1.46
C2' M7G L . -10.14 -31.34 -1.95
O2' M7G L . -10.08 -31.34 -0.53
C1' M7G L . -9.98 -32.75 -2.53
N9 M7G L . -9.24 -33.70 -1.64
C8 M7G L . -7.77 -33.66 -1.68
N7 M7G L . -7.56 -34.73 -0.68
CM7 M7G L . -6.12 -35.02 -0.40
C5 M7G L . -8.67 -35.29 -0.18
C6 M7G L . -8.94 -36.37 0.82
O6 M7G L . -8.03 -37.01 1.41
N1 M7G L . -10.23 -36.65 1.07
C2 M7G L . -11.24 -35.99 0.46
N2 M7G L . -12.52 -36.33 0.76
N3 M7G L . -11.05 -35.00 -0.46
C4 M7G L . -9.80 -34.60 -0.82
H5'1 M7G L . -10.25 -30.67 -5.01
H5'2 M7G L . -8.82 -29.64 -5.09
H4' M7G L . -7.53 -31.34 -3.80
H3' M7G L . -9.08 -29.50 -2.73
HO3' M7G L . -7.25 -30.07 -1.67
H2' M7G L . -11.11 -30.91 -2.22
HO2' M7G L . -9.25 -31.74 -0.24
H1' M7G L . -10.99 -33.15 -2.66
H81 M7G L . -7.36 -32.70 -1.36
HM71 M7G L . -5.63 -34.13 -0.12
HM72 M7G L . -6.05 -35.72 0.39
HM73 M7G L . -5.67 -35.42 -1.27
HN1 M7G L . -10.46 -37.40 1.76
HN21 M7G L . -13.28 -35.85 0.31
HN22 M7G L . -12.70 -37.06 1.43
H82 M7G L . -7.36 -33.90 -2.66
#